data_8YPJ
# 
_entry.id   8YPJ 
# 
_audit_conform.dict_name       mmcif_pdbx.dic 
_audit_conform.dict_version    5.391 
_audit_conform.dict_location   http://mmcif.pdb.org/dictionaries/ascii/mmcif_pdbx.dic 
# 
loop_
_database_2.database_id 
_database_2.database_code 
_database_2.pdbx_database_accession 
_database_2.pdbx_DOI 
PDB   8YPJ         pdb_00008ypj 10.2210/pdb8ypj/pdb 
WWPDB D_1300045824 ?            ?                   
# 
_pdbx_audit_revision_history.ordinal             1 
_pdbx_audit_revision_history.data_content_type   'Structure model' 
_pdbx_audit_revision_history.major_revision      1 
_pdbx_audit_revision_history.minor_revision      0 
_pdbx_audit_revision_history.revision_date       2024-05-15 
# 
_pdbx_audit_revision_details.ordinal             1 
_pdbx_audit_revision_details.revision_ordinal    1 
_pdbx_audit_revision_details.data_content_type   'Structure model' 
_pdbx_audit_revision_details.provider            repository 
_pdbx_audit_revision_details.type                'Initial release' 
_pdbx_audit_revision_details.description         ? 
_pdbx_audit_revision_details.details             ? 
# 
_pdbx_database_status.status_code                     REL 
_pdbx_database_status.status_code_sf                  REL 
_pdbx_database_status.status_code_mr                  ? 
_pdbx_database_status.entry_id                        8YPJ 
_pdbx_database_status.recvd_initial_deposition_date   2024-03-17 
_pdbx_database_status.SG_entry                        N 
_pdbx_database_status.deposit_site                    PDBJ 
_pdbx_database_status.process_site                    PDBJ 
_pdbx_database_status.status_code_cs                  ? 
_pdbx_database_status.status_code_nmr_data            ? 
_pdbx_database_status.methods_development_category    ? 
_pdbx_database_status.pdb_format_compatible           Y 
# 
_pdbx_contact_author.id                 2 
_pdbx_contact_author.email              kiyoung198395@gmail.com 
_pdbx_contact_author.name_first         Ki-Young 
_pdbx_contact_author.name_last          Lee 
_pdbx_contact_author.name_mi            ? 
_pdbx_contact_author.role               'principal investigator/group leader' 
_pdbx_contact_author.identifier_ORCID   0000-0002-4531-4981 
# 
_audit_author.name               'Lee, K.Y.' 
_audit_author.pdbx_ordinal       1 
_audit_author.identifier_ORCID   ? 
# 
_citation.abstract                  ? 
_citation.abstract_id_CAS           ? 
_citation.book_id_ISBN              ? 
_citation.book_publisher            ? 
_citation.book_publisher_city       ? 
_citation.book_title                ? 
_citation.coordinate_linkage        ? 
_citation.country                   US 
_citation.database_id_Medline       ? 
_citation.details                   ? 
_citation.id                        primary 
_citation.journal_abbrev            Biochem.Biophys.Res.Commun. 
_citation.journal_id_ASTM           BBRCA9 
_citation.journal_id_CSD            0146 
_citation.journal_id_ISSN           1090-2104 
_citation.journal_full              ? 
_citation.journal_issue             ? 
_citation.journal_volume            710 
_citation.language                  ? 
_citation.page_first                149898 
_citation.page_last                 149898 
_citation.title                     
'DNA binding reveals hidden interdomain allostery of a MazE antitoxin from Mycobacterium tuberculosis.' 
_citation.year                      2024 
_citation.database_id_CSD           ? 
_citation.pdbx_database_id_DOI      10.1016/j.bbrc.2024.149898 
_citation.pdbx_database_id_PubMed   38598903 
_citation.pdbx_database_id_patent   ? 
_citation.unpublished_flag          ? 
# 
loop_
_citation_author.citation_id 
_citation_author.name 
_citation_author.ordinal 
_citation_author.identifier_ORCID 
primary 'Eun, H.J.' 1 ? 
primary 'Lee, S.Y.' 2 ? 
primary 'Lee, K.Y.' 3 ? 
# 
loop_
_entity.id 
_entity.type 
_entity.src_method 
_entity.pdbx_description 
_entity.formula_weight 
_entity.pdbx_number_of_molecules 
_entity.pdbx_ec 
_entity.pdbx_mutation 
_entity.pdbx_fragment 
_entity.details 
1 polymer     man Antitoxin       8141.198 2  ? ? ? ? 
2 non-polymer syn 'PHOSPHATE ION' 94.971   1  ? ? ? ? 
3 water       nat water           18.015   44 ? ? ? ? 
# 
_entity_name_com.entity_id   1 
_entity_name_com.name        'CopG family DNA-binding protein,Ribbon-helix-helix protein,CopG family' 
# 
_entity_poly.entity_id                      1 
_entity_poly.type                           'polypeptide(L)' 
_entity_poly.nstd_linkage                   no 
_entity_poly.nstd_monomer                   no 
_entity_poly.pdbx_seq_one_letter_code       MTKEKISVTVDAAVLAAIDADARAAGLNRSEMIEQALRNEHLRVALRDYTAKTVPALDIDAYAQRVYQANRAAGS 
_entity_poly.pdbx_seq_one_letter_code_can   MTKEKISVTVDAAVLAAIDADARAAGLNRSEMIEQALRNEHLRVALRDYTAKTVPALDIDAYAQRVYQANRAAGS 
_entity_poly.pdbx_strand_id                 A,B 
_entity_poly.pdbx_target_identifier         ? 
# 
loop_
_pdbx_entity_nonpoly.entity_id 
_pdbx_entity_nonpoly.name 
_pdbx_entity_nonpoly.comp_id 
2 'PHOSPHATE ION' PO4 
3 water           HOH 
# 
loop_
_entity_poly_seq.entity_id 
_entity_poly_seq.num 
_entity_poly_seq.mon_id 
_entity_poly_seq.hetero 
1 1  MET n 
1 2  THR n 
1 3  LYS n 
1 4  GLU n 
1 5  LYS n 
1 6  ILE n 
1 7  SER n 
1 8  VAL n 
1 9  THR n 
1 10 VAL n 
1 11 ASP n 
1 12 ALA n 
1 13 ALA n 
1 14 VAL n 
1 15 LEU n 
1 16 ALA n 
1 17 ALA n 
1 18 ILE n 
1 19 ASP n 
1 20 ALA n 
1 21 ASP n 
1 22 ALA n 
1 23 ARG n 
1 24 ALA n 
1 25 ALA n 
1 26 GLY n 
1 27 LEU n 
1 28 ASN n 
1 29 ARG n 
1 30 SER n 
1 31 GLU n 
1 32 MET n 
1 33 ILE n 
1 34 GLU n 
1 35 GLN n 
1 36 ALA n 
1 37 LEU n 
1 38 ARG n 
1 39 ASN n 
1 40 GLU n 
1 41 HIS n 
1 42 LEU n 
1 43 ARG n 
1 44 VAL n 
1 45 ALA n 
1 46 LEU n 
1 47 ARG n 
1 48 ASP n 
1 49 TYR n 
1 50 THR n 
1 51 ALA n 
1 52 LYS n 
1 53 THR n 
1 54 VAL n 
1 55 PRO n 
1 56 ALA n 
1 57 LEU n 
1 58 ASP n 
1 59 ILE n 
1 60 ASP n 
1 61 ALA n 
1 62 TYR n 
1 63 ALA n 
1 64 GLN n 
1 65 ARG n 
1 66 VAL n 
1 67 TYR n 
1 68 GLN n 
1 69 ALA n 
1 70 ASN n 
1 71 ARG n 
1 72 ALA n 
1 73 ALA n 
1 74 GLY n 
1 75 SER n 
# 
_entity_src_gen.entity_id                          1 
_entity_src_gen.pdbx_src_id                        1 
_entity_src_gen.pdbx_alt_source_flag               sample 
_entity_src_gen.pdbx_seq_type                      'Biological sequence' 
_entity_src_gen.pdbx_beg_seq_num                   1 
_entity_src_gen.pdbx_end_seq_num                   75 
_entity_src_gen.gene_src_common_name               ? 
_entity_src_gen.gene_src_genus                     ? 
_entity_src_gen.pdbx_gene_src_gene                 ? 
_entity_src_gen.gene_src_species                   ? 
_entity_src_gen.gene_src_strain                    ? 
_entity_src_gen.gene_src_tissue                    ? 
_entity_src_gen.gene_src_tissue_fraction           ? 
_entity_src_gen.gene_src_details                   ? 
_entity_src_gen.pdbx_gene_src_fragment             ? 
_entity_src_gen.pdbx_gene_src_scientific_name      'Mycobacterium tuberculosis' 
_entity_src_gen.pdbx_gene_src_ncbi_taxonomy_id     1773 
_entity_src_gen.pdbx_gene_src_variant              ? 
_entity_src_gen.pdbx_gene_src_cell_line            ? 
_entity_src_gen.pdbx_gene_src_atcc                 ? 
_entity_src_gen.pdbx_gene_src_organ                ? 
_entity_src_gen.pdbx_gene_src_organelle            ? 
_entity_src_gen.pdbx_gene_src_cell                 ? 
_entity_src_gen.pdbx_gene_src_cellular_location    ? 
_entity_src_gen.host_org_common_name               ? 
_entity_src_gen.pdbx_host_org_scientific_name      'Escherichia coli' 
_entity_src_gen.pdbx_host_org_ncbi_taxonomy_id     562 
_entity_src_gen.host_org_genus                     ? 
_entity_src_gen.pdbx_host_org_gene                 ? 
_entity_src_gen.pdbx_host_org_organ                ? 
_entity_src_gen.host_org_species                   ? 
_entity_src_gen.pdbx_host_org_tissue               ? 
_entity_src_gen.pdbx_host_org_tissue_fraction      ? 
_entity_src_gen.pdbx_host_org_strain               ? 
_entity_src_gen.pdbx_host_org_variant              ? 
_entity_src_gen.pdbx_host_org_cell_line            ? 
_entity_src_gen.pdbx_host_org_atcc                 ? 
_entity_src_gen.pdbx_host_org_culture_collection   ? 
_entity_src_gen.pdbx_host_org_cell                 ? 
_entity_src_gen.pdbx_host_org_organelle            ? 
_entity_src_gen.pdbx_host_org_cellular_location    ? 
_entity_src_gen.pdbx_host_org_vector_type          ? 
_entity_src_gen.pdbx_host_org_vector               ? 
_entity_src_gen.host_org_details                   ? 
_entity_src_gen.expression_system_id               ? 
_entity_src_gen.plasmid_name                       ? 
_entity_src_gen.plasmid_details                    ? 
_entity_src_gen.pdbx_description                   ? 
# 
loop_
_chem_comp.id 
_chem_comp.type 
_chem_comp.mon_nstd_flag 
_chem_comp.name 
_chem_comp.pdbx_synonyms 
_chem_comp.formula 
_chem_comp.formula_weight 
ALA 'L-peptide linking' y ALANINE         ? 'C3 H7 N O2'     89.093  
ARG 'L-peptide linking' y ARGININE        ? 'C6 H15 N4 O2 1' 175.209 
ASN 'L-peptide linking' y ASPARAGINE      ? 'C4 H8 N2 O3'    132.118 
ASP 'L-peptide linking' y 'ASPARTIC ACID' ? 'C4 H7 N O4'     133.103 
GLN 'L-peptide linking' y GLUTAMINE       ? 'C5 H10 N2 O3'   146.144 
GLU 'L-peptide linking' y 'GLUTAMIC ACID' ? 'C5 H9 N O4'     147.129 
GLY 'peptide linking'   y GLYCINE         ? 'C2 H5 N O2'     75.067  
HIS 'L-peptide linking' y HISTIDINE       ? 'C6 H10 N3 O2 1' 156.162 
HOH non-polymer         . WATER           ? 'H2 O'           18.015  
ILE 'L-peptide linking' y ISOLEUCINE      ? 'C6 H13 N O2'    131.173 
LEU 'L-peptide linking' y LEUCINE         ? 'C6 H13 N O2'    131.173 
LYS 'L-peptide linking' y LYSINE          ? 'C6 H15 N2 O2 1' 147.195 
MET 'L-peptide linking' y METHIONINE      ? 'C5 H11 N O2 S'  149.211 
PO4 non-polymer         . 'PHOSPHATE ION' ? 'O4 P -3'        94.971  
PRO 'L-peptide linking' y PROLINE         ? 'C5 H9 N O2'     115.130 
SER 'L-peptide linking' y SERINE          ? 'C3 H7 N O3'     105.093 
THR 'L-peptide linking' y THREONINE       ? 'C4 H9 N O3'     119.119 
TYR 'L-peptide linking' y TYROSINE        ? 'C9 H11 N O3'    181.189 
VAL 'L-peptide linking' y VALINE          ? 'C5 H11 N O2'    117.146 
# 
loop_
_pdbx_poly_seq_scheme.asym_id 
_pdbx_poly_seq_scheme.entity_id 
_pdbx_poly_seq_scheme.seq_id 
_pdbx_poly_seq_scheme.mon_id 
_pdbx_poly_seq_scheme.ndb_seq_num 
_pdbx_poly_seq_scheme.pdb_seq_num 
_pdbx_poly_seq_scheme.auth_seq_num 
_pdbx_poly_seq_scheme.pdb_mon_id 
_pdbx_poly_seq_scheme.auth_mon_id 
_pdbx_poly_seq_scheme.pdb_strand_id 
_pdbx_poly_seq_scheme.pdb_ins_code 
_pdbx_poly_seq_scheme.hetero 
A 1 1  MET 1  1  ?  ?   ?   A . n 
A 1 2  THR 2  2  2  THR THR A . n 
A 1 3  LYS 3  3  3  LYS LYS A . n 
A 1 4  GLU 4  4  4  GLU GLU A . n 
A 1 5  LYS 5  5  5  LYS LYS A . n 
A 1 6  ILE 6  6  6  ILE ILE A . n 
A 1 7  SER 7  7  7  SER SER A . n 
A 1 8  VAL 8  8  8  VAL VAL A . n 
A 1 9  THR 9  9  9  THR THR A . n 
A 1 10 VAL 10 10 10 VAL VAL A . n 
A 1 11 ASP 11 11 11 ASP ASP A . n 
A 1 12 ALA 12 12 12 ALA ALA A . n 
A 1 13 ALA 13 13 13 ALA ALA A . n 
A 1 14 VAL 14 14 14 VAL VAL A . n 
A 1 15 LEU 15 15 15 LEU LEU A . n 
A 1 16 ALA 16 16 16 ALA ALA A . n 
A 1 17 ALA 17 17 17 ALA ALA A . n 
A 1 18 ILE 18 18 18 ILE ILE A . n 
A 1 19 ASP 19 19 19 ASP ASP A . n 
A 1 20 ALA 20 20 20 ALA ALA A . n 
A 1 21 ASP 21 21 21 ASP ASP A . n 
A 1 22 ALA 22 22 22 ALA ALA A . n 
A 1 23 ARG 23 23 23 ARG ARG A . n 
A 1 24 ALA 24 24 24 ALA ALA A . n 
A 1 25 ALA 25 25 25 ALA ALA A . n 
A 1 26 GLY 26 26 26 GLY GLY A . n 
A 1 27 LEU 27 27 27 LEU LEU A . n 
A 1 28 ASN 28 28 28 ASN ASN A . n 
A 1 29 ARG 29 29 29 ARG ARG A . n 
A 1 30 SER 30 30 30 SER SER A . n 
A 1 31 GLU 31 31 31 GLU GLU A . n 
A 1 32 MET 32 32 32 MET MET A . n 
A 1 33 ILE 33 33 33 ILE ILE A . n 
A 1 34 GLU 34 34 34 GLU GLU A . n 
A 1 35 GLN 35 35 35 GLN GLN A . n 
A 1 36 ALA 36 36 36 ALA ALA A . n 
A 1 37 LEU 37 37 37 LEU LEU A . n 
A 1 38 ARG 38 38 38 ARG ARG A . n 
A 1 39 ASN 39 39 39 ASN ASN A . n 
A 1 40 GLU 40 40 40 GLU GLU A . n 
A 1 41 HIS 41 41 41 HIS HIS A . n 
A 1 42 LEU 42 42 42 LEU LEU A . n 
A 1 43 ARG 43 43 43 ARG ARG A . n 
A 1 44 VAL 44 44 44 VAL VAL A . n 
A 1 45 ALA 45 45 45 ALA ALA A . n 
A 1 46 LEU 46 46 46 LEU LEU A . n 
A 1 47 ARG 47 47 47 ARG ARG A . n 
A 1 48 ASP 48 48 48 ASP ASP A . n 
A 1 49 TYR 49 49 49 TYR TYR A . n 
A 1 50 THR 50 50 50 THR THR A . n 
A 1 51 ALA 51 51 51 ALA ALA A . n 
A 1 52 LYS 52 52 ?  ?   ?   A . n 
A 1 53 THR 53 53 ?  ?   ?   A . n 
A 1 54 VAL 54 54 ?  ?   ?   A . n 
A 1 55 PRO 55 55 ?  ?   ?   A . n 
A 1 56 ALA 56 56 ?  ?   ?   A . n 
A 1 57 LEU 57 57 ?  ?   ?   A . n 
A 1 58 ASP 58 58 ?  ?   ?   A . n 
A 1 59 ILE 59 59 ?  ?   ?   A . n 
A 1 60 ASP 60 60 ?  ?   ?   A . n 
A 1 61 ALA 61 61 ?  ?   ?   A . n 
A 1 62 TYR 62 62 ?  ?   ?   A . n 
A 1 63 ALA 63 63 ?  ?   ?   A . n 
A 1 64 GLN 64 64 ?  ?   ?   A . n 
A 1 65 ARG 65 65 ?  ?   ?   A . n 
A 1 66 VAL 66 66 ?  ?   ?   A . n 
A 1 67 TYR 67 67 ?  ?   ?   A . n 
A 1 68 GLN 68 68 ?  ?   ?   A . n 
A 1 69 ALA 69 69 ?  ?   ?   A . n 
A 1 70 ASN 70 70 ?  ?   ?   A . n 
A 1 71 ARG 71 71 ?  ?   ?   A . n 
A 1 72 ALA 72 72 ?  ?   ?   A . n 
A 1 73 ALA 73 73 ?  ?   ?   A . n 
A 1 74 GLY 74 74 ?  ?   ?   A . n 
A 1 75 SER 75 75 ?  ?   ?   A . n 
B 1 1  MET 1  1  1  MET MET B . n 
B 1 2  THR 2  2  2  THR THR B . n 
B 1 3  LYS 3  3  3  LYS LYS B . n 
B 1 4  GLU 4  4  4  GLU GLU B . n 
B 1 5  LYS 5  5  5  LYS LYS B . n 
B 1 6  ILE 6  6  6  ILE ILE B . n 
B 1 7  SER 7  7  7  SER SER B . n 
B 1 8  VAL 8  8  8  VAL VAL B . n 
B 1 9  THR 9  9  9  THR THR B . n 
B 1 10 VAL 10 10 10 VAL VAL B . n 
B 1 11 ASP 11 11 11 ASP ASP B . n 
B 1 12 ALA 12 12 12 ALA ALA B . n 
B 1 13 ALA 13 13 13 ALA ALA B . n 
B 1 14 VAL 14 14 14 VAL VAL B . n 
B 1 15 LEU 15 15 15 LEU LEU B . n 
B 1 16 ALA 16 16 16 ALA ALA B . n 
B 1 17 ALA 17 17 17 ALA ALA B . n 
B 1 18 ILE 18 18 18 ILE ILE B . n 
B 1 19 ASP 19 19 19 ASP ASP B . n 
B 1 20 ALA 20 20 20 ALA ALA B . n 
B 1 21 ASP 21 21 21 ASP ASP B . n 
B 1 22 ALA 22 22 22 ALA ALA B . n 
B 1 23 ARG 23 23 23 ARG ARG B . n 
B 1 24 ALA 24 24 24 ALA ALA B . n 
B 1 25 ALA 25 25 25 ALA ALA B . n 
B 1 26 GLY 26 26 26 GLY GLY B . n 
B 1 27 LEU 27 27 27 LEU LEU B . n 
B 1 28 ASN 28 28 28 ASN ASN B . n 
B 1 29 ARG 29 29 29 ARG ARG B . n 
B 1 30 SER 30 30 30 SER SER B . n 
B 1 31 GLU 31 31 31 GLU GLU B . n 
B 1 32 MET 32 32 32 MET MET B . n 
B 1 33 ILE 33 33 33 ILE ILE B . n 
B 1 34 GLU 34 34 34 GLU GLU B . n 
B 1 35 GLN 35 35 35 GLN GLN B . n 
B 1 36 ALA 36 36 36 ALA ALA B . n 
B 1 37 LEU 37 37 37 LEU LEU B . n 
B 1 38 ARG 38 38 38 ARG ARG B . n 
B 1 39 ASN 39 39 39 ASN ASN B . n 
B 1 40 GLU 40 40 40 GLU GLU B . n 
B 1 41 HIS 41 41 41 HIS HIS B . n 
B 1 42 LEU 42 42 42 LEU LEU B . n 
B 1 43 ARG 43 43 43 ARG ARG B . n 
B 1 44 VAL 44 44 44 VAL VAL B . n 
B 1 45 ALA 45 45 45 ALA ALA B . n 
B 1 46 LEU 46 46 46 LEU LEU B . n 
B 1 47 ARG 47 47 47 ARG ARG B . n 
B 1 48 ASP 48 48 48 ASP ASP B . n 
B 1 49 TYR 49 49 49 TYR TYR B . n 
B 1 50 THR 50 50 50 THR THR B . n 
B 1 51 ALA 51 51 ?  ?   ?   B . n 
B 1 52 LYS 52 52 ?  ?   ?   B . n 
B 1 53 THR 53 53 ?  ?   ?   B . n 
B 1 54 VAL 54 54 ?  ?   ?   B . n 
B 1 55 PRO 55 55 ?  ?   ?   B . n 
B 1 56 ALA 56 56 ?  ?   ?   B . n 
B 1 57 LEU 57 57 ?  ?   ?   B . n 
B 1 58 ASP 58 58 ?  ?   ?   B . n 
B 1 59 ILE 59 59 ?  ?   ?   B . n 
B 1 60 ASP 60 60 ?  ?   ?   B . n 
B 1 61 ALA 61 61 ?  ?   ?   B . n 
B 1 62 TYR 62 62 ?  ?   ?   B . n 
B 1 63 ALA 63 63 ?  ?   ?   B . n 
B 1 64 GLN 64 64 ?  ?   ?   B . n 
B 1 65 ARG 65 65 ?  ?   ?   B . n 
B 1 66 VAL 66 66 ?  ?   ?   B . n 
B 1 67 TYR 67 67 ?  ?   ?   B . n 
B 1 68 GLN 68 68 ?  ?   ?   B . n 
B 1 69 ALA 69 69 ?  ?   ?   B . n 
B 1 70 ASN 70 70 ?  ?   ?   B . n 
B 1 71 ARG 71 71 ?  ?   ?   B . n 
B 1 72 ALA 72 72 ?  ?   ?   B . n 
B 1 73 ALA 73 73 ?  ?   ?   B . n 
B 1 74 GLY 74 74 ?  ?   ?   B . n 
B 1 75 SER 75 75 ?  ?   ?   B . n 
# 
loop_
_pdbx_nonpoly_scheme.asym_id 
_pdbx_nonpoly_scheme.entity_id 
_pdbx_nonpoly_scheme.mon_id 
_pdbx_nonpoly_scheme.ndb_seq_num 
_pdbx_nonpoly_scheme.pdb_seq_num 
_pdbx_nonpoly_scheme.auth_seq_num 
_pdbx_nonpoly_scheme.pdb_mon_id 
_pdbx_nonpoly_scheme.auth_mon_id 
_pdbx_nonpoly_scheme.pdb_strand_id 
_pdbx_nonpoly_scheme.pdb_ins_code 
C 2 PO4 1  101 1  PO4 PO4 B . 
D 3 HOH 1  101 28 HOH HOH A . 
D 3 HOH 2  102 20 HOH HOH A . 
D 3 HOH 3  103 36 HOH HOH A . 
D 3 HOH 4  104 26 HOH HOH A . 
D 3 HOH 5  105 4  HOH HOH A . 
D 3 HOH 6  106 42 HOH HOH A . 
D 3 HOH 7  107 22 HOH HOH A . 
D 3 HOH 8  108 19 HOH HOH A . 
D 3 HOH 9  109 54 HOH HOH A . 
D 3 HOH 10 110 15 HOH HOH A . 
D 3 HOH 11 111 11 HOH HOH A . 
D 3 HOH 12 112 7  HOH HOH A . 
D 3 HOH 13 113 13 HOH HOH A . 
D 3 HOH 14 114 17 HOH HOH A . 
D 3 HOH 15 115 9  HOH HOH A . 
D 3 HOH 16 116 70 HOH HOH A . 
D 3 HOH 17 117 58 HOH HOH A . 
D 3 HOH 18 118 43 HOH HOH A . 
D 3 HOH 19 119 29 HOH HOH A . 
D 3 HOH 20 120 69 HOH HOH A . 
D 3 HOH 21 121 5  HOH HOH A . 
D 3 HOH 22 122 34 HOH HOH A . 
D 3 HOH 23 123 39 HOH HOH A . 
D 3 HOH 24 124 64 HOH HOH A . 
D 3 HOH 25 125 47 HOH HOH A . 
D 3 HOH 26 126 49 HOH HOH A . 
E 3 HOH 1  201 24 HOH HOH B . 
E 3 HOH 2  202 25 HOH HOH B . 
E 3 HOH 3  203 38 HOH HOH B . 
E 3 HOH 4  204 14 HOH HOH B . 
E 3 HOH 5  205 23 HOH HOH B . 
E 3 HOH 6  206 68 HOH HOH B . 
E 3 HOH 7  207 50 HOH HOH B . 
E 3 HOH 8  208 41 HOH HOH B . 
E 3 HOH 9  209 31 HOH HOH B . 
E 3 HOH 10 210 12 HOH HOH B . 
E 3 HOH 11 211 35 HOH HOH B . 
E 3 HOH 12 212 33 HOH HOH B . 
E 3 HOH 13 213 10 HOH HOH B . 
E 3 HOH 14 214 52 HOH HOH B . 
E 3 HOH 15 215 40 HOH HOH B . 
E 3 HOH 16 216 21 HOH HOH B . 
E 3 HOH 17 217 16 HOH HOH B . 
E 3 HOH 18 218 18 HOH HOH B . 
# 
loop_
_software.citation_id 
_software.classification 
_software.compiler_name 
_software.compiler_version 
_software.contact_author 
_software.contact_author_email 
_software.date 
_software.description 
_software.dependencies 
_software.hardware 
_software.language 
_software.location 
_software.mods 
_software.name 
_software.os 
_software.os_version 
_software.type 
_software.version 
_software.pdbx_ordinal 
? refinement       ? ? ? ? ? ? ? ? ? ? ? PHENIX   ? ? ? 1.9_1692 1 
? 'data reduction' ? ? ? ? ? ? ? ? ? ? ? HKL-2000 ? ? ? 712      2 
? 'data scaling'   ? ? ? ? ? ? ? ? ? ? ? HKL-2000 ? ? ? 712      3 
? phasing          ? ? ? ? ? ? ? ? ? ? ? PHENIX   ? ? ? 1.9_1692 4 
# 
_cell.angle_alpha                  90.00 
_cell.angle_alpha_esd              ? 
_cell.angle_beta                   90.00 
_cell.angle_beta_esd               ? 
_cell.angle_gamma                  90.00 
_cell.angle_gamma_esd              ? 
_cell.entry_id                     8YPJ 
_cell.details                      ? 
_cell.formula_units_Z              ? 
_cell.length_a                     99.370 
_cell.length_a_esd                 ? 
_cell.length_b                     99.370 
_cell.length_b_esd                 ? 
_cell.length_c                     99.370 
_cell.length_c_esd                 ? 
_cell.volume                       ? 
_cell.volume_esd                   ? 
_cell.Z_PDB                        48 
_cell.reciprocal_angle_alpha       ? 
_cell.reciprocal_angle_beta        ? 
_cell.reciprocal_angle_gamma       ? 
_cell.reciprocal_angle_alpha_esd   ? 
_cell.reciprocal_angle_beta_esd    ? 
_cell.reciprocal_angle_gamma_esd   ? 
_cell.reciprocal_length_a          ? 
_cell.reciprocal_length_b          ? 
_cell.reciprocal_length_c          ? 
_cell.reciprocal_length_a_esd      ? 
_cell.reciprocal_length_b_esd      ? 
_cell.reciprocal_length_c_esd      ? 
_cell.pdbx_unique_axis             ? 
_cell.pdbx_esd_method              ? 
# 
_symmetry.entry_id                         8YPJ 
_symmetry.cell_setting                     ? 
_symmetry.Int_Tables_number                197 
_symmetry.space_group_name_Hall            ? 
_symmetry.space_group_name_H-M             'I 2 3' 
_symmetry.pdbx_full_space_group_name_H-M   ? 
# 
_exptl.absorpt_coefficient_mu     ? 
_exptl.absorpt_correction_T_max   ? 
_exptl.absorpt_correction_T_min   ? 
_exptl.absorpt_correction_type    ? 
_exptl.absorpt_process_details    ? 
_exptl.entry_id                   8YPJ 
_exptl.crystals_number            1 
_exptl.details                    ? 
_exptl.method                     'X-RAY DIFFRACTION' 
_exptl.method_details             ? 
# 
_exptl_crystal.colour                       ? 
_exptl_crystal.density_diffrn               ? 
_exptl_crystal.density_Matthews             2.51 
_exptl_crystal.density_method               ? 
_exptl_crystal.density_percent_sol          51.01 
_exptl_crystal.description                  ? 
_exptl_crystal.F_000                        ? 
_exptl_crystal.id                           1 
_exptl_crystal.preparation                  ? 
_exptl_crystal.size_max                     ? 
_exptl_crystal.size_mid                     ? 
_exptl_crystal.size_min                     ? 
_exptl_crystal.size_rad                     ? 
_exptl_crystal.colour_lustre                ? 
_exptl_crystal.colour_modifier              ? 
_exptl_crystal.colour_primary               ? 
_exptl_crystal.density_meas                 ? 
_exptl_crystal.density_meas_esd             ? 
_exptl_crystal.density_meas_gt              ? 
_exptl_crystal.density_meas_lt              ? 
_exptl_crystal.density_meas_temp            ? 
_exptl_crystal.density_meas_temp_esd        ? 
_exptl_crystal.density_meas_temp_gt         ? 
_exptl_crystal.density_meas_temp_lt         ? 
_exptl_crystal.pdbx_crystal_image_url       ? 
_exptl_crystal.pdbx_crystal_image_format    ? 
_exptl_crystal.pdbx_mosaicity               ? 
_exptl_crystal.pdbx_mosaicity_esd           ? 
_exptl_crystal.pdbx_mosaic_method           ? 
_exptl_crystal.pdbx_mosaic_block_size       ? 
_exptl_crystal.pdbx_mosaic_block_size_esd   ? 
# 
_exptl_crystal_grow.apparatus       ? 
_exptl_crystal_grow.atmosphere      ? 
_exptl_crystal_grow.crystal_id      1 
_exptl_crystal_grow.details         ? 
_exptl_crystal_grow.method          'VAPOR DIFFUSION, SITTING DROP' 
_exptl_crystal_grow.method_ref      ? 
_exptl_crystal_grow.pH              ? 
_exptl_crystal_grow.pressure        ? 
_exptl_crystal_grow.pressure_esd    ? 
_exptl_crystal_grow.seeding         ? 
_exptl_crystal_grow.seeding_ref     ? 
_exptl_crystal_grow.temp_details    ? 
_exptl_crystal_grow.temp_esd        ? 
_exptl_crystal_grow.time            ? 
_exptl_crystal_grow.pdbx_details    '0.1 M MES (pH 6), 20% (w/v) PEG 6000, 0.2 M NH4Cl' 
_exptl_crystal_grow.pdbx_pH_range   ? 
_exptl_crystal_grow.temp            293 
# 
_diffrn.ambient_environment              ? 
_diffrn.ambient_temp                     100 
_diffrn.ambient_temp_details             ? 
_diffrn.ambient_temp_esd                 ? 
_diffrn.crystal_id                       1 
_diffrn.crystal_support                  ? 
_diffrn.crystal_treatment                ? 
_diffrn.details                          ? 
_diffrn.id                               1 
_diffrn.ambient_pressure                 ? 
_diffrn.ambient_pressure_esd             ? 
_diffrn.ambient_pressure_gt              ? 
_diffrn.ambient_pressure_lt              ? 
_diffrn.ambient_temp_gt                  ? 
_diffrn.ambient_temp_lt                  ? 
_diffrn.pdbx_serial_crystal_experiment   N 
# 
_diffrn_detector.details                      ? 
_diffrn_detector.detector                     CCD 
_diffrn_detector.diffrn_id                    1 
_diffrn_detector.type                         'ADSC QUANTUM 315r' 
_diffrn_detector.area_resol_mean              ? 
_diffrn_detector.dtime                        ? 
_diffrn_detector.pdbx_frames_total            ? 
_diffrn_detector.pdbx_collection_time_total   ? 
_diffrn_detector.pdbx_collection_date         2022-10-10 
_diffrn_detector.pdbx_frequency               ? 
_diffrn_detector.id                           ? 
_diffrn_detector.number_of_axes               ? 
# 
_diffrn_radiation.collimation                      ? 
_diffrn_radiation.diffrn_id                        1 
_diffrn_radiation.filter_edge                      ? 
_diffrn_radiation.inhomogeneity                    ? 
_diffrn_radiation.monochromator                    ? 
_diffrn_radiation.polarisn_norm                    ? 
_diffrn_radiation.polarisn_ratio                   ? 
_diffrn_radiation.probe                            ? 
_diffrn_radiation.type                             ? 
_diffrn_radiation.xray_symbol                      ? 
_diffrn_radiation.wavelength_id                    1 
_diffrn_radiation.pdbx_monochromatic_or_laue_m_l   M 
_diffrn_radiation.pdbx_wavelength_list             ? 
_diffrn_radiation.pdbx_wavelength                  ? 
_diffrn_radiation.pdbx_diffrn_protocol             'SINGLE WAVELENGTH' 
_diffrn_radiation.pdbx_analyzer                    ? 
_diffrn_radiation.pdbx_scattering_type             x-ray 
# 
_diffrn_radiation_wavelength.id           1 
_diffrn_radiation_wavelength.wavelength   0.97959 
_diffrn_radiation_wavelength.wt           1.0 
# 
_diffrn_source.current                     ? 
_diffrn_source.details                     ? 
_diffrn_source.diffrn_id                   1 
_diffrn_source.power                       ? 
_diffrn_source.size                        ? 
_diffrn_source.source                      SYNCHROTRON 
_diffrn_source.target                      ? 
_diffrn_source.type                        'PAL/PLS BEAMLINE 5C (4A)' 
_diffrn_source.voltage                     ? 
_diffrn_source.take-off_angle              ? 
_diffrn_source.pdbx_wavelength_list        0.97959 
_diffrn_source.pdbx_wavelength             ? 
_diffrn_source.pdbx_synchrotron_beamline   '5C (4A)' 
_diffrn_source.pdbx_synchrotron_site       PAL/PLS 
# 
_reflns.B_iso_Wilson_estimate                          ? 
_reflns.entry_id                                       8YPJ 
_reflns.data_reduction_details                         ? 
_reflns.data_reduction_method                          ? 
_reflns.d_resolution_high                              1.91 
_reflns.d_resolution_low                               30 
_reflns.details                                        ? 
_reflns.limit_h_max                                    ? 
_reflns.limit_h_min                                    ? 
_reflns.limit_k_max                                    ? 
_reflns.limit_k_min                                    ? 
_reflns.limit_l_max                                    ? 
_reflns.limit_l_min                                    ? 
_reflns.number_all                                     ? 
_reflns.number_obs                                     12759 
_reflns.observed_criterion                             ? 
_reflns.observed_criterion_F_max                       ? 
_reflns.observed_criterion_F_min                       ? 
_reflns.observed_criterion_I_max                       ? 
_reflns.observed_criterion_I_min                       ? 
_reflns.observed_criterion_sigma_F                     ? 
_reflns.observed_criterion_sigma_I                     ? 
_reflns.percent_possible_obs                           100 
_reflns.R_free_details                                 ? 
_reflns.Rmerge_F_all                                   ? 
_reflns.Rmerge_F_obs                                   ? 
_reflns.Friedel_coverage                               ? 
_reflns.number_gt                                      ? 
_reflns.threshold_expression                           ? 
_reflns.pdbx_redundancy                                5.9 
_reflns.pdbx_netI_over_av_sigmaI                       ? 
_reflns.pdbx_netI_over_sigmaI                          21.3 
_reflns.pdbx_res_netI_over_av_sigmaI_2                 ? 
_reflns.pdbx_res_netI_over_sigmaI_2                    ? 
_reflns.pdbx_chi_squared                               ? 
_reflns.pdbx_scaling_rejects                           ? 
_reflns.pdbx_d_res_high_opt                            ? 
_reflns.pdbx_d_res_low_opt                             ? 
_reflns.pdbx_d_res_opt_method                          ? 
_reflns.phase_calculation_details                      ? 
_reflns.pdbx_Rrim_I_all                                ? 
_reflns.pdbx_Rpim_I_all                                ? 
_reflns.pdbx_d_opt                                     ? 
_reflns.pdbx_number_measured_all                       ? 
_reflns.pdbx_diffrn_id                                 1 
_reflns.pdbx_ordinal                                   1 
_reflns.pdbx_CC_half                                   ? 
_reflns.pdbx_CC_star                                   ? 
_reflns.pdbx_R_split                                   ? 
_reflns.pdbx_Rmerge_I_obs                              0.097 
_reflns.pdbx_Rmerge_I_all                              ? 
_reflns.pdbx_Rsym_value                                ? 
_reflns.pdbx_CC_split_method                           ? 
_reflns.pdbx_aniso_diffraction_limit_axis_1_ortho[1]   ? 
_reflns.pdbx_aniso_diffraction_limit_axis_1_ortho[2]   ? 
_reflns.pdbx_aniso_diffraction_limit_axis_1_ortho[3]   ? 
_reflns.pdbx_aniso_diffraction_limit_axis_2_ortho[1]   ? 
_reflns.pdbx_aniso_diffraction_limit_axis_2_ortho[2]   ? 
_reflns.pdbx_aniso_diffraction_limit_axis_2_ortho[3]   ? 
_reflns.pdbx_aniso_diffraction_limit_axis_3_ortho[1]   ? 
_reflns.pdbx_aniso_diffraction_limit_axis_3_ortho[2]   ? 
_reflns.pdbx_aniso_diffraction_limit_axis_3_ortho[3]   ? 
_reflns.pdbx_aniso_diffraction_limit_1                 ? 
_reflns.pdbx_aniso_diffraction_limit_2                 ? 
_reflns.pdbx_aniso_diffraction_limit_3                 ? 
_reflns.pdbx_aniso_B_tensor_eigenvector_1_ortho[1]     ? 
_reflns.pdbx_aniso_B_tensor_eigenvector_1_ortho[2]     ? 
_reflns.pdbx_aniso_B_tensor_eigenvector_1_ortho[3]     ? 
_reflns.pdbx_aniso_B_tensor_eigenvector_2_ortho[1]     ? 
_reflns.pdbx_aniso_B_tensor_eigenvector_2_ortho[2]     ? 
_reflns.pdbx_aniso_B_tensor_eigenvector_2_ortho[3]     ? 
_reflns.pdbx_aniso_B_tensor_eigenvector_3_ortho[1]     ? 
_reflns.pdbx_aniso_B_tensor_eigenvector_3_ortho[2]     ? 
_reflns.pdbx_aniso_B_tensor_eigenvector_3_ortho[3]     ? 
_reflns.pdbx_aniso_B_tensor_eigenvalue_1               ? 
_reflns.pdbx_aniso_B_tensor_eigenvalue_2               ? 
_reflns.pdbx_aniso_B_tensor_eigenvalue_3               ? 
_reflns.pdbx_orthogonalization_convention              ? 
_reflns.pdbx_percent_possible_ellipsoidal              ? 
_reflns.pdbx_percent_possible_spherical                ? 
_reflns.pdbx_percent_possible_ellipsoidal_anomalous    ? 
_reflns.pdbx_percent_possible_spherical_anomalous      ? 
_reflns.pdbx_redundancy_anomalous                      ? 
_reflns.pdbx_CC_half_anomalous                         ? 
_reflns.pdbx_absDiff_over_sigma_anomalous              ? 
_reflns.pdbx_percent_possible_anomalous                ? 
_reflns.pdbx_observed_signal_threshold                 ? 
_reflns.pdbx_signal_type                               ? 
_reflns.pdbx_signal_details                            ? 
_reflns.pdbx_signal_software_id                        ? 
# 
_reflns_shell.d_res_high                                    1.91 
_reflns_shell.d_res_low                                     1.94 
_reflns_shell.meanI_over_sigI_all                           ? 
_reflns_shell.meanI_over_sigI_obs                           ? 
_reflns_shell.number_measured_all                           ? 
_reflns_shell.number_measured_obs                           ? 
_reflns_shell.number_possible                               ? 
_reflns_shell.number_unique_all                             ? 
_reflns_shell.number_unique_obs                             648 
_reflns_shell.percent_possible_obs                          ? 
_reflns_shell.Rmerge_F_all                                  ? 
_reflns_shell.Rmerge_F_obs                                  ? 
_reflns_shell.meanI_over_sigI_gt                            ? 
_reflns_shell.meanI_over_uI_all                             ? 
_reflns_shell.meanI_over_uI_gt                              ? 
_reflns_shell.number_measured_gt                            ? 
_reflns_shell.number_unique_gt                              ? 
_reflns_shell.percent_possible_gt                           ? 
_reflns_shell.Rmerge_F_gt                                   ? 
_reflns_shell.Rmerge_I_gt                                   ? 
_reflns_shell.pdbx_redundancy                               ? 
_reflns_shell.pdbx_chi_squared                              ? 
_reflns_shell.pdbx_netI_over_sigmaI_all                     ? 
_reflns_shell.pdbx_netI_over_sigmaI_obs                     ? 
_reflns_shell.pdbx_Rrim_I_all                               ? 
_reflns_shell.pdbx_Rpim_I_all                               ? 
_reflns_shell.pdbx_rejects                                  ? 
_reflns_shell.pdbx_ordinal                                  1 
_reflns_shell.pdbx_diffrn_id                                1 
_reflns_shell.pdbx_CC_half                                  ? 
_reflns_shell.pdbx_CC_star                                  ? 
_reflns_shell.pdbx_R_split                                  ? 
_reflns_shell.percent_possible_all                          ? 
_reflns_shell.Rmerge_I_all                                  ? 
_reflns_shell.Rmerge_I_obs                                  0.097 
_reflns_shell.pdbx_Rsym_value                               ? 
_reflns_shell.pdbx_percent_possible_ellipsoidal             ? 
_reflns_shell.pdbx_percent_possible_spherical               ? 
_reflns_shell.pdbx_percent_possible_ellipsoidal_anomalous   ? 
_reflns_shell.pdbx_percent_possible_spherical_anomalous     ? 
_reflns_shell.pdbx_redundancy_anomalous                     ? 
_reflns_shell.pdbx_CC_half_anomalous                        ? 
_reflns_shell.pdbx_absDiff_over_sigma_anomalous             ? 
_reflns_shell.pdbx_percent_possible_anomalous               ? 
# 
_refine.aniso_B[1][1]                            ? 
_refine.aniso_B[1][2]                            ? 
_refine.aniso_B[1][3]                            ? 
_refine.aniso_B[2][2]                            ? 
_refine.aniso_B[2][3]                            ? 
_refine.aniso_B[3][3]                            ? 
_refine.B_iso_max                                ? 
_refine.B_iso_mean                               ? 
_refine.B_iso_min                                ? 
_refine.correlation_coeff_Fo_to_Fc               ? 
_refine.correlation_coeff_Fo_to_Fc_free          ? 
_refine.details                                  ? 
_refine.diff_density_max                         ? 
_refine.diff_density_max_esd                     ? 
_refine.diff_density_min                         ? 
_refine.diff_density_min_esd                     ? 
_refine.diff_density_rms                         ? 
_refine.diff_density_rms_esd                     ? 
_refine.entry_id                                 8YPJ 
_refine.pdbx_refine_id                           'X-RAY DIFFRACTION' 
_refine.ls_abs_structure_details                 ? 
_refine.ls_abs_structure_Flack                   ? 
_refine.ls_abs_structure_Flack_esd               ? 
_refine.ls_abs_structure_Rogers                  ? 
_refine.ls_abs_structure_Rogers_esd              ? 
_refine.ls_d_res_high                            1.91 
_refine.ls_d_res_low                             30 
_refine.ls_extinction_coef                       ? 
_refine.ls_extinction_coef_esd                   ? 
_refine.ls_extinction_expression                 ? 
_refine.ls_extinction_method                     ? 
_refine.ls_goodness_of_fit_all                   ? 
_refine.ls_goodness_of_fit_all_esd               ? 
_refine.ls_goodness_of_fit_obs                   ? 
_refine.ls_goodness_of_fit_obs_esd               ? 
_refine.ls_hydrogen_treatment                    ? 
_refine.ls_matrix_type                           ? 
_refine.ls_number_constraints                    ? 
_refine.ls_number_parameters                     ? 
_refine.ls_number_reflns_all                     ? 
_refine.ls_number_reflns_obs                     12759 
_refine.ls_number_reflns_R_free                  630 
_refine.ls_number_reflns_R_work                  ? 
_refine.ls_number_restraints                     ? 
_refine.ls_percent_reflns_obs                    100.00 
_refine.ls_percent_reflns_R_free                 4.87 
_refine.ls_R_factor_all                          ? 
_refine.ls_R_factor_obs                          0.2022 
_refine.ls_R_factor_R_free                       0.2409 
_refine.ls_R_factor_R_free_error                 ? 
_refine.ls_R_factor_R_free_error_details         ? 
_refine.ls_R_factor_R_work                       0.2002 
_refine.ls_R_Fsqd_factor_obs                     ? 
_refine.ls_R_I_factor_obs                        ? 
_refine.ls_redundancy_reflns_all                 ? 
_refine.ls_redundancy_reflns_obs                 ? 
_refine.ls_restrained_S_all                      ? 
_refine.ls_restrained_S_obs                      ? 
_refine.ls_shift_over_esd_max                    ? 
_refine.ls_shift_over_esd_mean                   ? 
_refine.ls_structure_factor_coef                 ? 
_refine.ls_weighting_details                     ? 
_refine.ls_weighting_scheme                      ? 
_refine.ls_wR_factor_all                         ? 
_refine.ls_wR_factor_obs                         ? 
_refine.ls_wR_factor_R_free                      ? 
_refine.ls_wR_factor_R_work                      ? 
_refine.occupancy_max                            ? 
_refine.occupancy_min                            ? 
_refine.solvent_model_details                    'FLAT BULK SOLVENT MODEL' 
_refine.solvent_model_param_bsol                 ? 
_refine.solvent_model_param_ksol                 ? 
_refine.pdbx_R_complete                          ? 
_refine.ls_R_factor_gt                           ? 
_refine.ls_goodness_of_fit_gt                    ? 
_refine.ls_goodness_of_fit_ref                   ? 
_refine.ls_shift_over_su_max                     ? 
_refine.ls_shift_over_su_max_lt                  ? 
_refine.ls_shift_over_su_mean                    ? 
_refine.ls_shift_over_su_mean_lt                 ? 
_refine.pdbx_ls_sigma_I                          ? 
_refine.pdbx_ls_sigma_F                          1.35 
_refine.pdbx_ls_sigma_Fsqd                       ? 
_refine.pdbx_data_cutoff_high_absF               ? 
_refine.pdbx_data_cutoff_high_rms_absF           ? 
_refine.pdbx_data_cutoff_low_absF                ? 
_refine.pdbx_isotropic_thermal_model             ? 
_refine.pdbx_ls_cross_valid_method               'FREE R-VALUE' 
_refine.pdbx_method_to_determine_struct          SAD 
_refine.pdbx_starting_model                      ? 
_refine.pdbx_stereochemistry_target_values       ML 
_refine.pdbx_R_Free_selection_details            ? 
_refine.pdbx_stereochem_target_val_spec_case     ? 
_refine.pdbx_overall_ESU_R                       ? 
_refine.pdbx_overall_ESU_R_Free                  ? 
_refine.pdbx_solvent_vdw_probe_radii             1.11 
_refine.pdbx_solvent_ion_probe_radii             ? 
_refine.pdbx_solvent_shrinkage_radii             0.90 
_refine.pdbx_real_space_R                        ? 
_refine.pdbx_density_correlation                 ? 
_refine.pdbx_pd_number_of_powder_patterns        ? 
_refine.pdbx_pd_number_of_points                 ? 
_refine.pdbx_pd_meas_number_of_points            ? 
_refine.pdbx_pd_proc_ls_prof_R_factor            ? 
_refine.pdbx_pd_proc_ls_prof_wR_factor           ? 
_refine.pdbx_pd_Marquardt_correlation_coeff      ? 
_refine.pdbx_pd_Fsqrd_R_factor                   ? 
_refine.pdbx_pd_ls_matrix_band_width             ? 
_refine.pdbx_overall_phase_error                 24.51 
_refine.pdbx_overall_SU_R_free_Cruickshank_DPI   ? 
_refine.pdbx_overall_SU_R_free_Blow_DPI          ? 
_refine.pdbx_overall_SU_R_Blow_DPI               ? 
_refine.pdbx_TLS_residual_ADP_flag               ? 
_refine.pdbx_diffrn_id                           1 
_refine.overall_SU_B                             ? 
_refine.overall_SU_ML                            0.23 
_refine.overall_SU_R_Cruickshank_DPI             ? 
_refine.overall_SU_R_free                        ? 
_refine.overall_FOM_free_R_set                   ? 
_refine.overall_FOM_work_R_set                   ? 
_refine.pdbx_average_fsc_overall                 ? 
_refine.pdbx_average_fsc_work                    ? 
_refine.pdbx_average_fsc_free                    ? 
# 
_refine_hist.pdbx_refine_id                   'X-RAY DIFFRACTION' 
_refine_hist.cycle_id                         LAST 
_refine_hist.pdbx_number_atoms_protein        763 
_refine_hist.pdbx_number_atoms_nucleic_acid   0 
_refine_hist.pdbx_number_atoms_ligand         5 
_refine_hist.number_atoms_solvent             44 
_refine_hist.number_atoms_total               812 
_refine_hist.d_res_high                       1.91 
_refine_hist.d_res_low                        30 
# 
loop_
_refine_ls_restr.pdbx_refine_id 
_refine_ls_restr.criterion 
_refine_ls_restr.dev_ideal 
_refine_ls_restr.dev_ideal_target 
_refine_ls_restr.number 
_refine_ls_restr.rejects 
_refine_ls_restr.type 
_refine_ls_restr.weight 
_refine_ls_restr.pdbx_restraint_function 
'X-RAY DIFFRACTION' ? 0.007  ? 769  ? f_bond_d           ? ? 
'X-RAY DIFFRACTION' ? 0.880  ? 1037 ? f_angle_d          ? ? 
'X-RAY DIFFRACTION' ? 12.724 ? 287  ? f_dihedral_angle_d ? ? 
'X-RAY DIFFRACTION' ? 0.037  ? 128  ? f_chiral_restr     ? ? 
'X-RAY DIFFRACTION' ? 0.003  ? 134  ? f_plane_restr      ? ? 
# 
loop_
_refine_ls_shell.pdbx_refine_id 
_refine_ls_shell.d_res_high 
_refine_ls_shell.d_res_low 
_refine_ls_shell.number_reflns_all 
_refine_ls_shell.number_reflns_obs 
_refine_ls_shell.number_reflns_R_free 
_refine_ls_shell.number_reflns_R_work 
_refine_ls_shell.percent_reflns_obs 
_refine_ls_shell.percent_reflns_R_free 
_refine_ls_shell.R_factor_all 
_refine_ls_shell.R_factor_obs 
_refine_ls_shell.R_factor_R_free_error 
_refine_ls_shell.R_factor_R_work 
_refine_ls_shell.redundancy_reflns_all 
_refine_ls_shell.redundancy_reflns_obs 
_refine_ls_shell.wR_factor_all 
_refine_ls_shell.wR_factor_obs 
_refine_ls_shell.wR_factor_R_free 
_refine_ls_shell.wR_factor_R_work 
_refine_ls_shell.pdbx_R_complete 
_refine_ls_shell.pdbx_total_number_of_bins_used 
_refine_ls_shell.pdbx_phase_error 
_refine_ls_shell.pdbx_fsc_work 
_refine_ls_shell.pdbx_fsc_free 
_refine_ls_shell.R_factor_R_free 
'X-RAY DIFFRACTION' 1.91 2.10 . . 147 3050 100.00 . . . . 0.2421 . . . . . . . . . . . 0.2734 
'X-RAY DIFFRACTION' 2.10 2.40 . . 170 3033 100.00 . . . . 0.1951 . . . . . . . . . . . 0.2493 
'X-RAY DIFFRACTION' 2.40 3.02 . . 160 3058 100.00 . . . . 0.1980 . . . . . . . . . . . 0.2431 
# 
_struct.entry_id                     8YPJ 
_struct.title                        'Cyrstal structure of the MazE-mt10 Antitoxin from Mycobacterium tuberculosis' 
_struct.pdbx_model_details           ? 
_struct.pdbx_formula_weight          ? 
_struct.pdbx_formula_weight_method   ? 
_struct.pdbx_model_type_details      ? 
_struct.pdbx_CASP_flag               N 
# 
_struct_keywords.entry_id        8YPJ 
_struct_keywords.text            'Antitoxin, MazE, Mycobacterium tuberculosis, DNA binding, SIGNALING PROTEIN' 
_struct_keywords.pdbx_keywords   'SIGNALING PROTEIN' 
# 
loop_
_struct_asym.id 
_struct_asym.pdbx_blank_PDB_chainid_flag 
_struct_asym.pdbx_modified 
_struct_asym.entity_id 
_struct_asym.details 
A N N 1 ? 
B N N 1 ? 
C N N 2 ? 
D N N 3 ? 
E N N 3 ? 
# 
_struct_ref.id                         1 
_struct_ref.db_name                    UNP 
_struct_ref.db_code                    A0A045H4M5_MYCTX 
_struct_ref.pdbx_db_accession          A0A045H4M5 
_struct_ref.pdbx_db_isoform            ? 
_struct_ref.entity_id                  1 
_struct_ref.pdbx_seq_one_letter_code   MTKEKISVTVDAAVLAAIDADARAAGLNRSEMIEQALRNEHLRVALRDYTAKTVPALDIDAYAQRVYQANRAAGS 
_struct_ref.pdbx_align_begin           1 
# 
loop_
_struct_ref_seq.align_id 
_struct_ref_seq.ref_id 
_struct_ref_seq.pdbx_PDB_id_code 
_struct_ref_seq.pdbx_strand_id 
_struct_ref_seq.seq_align_beg 
_struct_ref_seq.pdbx_seq_align_beg_ins_code 
_struct_ref_seq.seq_align_end 
_struct_ref_seq.pdbx_seq_align_end_ins_code 
_struct_ref_seq.pdbx_db_accession 
_struct_ref_seq.db_align_beg 
_struct_ref_seq.pdbx_db_align_beg_ins_code 
_struct_ref_seq.db_align_end 
_struct_ref_seq.pdbx_db_align_end_ins_code 
_struct_ref_seq.pdbx_auth_seq_align_beg 
_struct_ref_seq.pdbx_auth_seq_align_end 
1 1 8YPJ A 1 ? 75 ? A0A045H4M5 1 ? 75 ? 1 75 
2 1 8YPJ B 1 ? 75 ? A0A045H4M5 1 ? 75 ? 1 75 
# 
_pdbx_struct_assembly.id                   1 
_pdbx_struct_assembly.details              author_and_software_defined_assembly 
_pdbx_struct_assembly.method_details       PISA 
_pdbx_struct_assembly.oligomeric_details   dimeric 
_pdbx_struct_assembly.oligomeric_count     2 
# 
loop_
_pdbx_struct_assembly_prop.biol_id 
_pdbx_struct_assembly_prop.type 
_pdbx_struct_assembly_prop.value 
_pdbx_struct_assembly_prop.details 
1 'ABSA (A^2)' 3590 ? 
1 MORE         -27  ? 
1 'SSA (A^2)'  6270 ? 
# 
_pdbx_struct_assembly_gen.assembly_id       1 
_pdbx_struct_assembly_gen.oper_expression   1 
_pdbx_struct_assembly_gen.asym_id_list      A,B,C,D,E 
# 
_pdbx_struct_assembly_auth_evidence.id                     1 
_pdbx_struct_assembly_auth_evidence.assembly_id            1 
_pdbx_struct_assembly_auth_evidence.experimental_support   'NMR relaxation study' 
_pdbx_struct_assembly_auth_evidence.details                ? 
# 
_pdbx_struct_oper_list.id                   1 
_pdbx_struct_oper_list.type                 'identity operation' 
_pdbx_struct_oper_list.name                 1_555 
_pdbx_struct_oper_list.symmetry_operation   x,y,z 
_pdbx_struct_oper_list.matrix[1][1]         1.0000000000 
_pdbx_struct_oper_list.matrix[1][2]         0.0000000000 
_pdbx_struct_oper_list.matrix[1][3]         0.0000000000 
_pdbx_struct_oper_list.vector[1]            0.0000000000 
_pdbx_struct_oper_list.matrix[2][1]         0.0000000000 
_pdbx_struct_oper_list.matrix[2][2]         1.0000000000 
_pdbx_struct_oper_list.matrix[2][3]         0.0000000000 
_pdbx_struct_oper_list.vector[2]            0.0000000000 
_pdbx_struct_oper_list.matrix[3][1]         0.0000000000 
_pdbx_struct_oper_list.matrix[3][2]         0.0000000000 
_pdbx_struct_oper_list.matrix[3][3]         1.0000000000 
_pdbx_struct_oper_list.vector[3]            0.0000000000 
# 
loop_
_struct_conf.conf_type_id 
_struct_conf.id 
_struct_conf.pdbx_PDB_helix_id 
_struct_conf.beg_label_comp_id 
_struct_conf.beg_label_asym_id 
_struct_conf.beg_label_seq_id 
_struct_conf.pdbx_beg_PDB_ins_code 
_struct_conf.end_label_comp_id 
_struct_conf.end_label_asym_id 
_struct_conf.end_label_seq_id 
_struct_conf.pdbx_end_PDB_ins_code 
_struct_conf.beg_auth_comp_id 
_struct_conf.beg_auth_asym_id 
_struct_conf.beg_auth_seq_id 
_struct_conf.end_auth_comp_id 
_struct_conf.end_auth_asym_id 
_struct_conf.end_auth_seq_id 
_struct_conf.pdbx_PDB_helix_class 
_struct_conf.details 
_struct_conf.pdbx_PDB_helix_length 
HELX_P HELX_P1 AA1 ALA A 12 ? GLY A 26 ? ALA A 12 GLY A 26 1 ? 15 
HELX_P HELX_P2 AA2 ASN A 28 ? VAL A 44 ? ASN A 28 VAL A 44 1 ? 17 
HELX_P HELX_P3 AA3 ALA B 12 ? GLY B 26 ? ALA B 12 GLY B 26 1 ? 15 
HELX_P HELX_P4 AA4 ASN B 28 ? THR B 50 ? ASN B 28 THR B 50 1 ? 23 
# 
_struct_conf_type.id          HELX_P 
_struct_conf_type.criteria    ? 
_struct_conf_type.reference   ? 
# 
_struct_sheet.id               AA1 
_struct_sheet.type             ? 
_struct_sheet.number_strands   2 
_struct_sheet.details          ? 
# 
_struct_sheet_order.sheet_id     AA1 
_struct_sheet_order.range_id_1   1 
_struct_sheet_order.range_id_2   2 
_struct_sheet_order.offset       ? 
_struct_sheet_order.sense        anti-parallel 
# 
loop_
_struct_sheet_range.sheet_id 
_struct_sheet_range.id 
_struct_sheet_range.beg_label_comp_id 
_struct_sheet_range.beg_label_asym_id 
_struct_sheet_range.beg_label_seq_id 
_struct_sheet_range.pdbx_beg_PDB_ins_code 
_struct_sheet_range.end_label_comp_id 
_struct_sheet_range.end_label_asym_id 
_struct_sheet_range.end_label_seq_id 
_struct_sheet_range.pdbx_end_PDB_ins_code 
_struct_sheet_range.beg_auth_comp_id 
_struct_sheet_range.beg_auth_asym_id 
_struct_sheet_range.beg_auth_seq_id 
_struct_sheet_range.end_auth_comp_id 
_struct_sheet_range.end_auth_asym_id 
_struct_sheet_range.end_auth_seq_id 
AA1 1 LYS A 3 ? ASP A 11 ? LYS A 3 ASP A 11 
AA1 2 LYS B 3 ? ASP B 11 ? LYS B 3 ASP B 11 
# 
_pdbx_struct_sheet_hbond.sheet_id                AA1 
_pdbx_struct_sheet_hbond.range_id_1              1 
_pdbx_struct_sheet_hbond.range_id_2              2 
_pdbx_struct_sheet_hbond.range_1_label_atom_id   N 
_pdbx_struct_sheet_hbond.range_1_label_comp_id   VAL 
_pdbx_struct_sheet_hbond.range_1_label_asym_id   A 
_pdbx_struct_sheet_hbond.range_1_label_seq_id    10 
_pdbx_struct_sheet_hbond.range_1_PDB_ins_code    ? 
_pdbx_struct_sheet_hbond.range_1_auth_atom_id    N 
_pdbx_struct_sheet_hbond.range_1_auth_comp_id    VAL 
_pdbx_struct_sheet_hbond.range_1_auth_asym_id    A 
_pdbx_struct_sheet_hbond.range_1_auth_seq_id     10 
_pdbx_struct_sheet_hbond.range_2_label_atom_id   O 
_pdbx_struct_sheet_hbond.range_2_label_comp_id   GLU 
_pdbx_struct_sheet_hbond.range_2_label_asym_id   B 
_pdbx_struct_sheet_hbond.range_2_label_seq_id    4 
_pdbx_struct_sheet_hbond.range_2_PDB_ins_code    ? 
_pdbx_struct_sheet_hbond.range_2_auth_atom_id    O 
_pdbx_struct_sheet_hbond.range_2_auth_comp_id    GLU 
_pdbx_struct_sheet_hbond.range_2_auth_asym_id    B 
_pdbx_struct_sheet_hbond.range_2_auth_seq_id     4 
# 
_pdbx_entry_details.entry_id                 8YPJ 
_pdbx_entry_details.has_ligand_of_interest   Y 
_pdbx_entry_details.compound_details         ? 
_pdbx_entry_details.source_details           ? 
_pdbx_entry_details.nonpolymer_details       ? 
_pdbx_entry_details.sequence_details         ? 
# 
loop_
_pdbx_unobs_or_zero_occ_residues.id 
_pdbx_unobs_or_zero_occ_residues.PDB_model_num 
_pdbx_unobs_or_zero_occ_residues.polymer_flag 
_pdbx_unobs_or_zero_occ_residues.occupancy_flag 
_pdbx_unobs_or_zero_occ_residues.auth_asym_id 
_pdbx_unobs_or_zero_occ_residues.auth_comp_id 
_pdbx_unobs_or_zero_occ_residues.auth_seq_id 
_pdbx_unobs_or_zero_occ_residues.PDB_ins_code 
_pdbx_unobs_or_zero_occ_residues.label_asym_id 
_pdbx_unobs_or_zero_occ_residues.label_comp_id 
_pdbx_unobs_or_zero_occ_residues.label_seq_id 
1  1 Y 1 A MET 1  ? A MET 1  
2  1 Y 1 A LYS 52 ? A LYS 52 
3  1 Y 1 A THR 53 ? A THR 53 
4  1 Y 1 A VAL 54 ? A VAL 54 
5  1 Y 1 A PRO 55 ? A PRO 55 
6  1 Y 1 A ALA 56 ? A ALA 56 
7  1 Y 1 A LEU 57 ? A LEU 57 
8  1 Y 1 A ASP 58 ? A ASP 58 
9  1 Y 1 A ILE 59 ? A ILE 59 
10 1 Y 1 A ASP 60 ? A ASP 60 
11 1 Y 1 A ALA 61 ? A ALA 61 
12 1 Y 1 A TYR 62 ? A TYR 62 
13 1 Y 1 A ALA 63 ? A ALA 63 
14 1 Y 1 A GLN 64 ? A GLN 64 
15 1 Y 1 A ARG 65 ? A ARG 65 
16 1 Y 1 A VAL 66 ? A VAL 66 
17 1 Y 1 A TYR 67 ? A TYR 67 
18 1 Y 1 A GLN 68 ? A GLN 68 
19 1 Y 1 A ALA 69 ? A ALA 69 
20 1 Y 1 A ASN 70 ? A ASN 70 
21 1 Y 1 A ARG 71 ? A ARG 71 
22 1 Y 1 A ALA 72 ? A ALA 72 
23 1 Y 1 A ALA 73 ? A ALA 73 
24 1 Y 1 A GLY 74 ? A GLY 74 
25 1 Y 1 A SER 75 ? A SER 75 
26 1 Y 1 B ALA 51 ? B ALA 51 
27 1 Y 1 B LYS 52 ? B LYS 52 
28 1 Y 1 B THR 53 ? B THR 53 
29 1 Y 1 B VAL 54 ? B VAL 54 
30 1 Y 1 B PRO 55 ? B PRO 55 
31 1 Y 1 B ALA 56 ? B ALA 56 
32 1 Y 1 B LEU 57 ? B LEU 57 
33 1 Y 1 B ASP 58 ? B ASP 58 
34 1 Y 1 B ILE 59 ? B ILE 59 
35 1 Y 1 B ASP 60 ? B ASP 60 
36 1 Y 1 B ALA 61 ? B ALA 61 
37 1 Y 1 B TYR 62 ? B TYR 62 
38 1 Y 1 B ALA 63 ? B ALA 63 
39 1 Y 1 B GLN 64 ? B GLN 64 
40 1 Y 1 B ARG 65 ? B ARG 65 
41 1 Y 1 B VAL 66 ? B VAL 66 
42 1 Y 1 B TYR 67 ? B TYR 67 
43 1 Y 1 B GLN 68 ? B GLN 68 
44 1 Y 1 B ALA 69 ? B ALA 69 
45 1 Y 1 B ASN 70 ? B ASN 70 
46 1 Y 1 B ARG 71 ? B ARG 71 
47 1 Y 1 B ALA 72 ? B ALA 72 
48 1 Y 1 B ALA 73 ? B ALA 73 
49 1 Y 1 B GLY 74 ? B GLY 74 
50 1 Y 1 B SER 75 ? B SER 75 
# 
loop_
_chem_comp_atom.comp_id 
_chem_comp_atom.atom_id 
_chem_comp_atom.type_symbol 
_chem_comp_atom.pdbx_aromatic_flag 
_chem_comp_atom.pdbx_stereo_config 
_chem_comp_atom.pdbx_ordinal 
ALA N    N N N 1   
ALA CA   C N S 2   
ALA C    C N N 3   
ALA O    O N N 4   
ALA CB   C N N 5   
ALA OXT  O N N 6   
ALA H    H N N 7   
ALA H2   H N N 8   
ALA HA   H N N 9   
ALA HB1  H N N 10  
ALA HB2  H N N 11  
ALA HB3  H N N 12  
ALA HXT  H N N 13  
ARG N    N N N 14  
ARG CA   C N S 15  
ARG C    C N N 16  
ARG O    O N N 17  
ARG CB   C N N 18  
ARG CG   C N N 19  
ARG CD   C N N 20  
ARG NE   N N N 21  
ARG CZ   C N N 22  
ARG NH1  N N N 23  
ARG NH2  N N N 24  
ARG OXT  O N N 25  
ARG H    H N N 26  
ARG H2   H N N 27  
ARG HA   H N N 28  
ARG HB2  H N N 29  
ARG HB3  H N N 30  
ARG HG2  H N N 31  
ARG HG3  H N N 32  
ARG HD2  H N N 33  
ARG HD3  H N N 34  
ARG HE   H N N 35  
ARG HH11 H N N 36  
ARG HH12 H N N 37  
ARG HH21 H N N 38  
ARG HH22 H N N 39  
ARG HXT  H N N 40  
ASN N    N N N 41  
ASN CA   C N S 42  
ASN C    C N N 43  
ASN O    O N N 44  
ASN CB   C N N 45  
ASN CG   C N N 46  
ASN OD1  O N N 47  
ASN ND2  N N N 48  
ASN OXT  O N N 49  
ASN H    H N N 50  
ASN H2   H N N 51  
ASN HA   H N N 52  
ASN HB2  H N N 53  
ASN HB3  H N N 54  
ASN HD21 H N N 55  
ASN HD22 H N N 56  
ASN HXT  H N N 57  
ASP N    N N N 58  
ASP CA   C N S 59  
ASP C    C N N 60  
ASP O    O N N 61  
ASP CB   C N N 62  
ASP CG   C N N 63  
ASP OD1  O N N 64  
ASP OD2  O N N 65  
ASP OXT  O N N 66  
ASP H    H N N 67  
ASP H2   H N N 68  
ASP HA   H N N 69  
ASP HB2  H N N 70  
ASP HB3  H N N 71  
ASP HD2  H N N 72  
ASP HXT  H N N 73  
GLN N    N N N 74  
GLN CA   C N S 75  
GLN C    C N N 76  
GLN O    O N N 77  
GLN CB   C N N 78  
GLN CG   C N N 79  
GLN CD   C N N 80  
GLN OE1  O N N 81  
GLN NE2  N N N 82  
GLN OXT  O N N 83  
GLN H    H N N 84  
GLN H2   H N N 85  
GLN HA   H N N 86  
GLN HB2  H N N 87  
GLN HB3  H N N 88  
GLN HG2  H N N 89  
GLN HG3  H N N 90  
GLN HE21 H N N 91  
GLN HE22 H N N 92  
GLN HXT  H N N 93  
GLU N    N N N 94  
GLU CA   C N S 95  
GLU C    C N N 96  
GLU O    O N N 97  
GLU CB   C N N 98  
GLU CG   C N N 99  
GLU CD   C N N 100 
GLU OE1  O N N 101 
GLU OE2  O N N 102 
GLU OXT  O N N 103 
GLU H    H N N 104 
GLU H2   H N N 105 
GLU HA   H N N 106 
GLU HB2  H N N 107 
GLU HB3  H N N 108 
GLU HG2  H N N 109 
GLU HG3  H N N 110 
GLU HE2  H N N 111 
GLU HXT  H N N 112 
GLY N    N N N 113 
GLY CA   C N N 114 
GLY C    C N N 115 
GLY O    O N N 116 
GLY OXT  O N N 117 
GLY H    H N N 118 
GLY H2   H N N 119 
GLY HA2  H N N 120 
GLY HA3  H N N 121 
GLY HXT  H N N 122 
HIS N    N N N 123 
HIS CA   C N S 124 
HIS C    C N N 125 
HIS O    O N N 126 
HIS CB   C N N 127 
HIS CG   C Y N 128 
HIS ND1  N Y N 129 
HIS CD2  C Y N 130 
HIS CE1  C Y N 131 
HIS NE2  N Y N 132 
HIS OXT  O N N 133 
HIS H    H N N 134 
HIS H2   H N N 135 
HIS HA   H N N 136 
HIS HB2  H N N 137 
HIS HB3  H N N 138 
HIS HD1  H N N 139 
HIS HD2  H N N 140 
HIS HE1  H N N 141 
HIS HE2  H N N 142 
HIS HXT  H N N 143 
HOH O    O N N 144 
HOH H1   H N N 145 
HOH H2   H N N 146 
ILE N    N N N 147 
ILE CA   C N S 148 
ILE C    C N N 149 
ILE O    O N N 150 
ILE CB   C N S 151 
ILE CG1  C N N 152 
ILE CG2  C N N 153 
ILE CD1  C N N 154 
ILE OXT  O N N 155 
ILE H    H N N 156 
ILE H2   H N N 157 
ILE HA   H N N 158 
ILE HB   H N N 159 
ILE HG12 H N N 160 
ILE HG13 H N N 161 
ILE HG21 H N N 162 
ILE HG22 H N N 163 
ILE HG23 H N N 164 
ILE HD11 H N N 165 
ILE HD12 H N N 166 
ILE HD13 H N N 167 
ILE HXT  H N N 168 
LEU N    N N N 169 
LEU CA   C N S 170 
LEU C    C N N 171 
LEU O    O N N 172 
LEU CB   C N N 173 
LEU CG   C N N 174 
LEU CD1  C N N 175 
LEU CD2  C N N 176 
LEU OXT  O N N 177 
LEU H    H N N 178 
LEU H2   H N N 179 
LEU HA   H N N 180 
LEU HB2  H N N 181 
LEU HB3  H N N 182 
LEU HG   H N N 183 
LEU HD11 H N N 184 
LEU HD12 H N N 185 
LEU HD13 H N N 186 
LEU HD21 H N N 187 
LEU HD22 H N N 188 
LEU HD23 H N N 189 
LEU HXT  H N N 190 
LYS N    N N N 191 
LYS CA   C N S 192 
LYS C    C N N 193 
LYS O    O N N 194 
LYS CB   C N N 195 
LYS CG   C N N 196 
LYS CD   C N N 197 
LYS CE   C N N 198 
LYS NZ   N N N 199 
LYS OXT  O N N 200 
LYS H    H N N 201 
LYS H2   H N N 202 
LYS HA   H N N 203 
LYS HB2  H N N 204 
LYS HB3  H N N 205 
LYS HG2  H N N 206 
LYS HG3  H N N 207 
LYS HD2  H N N 208 
LYS HD3  H N N 209 
LYS HE2  H N N 210 
LYS HE3  H N N 211 
LYS HZ1  H N N 212 
LYS HZ2  H N N 213 
LYS HZ3  H N N 214 
LYS HXT  H N N 215 
MET N    N N N 216 
MET CA   C N S 217 
MET C    C N N 218 
MET O    O N N 219 
MET CB   C N N 220 
MET CG   C N N 221 
MET SD   S N N 222 
MET CE   C N N 223 
MET OXT  O N N 224 
MET H    H N N 225 
MET H2   H N N 226 
MET HA   H N N 227 
MET HB2  H N N 228 
MET HB3  H N N 229 
MET HG2  H N N 230 
MET HG3  H N N 231 
MET HE1  H N N 232 
MET HE2  H N N 233 
MET HE3  H N N 234 
MET HXT  H N N 235 
PO4 P    P N N 236 
PO4 O1   O N N 237 
PO4 O2   O N N 238 
PO4 O3   O N N 239 
PO4 O4   O N N 240 
PRO N    N N N 241 
PRO CA   C N S 242 
PRO C    C N N 243 
PRO O    O N N 244 
PRO CB   C N N 245 
PRO CG   C N N 246 
PRO CD   C N N 247 
PRO OXT  O N N 248 
PRO H    H N N 249 
PRO HA   H N N 250 
PRO HB2  H N N 251 
PRO HB3  H N N 252 
PRO HG2  H N N 253 
PRO HG3  H N N 254 
PRO HD2  H N N 255 
PRO HD3  H N N 256 
PRO HXT  H N N 257 
SER N    N N N 258 
SER CA   C N S 259 
SER C    C N N 260 
SER O    O N N 261 
SER CB   C N N 262 
SER OG   O N N 263 
SER OXT  O N N 264 
SER H    H N N 265 
SER H2   H N N 266 
SER HA   H N N 267 
SER HB2  H N N 268 
SER HB3  H N N 269 
SER HG   H N N 270 
SER HXT  H N N 271 
THR N    N N N 272 
THR CA   C N S 273 
THR C    C N N 274 
THR O    O N N 275 
THR CB   C N R 276 
THR OG1  O N N 277 
THR CG2  C N N 278 
THR OXT  O N N 279 
THR H    H N N 280 
THR H2   H N N 281 
THR HA   H N N 282 
THR HB   H N N 283 
THR HG1  H N N 284 
THR HG21 H N N 285 
THR HG22 H N N 286 
THR HG23 H N N 287 
THR HXT  H N N 288 
TYR N    N N N 289 
TYR CA   C N S 290 
TYR C    C N N 291 
TYR O    O N N 292 
TYR CB   C N N 293 
TYR CG   C Y N 294 
TYR CD1  C Y N 295 
TYR CD2  C Y N 296 
TYR CE1  C Y N 297 
TYR CE2  C Y N 298 
TYR CZ   C Y N 299 
TYR OH   O N N 300 
TYR OXT  O N N 301 
TYR H    H N N 302 
TYR H2   H N N 303 
TYR HA   H N N 304 
TYR HB2  H N N 305 
TYR HB3  H N N 306 
TYR HD1  H N N 307 
TYR HD2  H N N 308 
TYR HE1  H N N 309 
TYR HE2  H N N 310 
TYR HH   H N N 311 
TYR HXT  H N N 312 
VAL N    N N N 313 
VAL CA   C N S 314 
VAL C    C N N 315 
VAL O    O N N 316 
VAL CB   C N N 317 
VAL CG1  C N N 318 
VAL CG2  C N N 319 
VAL OXT  O N N 320 
VAL H    H N N 321 
VAL H2   H N N 322 
VAL HA   H N N 323 
VAL HB   H N N 324 
VAL HG11 H N N 325 
VAL HG12 H N N 326 
VAL HG13 H N N 327 
VAL HG21 H N N 328 
VAL HG22 H N N 329 
VAL HG23 H N N 330 
VAL HXT  H N N 331 
# 
loop_
_chem_comp_bond.comp_id 
_chem_comp_bond.atom_id_1 
_chem_comp_bond.atom_id_2 
_chem_comp_bond.value_order 
_chem_comp_bond.pdbx_aromatic_flag 
_chem_comp_bond.pdbx_stereo_config 
_chem_comp_bond.pdbx_ordinal 
ALA N   CA   sing N N 1   
ALA N   H    sing N N 2   
ALA N   H2   sing N N 3   
ALA CA  C    sing N N 4   
ALA CA  CB   sing N N 5   
ALA CA  HA   sing N N 6   
ALA C   O    doub N N 7   
ALA C   OXT  sing N N 8   
ALA CB  HB1  sing N N 9   
ALA CB  HB2  sing N N 10  
ALA CB  HB3  sing N N 11  
ALA OXT HXT  sing N N 12  
ARG N   CA   sing N N 13  
ARG N   H    sing N N 14  
ARG N   H2   sing N N 15  
ARG CA  C    sing N N 16  
ARG CA  CB   sing N N 17  
ARG CA  HA   sing N N 18  
ARG C   O    doub N N 19  
ARG C   OXT  sing N N 20  
ARG CB  CG   sing N N 21  
ARG CB  HB2  sing N N 22  
ARG CB  HB3  sing N N 23  
ARG CG  CD   sing N N 24  
ARG CG  HG2  sing N N 25  
ARG CG  HG3  sing N N 26  
ARG CD  NE   sing N N 27  
ARG CD  HD2  sing N N 28  
ARG CD  HD3  sing N N 29  
ARG NE  CZ   sing N N 30  
ARG NE  HE   sing N N 31  
ARG CZ  NH1  sing N N 32  
ARG CZ  NH2  doub N N 33  
ARG NH1 HH11 sing N N 34  
ARG NH1 HH12 sing N N 35  
ARG NH2 HH21 sing N N 36  
ARG NH2 HH22 sing N N 37  
ARG OXT HXT  sing N N 38  
ASN N   CA   sing N N 39  
ASN N   H    sing N N 40  
ASN N   H2   sing N N 41  
ASN CA  C    sing N N 42  
ASN CA  CB   sing N N 43  
ASN CA  HA   sing N N 44  
ASN C   O    doub N N 45  
ASN C   OXT  sing N N 46  
ASN CB  CG   sing N N 47  
ASN CB  HB2  sing N N 48  
ASN CB  HB3  sing N N 49  
ASN CG  OD1  doub N N 50  
ASN CG  ND2  sing N N 51  
ASN ND2 HD21 sing N N 52  
ASN ND2 HD22 sing N N 53  
ASN OXT HXT  sing N N 54  
ASP N   CA   sing N N 55  
ASP N   H    sing N N 56  
ASP N   H2   sing N N 57  
ASP CA  C    sing N N 58  
ASP CA  CB   sing N N 59  
ASP CA  HA   sing N N 60  
ASP C   O    doub N N 61  
ASP C   OXT  sing N N 62  
ASP CB  CG   sing N N 63  
ASP CB  HB2  sing N N 64  
ASP CB  HB3  sing N N 65  
ASP CG  OD1  doub N N 66  
ASP CG  OD2  sing N N 67  
ASP OD2 HD2  sing N N 68  
ASP OXT HXT  sing N N 69  
GLN N   CA   sing N N 70  
GLN N   H    sing N N 71  
GLN N   H2   sing N N 72  
GLN CA  C    sing N N 73  
GLN CA  CB   sing N N 74  
GLN CA  HA   sing N N 75  
GLN C   O    doub N N 76  
GLN C   OXT  sing N N 77  
GLN CB  CG   sing N N 78  
GLN CB  HB2  sing N N 79  
GLN CB  HB3  sing N N 80  
GLN CG  CD   sing N N 81  
GLN CG  HG2  sing N N 82  
GLN CG  HG3  sing N N 83  
GLN CD  OE1  doub N N 84  
GLN CD  NE2  sing N N 85  
GLN NE2 HE21 sing N N 86  
GLN NE2 HE22 sing N N 87  
GLN OXT HXT  sing N N 88  
GLU N   CA   sing N N 89  
GLU N   H    sing N N 90  
GLU N   H2   sing N N 91  
GLU CA  C    sing N N 92  
GLU CA  CB   sing N N 93  
GLU CA  HA   sing N N 94  
GLU C   O    doub N N 95  
GLU C   OXT  sing N N 96  
GLU CB  CG   sing N N 97  
GLU CB  HB2  sing N N 98  
GLU CB  HB3  sing N N 99  
GLU CG  CD   sing N N 100 
GLU CG  HG2  sing N N 101 
GLU CG  HG3  sing N N 102 
GLU CD  OE1  doub N N 103 
GLU CD  OE2  sing N N 104 
GLU OE2 HE2  sing N N 105 
GLU OXT HXT  sing N N 106 
GLY N   CA   sing N N 107 
GLY N   H    sing N N 108 
GLY N   H2   sing N N 109 
GLY CA  C    sing N N 110 
GLY CA  HA2  sing N N 111 
GLY CA  HA3  sing N N 112 
GLY C   O    doub N N 113 
GLY C   OXT  sing N N 114 
GLY OXT HXT  sing N N 115 
HIS N   CA   sing N N 116 
HIS N   H    sing N N 117 
HIS N   H2   sing N N 118 
HIS CA  C    sing N N 119 
HIS CA  CB   sing N N 120 
HIS CA  HA   sing N N 121 
HIS C   O    doub N N 122 
HIS C   OXT  sing N N 123 
HIS CB  CG   sing N N 124 
HIS CB  HB2  sing N N 125 
HIS CB  HB3  sing N N 126 
HIS CG  ND1  sing Y N 127 
HIS CG  CD2  doub Y N 128 
HIS ND1 CE1  doub Y N 129 
HIS ND1 HD1  sing N N 130 
HIS CD2 NE2  sing Y N 131 
HIS CD2 HD2  sing N N 132 
HIS CE1 NE2  sing Y N 133 
HIS CE1 HE1  sing N N 134 
HIS NE2 HE2  sing N N 135 
HIS OXT HXT  sing N N 136 
HOH O   H1   sing N N 137 
HOH O   H2   sing N N 138 
ILE N   CA   sing N N 139 
ILE N   H    sing N N 140 
ILE N   H2   sing N N 141 
ILE CA  C    sing N N 142 
ILE CA  CB   sing N N 143 
ILE CA  HA   sing N N 144 
ILE C   O    doub N N 145 
ILE C   OXT  sing N N 146 
ILE CB  CG1  sing N N 147 
ILE CB  CG2  sing N N 148 
ILE CB  HB   sing N N 149 
ILE CG1 CD1  sing N N 150 
ILE CG1 HG12 sing N N 151 
ILE CG1 HG13 sing N N 152 
ILE CG2 HG21 sing N N 153 
ILE CG2 HG22 sing N N 154 
ILE CG2 HG23 sing N N 155 
ILE CD1 HD11 sing N N 156 
ILE CD1 HD12 sing N N 157 
ILE CD1 HD13 sing N N 158 
ILE OXT HXT  sing N N 159 
LEU N   CA   sing N N 160 
LEU N   H    sing N N 161 
LEU N   H2   sing N N 162 
LEU CA  C    sing N N 163 
LEU CA  CB   sing N N 164 
LEU CA  HA   sing N N 165 
LEU C   O    doub N N 166 
LEU C   OXT  sing N N 167 
LEU CB  CG   sing N N 168 
LEU CB  HB2  sing N N 169 
LEU CB  HB3  sing N N 170 
LEU CG  CD1  sing N N 171 
LEU CG  CD2  sing N N 172 
LEU CG  HG   sing N N 173 
LEU CD1 HD11 sing N N 174 
LEU CD1 HD12 sing N N 175 
LEU CD1 HD13 sing N N 176 
LEU CD2 HD21 sing N N 177 
LEU CD2 HD22 sing N N 178 
LEU CD2 HD23 sing N N 179 
LEU OXT HXT  sing N N 180 
LYS N   CA   sing N N 181 
LYS N   H    sing N N 182 
LYS N   H2   sing N N 183 
LYS CA  C    sing N N 184 
LYS CA  CB   sing N N 185 
LYS CA  HA   sing N N 186 
LYS C   O    doub N N 187 
LYS C   OXT  sing N N 188 
LYS CB  CG   sing N N 189 
LYS CB  HB2  sing N N 190 
LYS CB  HB3  sing N N 191 
LYS CG  CD   sing N N 192 
LYS CG  HG2  sing N N 193 
LYS CG  HG3  sing N N 194 
LYS CD  CE   sing N N 195 
LYS CD  HD2  sing N N 196 
LYS CD  HD3  sing N N 197 
LYS CE  NZ   sing N N 198 
LYS CE  HE2  sing N N 199 
LYS CE  HE3  sing N N 200 
LYS NZ  HZ1  sing N N 201 
LYS NZ  HZ2  sing N N 202 
LYS NZ  HZ3  sing N N 203 
LYS OXT HXT  sing N N 204 
MET N   CA   sing N N 205 
MET N   H    sing N N 206 
MET N   H2   sing N N 207 
MET CA  C    sing N N 208 
MET CA  CB   sing N N 209 
MET CA  HA   sing N N 210 
MET C   O    doub N N 211 
MET C   OXT  sing N N 212 
MET CB  CG   sing N N 213 
MET CB  HB2  sing N N 214 
MET CB  HB3  sing N N 215 
MET CG  SD   sing N N 216 
MET CG  HG2  sing N N 217 
MET CG  HG3  sing N N 218 
MET SD  CE   sing N N 219 
MET CE  HE1  sing N N 220 
MET CE  HE2  sing N N 221 
MET CE  HE3  sing N N 222 
MET OXT HXT  sing N N 223 
PO4 P   O1   doub N N 224 
PO4 P   O2   sing N N 225 
PO4 P   O3   sing N N 226 
PO4 P   O4   sing N N 227 
PRO N   CA   sing N N 228 
PRO N   CD   sing N N 229 
PRO N   H    sing N N 230 
PRO CA  C    sing N N 231 
PRO CA  CB   sing N N 232 
PRO CA  HA   sing N N 233 
PRO C   O    doub N N 234 
PRO C   OXT  sing N N 235 
PRO CB  CG   sing N N 236 
PRO CB  HB2  sing N N 237 
PRO CB  HB3  sing N N 238 
PRO CG  CD   sing N N 239 
PRO CG  HG2  sing N N 240 
PRO CG  HG3  sing N N 241 
PRO CD  HD2  sing N N 242 
PRO CD  HD3  sing N N 243 
PRO OXT HXT  sing N N 244 
SER N   CA   sing N N 245 
SER N   H    sing N N 246 
SER N   H2   sing N N 247 
SER CA  C    sing N N 248 
SER CA  CB   sing N N 249 
SER CA  HA   sing N N 250 
SER C   O    doub N N 251 
SER C   OXT  sing N N 252 
SER CB  OG   sing N N 253 
SER CB  HB2  sing N N 254 
SER CB  HB3  sing N N 255 
SER OG  HG   sing N N 256 
SER OXT HXT  sing N N 257 
THR N   CA   sing N N 258 
THR N   H    sing N N 259 
THR N   H2   sing N N 260 
THR CA  C    sing N N 261 
THR CA  CB   sing N N 262 
THR CA  HA   sing N N 263 
THR C   O    doub N N 264 
THR C   OXT  sing N N 265 
THR CB  OG1  sing N N 266 
THR CB  CG2  sing N N 267 
THR CB  HB   sing N N 268 
THR OG1 HG1  sing N N 269 
THR CG2 HG21 sing N N 270 
THR CG2 HG22 sing N N 271 
THR CG2 HG23 sing N N 272 
THR OXT HXT  sing N N 273 
TYR N   CA   sing N N 274 
TYR N   H    sing N N 275 
TYR N   H2   sing N N 276 
TYR CA  C    sing N N 277 
TYR CA  CB   sing N N 278 
TYR CA  HA   sing N N 279 
TYR C   O    doub N N 280 
TYR C   OXT  sing N N 281 
TYR CB  CG   sing N N 282 
TYR CB  HB2  sing N N 283 
TYR CB  HB3  sing N N 284 
TYR CG  CD1  doub Y N 285 
TYR CG  CD2  sing Y N 286 
TYR CD1 CE1  sing Y N 287 
TYR CD1 HD1  sing N N 288 
TYR CD2 CE2  doub Y N 289 
TYR CD2 HD2  sing N N 290 
TYR CE1 CZ   doub Y N 291 
TYR CE1 HE1  sing N N 292 
TYR CE2 CZ   sing Y N 293 
TYR CE2 HE2  sing N N 294 
TYR CZ  OH   sing N N 295 
TYR OH  HH   sing N N 296 
TYR OXT HXT  sing N N 297 
VAL N   CA   sing N N 298 
VAL N   H    sing N N 299 
VAL N   H2   sing N N 300 
VAL CA  C    sing N N 301 
VAL CA  CB   sing N N 302 
VAL CA  HA   sing N N 303 
VAL C   O    doub N N 304 
VAL C   OXT  sing N N 305 
VAL CB  CG1  sing N N 306 
VAL CB  CG2  sing N N 307 
VAL CB  HB   sing N N 308 
VAL CG1 HG11 sing N N 309 
VAL CG1 HG12 sing N N 310 
VAL CG1 HG13 sing N N 311 
VAL CG2 HG21 sing N N 312 
VAL CG2 HG22 sing N N 313 
VAL CG2 HG23 sing N N 314 
VAL OXT HXT  sing N N 315 
# 
_pdbx_audit_support.funding_organization   'National Research Foundation (NRF, Korea)' 
_pdbx_audit_support.country                'Korea, Republic Of' 
_pdbx_audit_support.grant_number           NRF-RS-2022-00166782 
_pdbx_audit_support.ordinal                1 
# 
_pdbx_entity_instance_feature.ordinal        1 
_pdbx_entity_instance_feature.comp_id        PO4 
_pdbx_entity_instance_feature.asym_id        ? 
_pdbx_entity_instance_feature.seq_num        ? 
_pdbx_entity_instance_feature.auth_comp_id   PO4 
_pdbx_entity_instance_feature.auth_asym_id   ? 
_pdbx_entity_instance_feature.auth_seq_num   ? 
_pdbx_entity_instance_feature.feature_type   'SUBJECT OF INVESTIGATION' 
_pdbx_entity_instance_feature.details        ? 
# 
_atom_sites.entry_id                    8YPJ 
_atom_sites.Cartn_transf_matrix[1][1]   ? 
_atom_sites.Cartn_transf_matrix[1][2]   ? 
_atom_sites.Cartn_transf_matrix[1][3]   ? 
_atom_sites.Cartn_transf_matrix[2][1]   ? 
_atom_sites.Cartn_transf_matrix[2][2]   ? 
_atom_sites.Cartn_transf_matrix[2][3]   ? 
_atom_sites.Cartn_transf_matrix[3][1]   ? 
_atom_sites.Cartn_transf_matrix[3][2]   ? 
_atom_sites.Cartn_transf_matrix[3][3]   ? 
_atom_sites.Cartn_transf_vector[1]      ? 
_atom_sites.Cartn_transf_vector[2]      ? 
_atom_sites.Cartn_transf_vector[3]      ? 
_atom_sites.Cartn_transform_axes        ? 
_atom_sites.fract_transf_matrix[1][1]   -0.00861393 
_atom_sites.fract_transf_matrix[1][2]   -0.00273622 
_atom_sites.fract_transf_matrix[1][3]   0.00442462 
_atom_sites.fract_transf_matrix[2][1]   0.00028738 
_atom_sites.fract_transf_matrix[2][2]   0.00829533 
_atom_sites.fract_transf_matrix[2][3]   0.00568937 
_atom_sites.fract_transf_matrix[3][1]   -0.00519438 
_atom_sites.fract_transf_matrix[3][2]   0.00499646 
_atom_sites.fract_transf_matrix[3][3]   -0.00702266 
_atom_sites.fract_transf_vector[1]      -0.129513 
_atom_sites.fract_transf_vector[2]      -0.447794 
_atom_sites.fract_transf_vector[3]      -0.119423 
_atom_sites.solution_primary            ? 
_atom_sites.solution_secondary          ? 
_atom_sites.solution_hydrogens          ? 
_atom_sites.special_details             ? 
# 
loop_
_atom_type.symbol 
C 
N 
O 
P 
S 
# 
loop_
_atom_site.group_PDB 
_atom_site.id 
_atom_site.type_symbol 
_atom_site.label_atom_id 
_atom_site.label_alt_id 
_atom_site.label_comp_id 
_atom_site.label_asym_id 
_atom_site.label_entity_id 
_atom_site.label_seq_id 
_atom_site.pdbx_PDB_ins_code 
_atom_site.Cartn_x 
_atom_site.Cartn_y 
_atom_site.Cartn_z 
_atom_site.occupancy 
_atom_site.B_iso_or_equiv 
_atom_site.pdbx_formal_charge 
_atom_site.auth_seq_id 
_atom_site.auth_comp_id 
_atom_site.auth_asym_id 
_atom_site.auth_atom_id 
_atom_site.pdbx_PDB_model_num 
ATOM   1   N N   . THR A 1 2  ? 17.688  -5.248  -4.563  1.00 56.19 ? 2   THR A N   1 
ATOM   2   C CA  . THR A 1 2  ? 17.911  -4.499  -3.334  1.00 57.66 ? 2   THR A CA  1 
ATOM   3   C C   . THR A 1 2  ? 16.586  -4.196  -2.647  1.00 53.32 ? 2   THR A C   1 
ATOM   4   O O   . THR A 1 2  ? 15.636  -3.725  -3.283  1.00 44.27 ? 2   THR A O   1 
ATOM   5   C CB  . THR A 1 2  ? 18.660  -3.172  -3.594  1.00 62.83 ? 2   THR A CB  1 
ATOM   6   O OG1 . THR A 1 2  ? 19.662  -3.366  -4.602  1.00 71.08 ? 2   THR A OG1 1 
ATOM   7   C CG2 . THR A 1 2  ? 19.312  -2.665  -2.316  1.00 61.26 ? 2   THR A CG2 1 
ATOM   8   N N   . LYS A 1 3  ? 16.532  -4.473  -1.348  1.00 49.75 ? 3   LYS A N   1 
ATOM   9   C CA  . LYS A 1 3  ? 15.321  -4.267  -0.563  1.00 45.06 ? 3   LYS A CA  1 
ATOM   10  C C   . LYS A 1 3  ? 15.631  -3.509  0.709   1.00 44.42 ? 3   LYS A C   1 
ATOM   11  O O   . LYS A 1 3  ? 16.682  -3.703  1.318   1.00 51.17 ? 3   LYS A O   1 
ATOM   12  C CB  . LYS A 1 3  ? 14.653  -5.604  -0.224  1.00 47.27 ? 3   LYS A CB  1 
ATOM   13  C CG  . LYS A 1 3  ? 14.011  -6.295  -1.421  1.00 47.85 ? 3   LYS A CG  1 
ATOM   14  C CD  . LYS A 1 3  ? 13.105  -7.433  -0.989  1.00 47.99 ? 3   LYS A CD  1 
ATOM   15  C CE  . LYS A 1 3  ? 12.297  -7.968  -2.163  1.00 56.12 ? 3   LYS A CE  1 
ATOM   16  N NZ  . LYS A 1 3  ? 10.840  -7.686  -2.010  1.00 50.53 ? 3   LYS A NZ  1 
ATOM   17  N N   . GLU A 1 4  ? 14.718  -2.634  1.104   1.00 35.31 ? 4   GLU A N   1 
ATOM   18  C CA  . GLU A 1 4  ? 14.883  -1.871  2.329   1.00 38.65 ? 4   GLU A CA  1 
ATOM   19  C C   . GLU A 1 4  ? 13.907  -2.333  3.391   1.00 38.50 ? 4   GLU A C   1 
ATOM   20  O O   . GLU A 1 4  ? 12.746  -2.612  3.099   1.00 35.09 ? 4   GLU A O   1 
ATOM   21  C CB  . GLU A 1 4  ? 14.682  -0.378  2.074   1.00 38.75 ? 4   GLU A CB  1 
ATOM   22  C CG  . GLU A 1 4  ? 15.851  0.300   1.390   1.00 55.47 ? 4   GLU A CG  1 
ATOM   23  C CD  . GLU A 1 4  ? 15.749  1.811   1.444   1.00 61.23 ? 4   GLU A CD  1 
ATOM   24  O OE1 . GLU A 1 4  ? 16.061  2.459   0.425   1.00 69.33 ? 4   GLU A OE1 1 
ATOM   25  O OE2 . GLU A 1 4  ? 15.361  2.350   2.507   1.00 62.59 ? 4   GLU A OE2 1 
ATOM   26  N N   . LYS A 1 5  ? 14.383  -2.389  4.628   1.00 35.98 ? 5   LYS A N   1 
ATOM   27  C CA  . LYS A 1 5  ? 13.533  -2.681  5.762   1.00 36.98 ? 5   LYS A CA  1 
ATOM   28  C C   . LYS A 1 5  ? 13.181  -1.378  6.439   1.00 39.69 ? 5   LYS A C   1 
ATOM   29  O O   . LYS A 1 5  ? 14.058  -0.664  6.921   1.00 39.69 ? 5   LYS A O   1 
ATOM   30  C CB  . LYS A 1 5  ? 14.227  -3.628  6.743   1.00 42.00 ? 5   LYS A CB  1 
ATOM   31  C CG  . LYS A 1 5  ? 13.450  -3.863  8.029   1.00 42.97 ? 5   LYS A CG  1 
ATOM   32  C CD  . LYS A 1 5  ? 13.657  -5.287  8.533   1.00 54.04 ? 5   LYS A CD  1 
ATOM   33  C CE  . LYS A 1 5  ? 13.088  -5.472  9.933   1.00 62.39 ? 5   LYS A CE  1 
ATOM   34  N NZ  . LYS A 1 5  ? 13.362  -6.836  10.472  1.00 71.21 ? 5   LYS A NZ  1 
ATOM   35  N N   . ILE A 1 6  ? 11.895  -1.060  6.465   1.00 31.40 ? 6   ILE A N   1 
ATOM   36  C CA  . ILE A 1 6  ? 11.444  0.204   7.016   1.00 31.17 ? 6   ILE A CA  1 
ATOM   37  C C   . ILE A 1 6  ? 10.360  0.018   8.061   1.00 36.23 ? 6   ILE A C   1 
ATOM   38  O O   . ILE A 1 6  ? 9.765   -1.051  8.188   1.00 31.90 ? 6   ILE A O   1 
ATOM   39  C CB  . ILE A 1 6  ? 10.897  1.130   5.921   1.00 35.78 ? 6   ILE A CB  1 
ATOM   40  C CG1 . ILE A 1 6  ? 9.713   0.458   5.223   1.00 32.33 ? 6   ILE A CG1 1 
ATOM   41  C CG2 . ILE A 1 6  ? 11.999  1.492   4.933   1.00 34.89 ? 6   ILE A CG2 1 
ATOM   42  C CD1 . ILE A 1 6  ? 8.928   1.388   4.315   1.00 37.24 ? 6   ILE A CD1 1 
ATOM   43  N N   . SER A 1 7  ? 10.107  1.083   8.801   1.00 34.61 ? 7   SER A N   1 
ATOM   44  C CA  . SER A 1 7  ? 9.075   1.074   9.810   1.00 34.91 ? 7   SER A CA  1 
ATOM   45  C C   . SER A 1 7  ? 7.961   2.014   9.380   1.00 36.95 ? 7   SER A C   1 
ATOM   46  O O   . SER A 1 7  ? 8.229   3.132   8.940   1.00 32.14 ? 7   SER A O   1 
ATOM   47  C CB  . SER A 1 7  ? 9.654   1.490   11.160  1.00 42.09 ? 7   SER A CB  1 
ATOM   48  O OG  . SER A 1 7  ? 8.645   1.502   12.145  1.00 49.02 ? 7   SER A OG  1 
ATOM   49  N N   . VAL A 1 8  ? 6.715   1.557   9.465   1.00 30.93 ? 8   VAL A N   1 
ATOM   50  C CA  . VAL A 1 8  ? 5.577   2.407   9.124   1.00 32.40 ? 8   VAL A CA  1 
ATOM   51  C C   . VAL A 1 8  ? 4.445   2.249   10.138  1.00 34.32 ? 8   VAL A C   1 
ATOM   52  O O   . VAL A 1 8  ? 4.320   1.216   10.796  1.00 31.46 ? 8   VAL A O   1 
ATOM   53  C CB  . VAL A 1 8  ? 5.019   2.103   7.709   1.00 32.67 ? 8   VAL A CB  1 
ATOM   54  C CG1 . VAL A 1 8  ? 6.112   2.224   6.650   1.00 40.93 ? 8   VAL A CG1 1 
ATOM   55  C CG2 . VAL A 1 8  ? 4.378   0.732   7.663   1.00 31.65 ? 8   VAL A CG2 1 
ATOM   56  N N   . THR A 1 9  ? 3.621   3.282   10.257  1.00 27.92 ? 9   THR A N   1 
ATOM   57  C CA  . THR A 1 9  ? 2.486   3.246   11.165  1.00 28.14 ? 9   THR A CA  1 
ATOM   58  C C   . THR A 1 9  ? 1.198   3.284   10.371  1.00 32.03 ? 9   THR A C   1 
ATOM   59  O O   . THR A 1 9  ? 0.949   4.242   9.632   1.00 32.08 ? 9   THR A O   1 
ATOM   60  C CB  . THR A 1 9  ? 2.513   4.420   12.149  1.00 32.58 ? 9   THR A CB  1 
ATOM   61  O OG1 . THR A 1 9  ? 3.687   4.321   12.963  1.00 38.89 ? 9   THR A OG1 1 
ATOM   62  C CG2 . THR A 1 9  ? 1.289   4.395   13.039  1.00 38.87 ? 9   THR A CG2 1 
ATOM   63  N N   . VAL A 1 10 ? 0.382   2.244   10.510  1.00 28.65 ? 10  VAL A N   1 
ATOM   64  C CA  . VAL A 1 10 ? -0.840  2.143   9.721   1.00 31.13 ? 10  VAL A CA  1 
ATOM   65  C C   . VAL A 1 10 ? -2.050  1.693   10.551  1.00 34.73 ? 10  VAL A C   1 
ATOM   66  O O   . VAL A 1 10 ? -1.906  1.040   11.584  1.00 32.40 ? 10  VAL A O   1 
ATOM   67  C CB  . VAL A 1 10 ? -0.653  1.167   8.530   1.00 31.32 ? 10  VAL A CB  1 
ATOM   68  C CG1 . VAL A 1 10 ? 0.432   1.678   7.569   1.00 33.82 ? 10  VAL A CG1 1 
ATOM   69  C CG2 . VAL A 1 10 ? -0.313  -0.227  9.026   1.00 31.63 ? 10  VAL A CG2 1 
ATOM   70  N N   . ASP A 1 11 ? -3.237  2.042   10.077  1.00 28.47 ? 11  ASP A N   1 
ATOM   71  C CA  . ASP A 1 11 ? -4.484  1.668   10.733  1.00 35.18 ? 11  ASP A CA  1 
ATOM   72  C C   . ASP A 1 11 ? -4.574  0.156   10.946  1.00 31.85 ? 11  ASP A C   1 
ATOM   73  O O   . ASP A 1 11 ? -4.343  -0.610  10.022  1.00 24.16 ? 11  ASP A O   1 
ATOM   74  C CB  . ASP A 1 11 ? -5.667  2.158   9.905   1.00 35.59 ? 11  ASP A CB  1 
ATOM   75  C CG  . ASP A 1 11 ? -6.989  1.908   10.583  1.00 41.75 ? 11  ASP A CG  1 
ATOM   76  O OD1 . ASP A 1 11 ? -7.422  2.766   11.382  1.00 52.91 ? 11  ASP A OD1 1 
ATOM   77  O OD2 . ASP A 1 11 ? -7.584  0.842   10.326  1.00 41.04 ? 11  ASP A OD2 1 
ATOM   78  N N   . ALA A 1 12 ? -4.908  -0.270  12.164  1.00 29.68 ? 12  ALA A N   1 
ATOM   79  C CA  . ALA A 1 12 ? -4.853  -1.691  12.504  1.00 31.53 ? 12  ALA A CA  1 
ATOM   80  C C   . ALA A 1 12 ? -5.852  -2.514  11.694  1.00 29.81 ? 12  ALA A C   1 
ATOM   81  O O   . ALA A 1 12 ? -5.577  -3.657  11.335  1.00 26.99 ? 12  ALA A O   1 
ATOM   82  C CB  . ALA A 1 12 ? -5.091  -1.890  13.997  1.00 38.78 ? 12  ALA A CB  1 
ATOM   83  N N   . ALA A 1 13 ? -7.011  -1.929  11.415  1.00 23.77 ? 13  ALA A N   1 
ATOM   84  C CA  . ALA A 1 13 ? -8.035  -2.599  10.622  1.00 25.06 ? 13  ALA A CA  1 
ATOM   85  C C   . ALA A 1 13 ? -7.549  -2.823  9.186   1.00 26.49 ? 13  ALA A C   1 
ATOM   86  O O   . ALA A 1 13 ? -7.726  -3.900  8.606   1.00 22.60 ? 13  ALA A O   1 
ATOM   87  C CB  . ALA A 1 13 ? -9.319  -1.787  10.638  1.00 30.40 ? 13  ALA A CB  1 
ATOM   88  N N   . VAL A 1 14 ? -6.923  -1.796  8.621   1.00 27.81 ? 14  VAL A N   1 
ATOM   89  C CA  . VAL A 1 14 ? -6.369  -1.899  7.277   1.00 23.98 ? 14  VAL A CA  1 
ATOM   90  C C   . VAL A 1 14 ? -5.324  -3.007  7.234   1.00 23.53 ? 14  VAL A C   1 
ATOM   91  O O   . VAL A 1 14 ? -5.290  -3.812  6.306   1.00 20.72 ? 14  VAL A O   1 
ATOM   92  C CB  . VAL A 1 14 ? -5.753  -0.557  6.828   1.00 23.51 ? 14  VAL A CB  1 
ATOM   93  C CG1 . VAL A 1 14 ? -5.112  -0.680  5.450   1.00 27.13 ? 14  VAL A CG1 1 
ATOM   94  C CG2 . VAL A 1 14 ? -6.832  0.527   6.820   1.00 33.90 ? 14  VAL A CG2 1 
ATOM   95  N N   . LEU A 1 15 ? -4.483  -3.057  8.262   1.00 22.11 ? 15  LEU A N   1 
ATOM   96  C CA  . LEU A 1 15 ? -3.448  -4.081  8.345   1.00 23.36 ? 15  LEU A CA  1 
ATOM   97  C C   . LEU A 1 15 ? -4.020  -5.502  8.363   1.00 23.13 ? 15  LEU A C   1 
ATOM   98  O O   . LEU A 1 15 ? -3.492  -6.389  7.710   1.00 21.82 ? 15  LEU A O   1 
ATOM   99  C CB  . LEU A 1 15 ? -2.590  -3.856  9.585   1.00 26.86 ? 15  LEU A CB  1 
ATOM   100 C CG  . LEU A 1 15 ? -1.352  -4.736  9.732   1.00 31.32 ? 15  LEU A CG  1 
ATOM   101 C CD1 . LEU A 1 15 ? -0.474  -4.672  8.484   1.00 32.14 ? 15  LEU A CD1 1 
ATOM   102 C CD2 . LEU A 1 15 ? -0.564  -4.298  10.959  1.00 35.05 ? 15  LEU A CD2 1 
ATOM   103 N N   . ALA A 1 16 ? -5.087  -5.720  9.125   1.00 23.78 ? 16  ALA A N   1 
ATOM   104 C CA  . ALA A 1 16 ? -5.697  -7.054  9.202   1.00 24.15 ? 16  ALA A CA  1 
ATOM   105 C C   . ALA A 1 16 ? -6.248  -7.474  7.849   1.00 20.91 ? 16  ALA A C   1 
ATOM   106 O O   . ALA A 1 16 ? -6.147  -8.635  7.441   1.00 21.68 ? 16  ALA A O   1 
ATOM   107 C CB  . ALA A 1 16 ? -6.810  -7.072  10.260  1.00 25.92 ? 16  ALA A CB  1 
ATOM   108 N N   . ALA A 1 17 ? -6.843  -6.516  7.146   1.00 20.82 ? 17  ALA A N   1 
ATOM   109 C CA  . ALA A 1 17 ? -7.398  -6.788  5.827   1.00 22.43 ? 17  ALA A CA  1 
ATOM   110 C C   . ALA A 1 17 ? -6.299  -7.165  4.841   1.00 20.99 ? 17  ALA A C   1 
ATOM   111 O O   . ALA A 1 17 ? -6.445  -8.096  4.054   1.00 19.83 ? 17  ALA A O   1 
ATOM   112 C CB  . ALA A 1 17 ? -8.173  -5.583  5.325   1.00 21.97 ? 17  ALA A CB  1 
ATOM   113 N N   . ILE A 1 18 ? -5.197  -6.434  4.893   1.00 20.51 ? 18  ILE A N   1 
ATOM   114 C CA  . ILE A 1 18 ? -4.076  -6.692  3.989   1.00 20.29 ? 18  ILE A CA  1 
ATOM   115 C C   . ILE A 1 18 ? -3.434  -8.050  4.335   1.00 18.40 ? 18  ILE A C   1 
ATOM   116 O O   . ILE A 1 18 ? -3.027  -8.794  3.448   1.00 20.52 ? 18  ILE A O   1 
ATOM   117 C CB  . ILE A 1 18 ? -3.045  -5.548  4.065   1.00 21.07 ? 18  ILE A CB  1 
ATOM   118 C CG1 . ILE A 1 18 ? -3.541  -4.347  3.245   1.00 28.19 ? 18  ILE A CG1 1 
ATOM   119 C CG2 . ILE A 1 18 ? -1.685  -5.991  3.548   1.00 26.77 ? 18  ILE A CG2 1 
ATOM   120 C CD1 . ILE A 1 18 ? -3.739  -4.643  1.750   1.00 23.07 ? 18  ILE A CD1 1 
ATOM   121 N N   . ASP A 1 19 ? -3.371  -8.387  5.621   1.00 22.39 ? 19  ASP A N   1 
ATOM   122 C CA  . ASP A 1 19 ? -2.881  -9.717  6.001   1.00 19.18 ? 19  ASP A CA  1 
ATOM   123 C C   . ASP A 1 19 ? -3.756  -10.832 5.399   1.00 23.31 ? 19  ASP A C   1 
ATOM   124 O O   . ASP A 1 19 ? -3.249  -11.847 4.923   1.00 21.29 ? 19  ASP A O   1 
ATOM   125 C CB  . ASP A 1 19 ? -2.811  -9.848  7.525   1.00 24.75 ? 19  ASP A CB  1 
ATOM   126 C CG  . ASP A 1 19 ? -1.579  -9.171  8.101   1.00 30.95 ? 19  ASP A CG  1 
ATOM   127 O OD1 . ASP A 1 19 ? -0.612  -8.949  7.331   1.00 28.67 ? 19  ASP A OD1 1 
ATOM   128 O OD2 . ASP A 1 19 ? -1.566  -8.855  9.309   1.00 33.22 ? 19  ASP A OD2 1 
ATOM   129 N N   . ALA A 1 20 ? -5.068  -10.633 5.407   1.00 22.88 ? 20  ALA A N   1 
ATOM   130 C CA  . ALA A 1 20 ? -5.978  -11.613 4.808   1.00 23.25 ? 20  ALA A CA  1 
ATOM   131 C C   . ALA A 1 20 ? -5.816  -11.716 3.297   1.00 20.72 ? 20  ALA A C   1 
ATOM   132 O O   . ALA A 1 20 ? -5.899  -12.817 2.735   1.00 21.12 ? 20  ALA A O   1 
ATOM   133 C CB  . ALA A 1 20 ? -7.425  -11.268 5.155   1.00 26.00 ? 20  ALA A CB  1 
ATOM   134 N N   . ASP A 1 21 ? -5.629  -10.574 2.630   1.00 19.71 ? 21  ASP A N   1 
ATOM   135 C CA  . ASP A 1 21 ? -5.393  -10.566 1.180   1.00 22.52 ? 21  ASP A CA  1 
ATOM   136 C C   . ASP A 1 21 ? -4.084  -11.294 0.880   1.00 19.77 ? 21  ASP A C   1 
ATOM   137 O O   . ASP A 1 21 ? -3.975  -12.002 -0.118  1.00 22.10 ? 21  ASP A O   1 
ATOM   138 C CB  . ASP A 1 21 ? -5.317  -9.140  0.605   1.00 23.17 ? 21  ASP A CB  1 
ATOM   139 C CG  . ASP A 1 21 ? -6.604  -8.333  0.810   1.00 29.24 ? 21  ASP A CG  1 
ATOM   140 O OD1 . ASP A 1 21 ? -7.712  -8.927  0.834   1.00 26.90 ? 21  ASP A OD1 1 
ATOM   141 O OD2 . ASP A 1 21 ? -6.500  -7.085  0.951   1.00 26.08 ? 21  ASP A OD2 1 
ATOM   142 N N   . ALA A 1 22 ? -3.084  -11.084 1.732   1.00 19.14 ? 22  ALA A N   1 
ATOM   143 C CA  . ALA A 1 22 ? -1.810  -11.798 1.585   1.00 22.00 ? 22  ALA A CA  1 
ATOM   144 C C   . ALA A 1 22 ? -2.057  -13.297 1.626   1.00 23.51 ? 22  ALA A C   1 
ATOM   145 O O   . ALA A 1 22 ? -1.602  -14.032 0.758   1.00 22.39 ? 22  ALA A O   1 
ATOM   146 C CB  . ALA A 1 22 ? -0.828  -11.402 2.685   1.00 18.37 ? 22  ALA A CB  1 
ATOM   147 N N   . ARG A 1 23 ? -2.790  -13.743 2.640   1.00 25.71 ? 23  ARG A N   1 
ATOM   148 C CA  . ARG A 1 23 ? -3.016  -15.178 2.819   1.00 28.05 ? 23  ARG A CA  1 
ATOM   149 C C   . ARG A 1 23 ? -3.717  -15.783 1.606   1.00 29.86 ? 23  ARG A C   1 
ATOM   150 O O   . ARG A 1 23 ? -3.305  -16.832 1.105   1.00 31.59 ? 23  ARG A O   1 
ATOM   151 C CB  . ARG A 1 23 ? -3.816  -15.436 4.095   1.00 28.30 ? 23  ARG A CB  1 
ATOM   152 C CG  . ARG A 1 23 ? -3.875  -16.904 4.507   1.00 39.27 ? 23  ARG A CG  1 
ATOM   153 C CD  . ARG A 1 23 ? -4.301  -17.065 5.969   1.00 47.49 ? 23  ARG A CD  1 
ATOM   154 N NE  . ARG A 1 23 ? -3.400  -16.369 6.887   1.00 48.04 ? 23  ARG A NE  1 
ATOM   155 C CZ  . ARG A 1 23 ? -3.719  -15.275 7.579   1.00 54.46 ? 23  ARG A CZ  1 
ATOM   156 N NH1 . ARG A 1 23 ? -4.931  -14.737 7.475   1.00 45.88 ? 23  ARG A NH1 1 
ATOM   157 N NH2 . ARG A 1 23 ? -2.820  -14.722 8.384   1.00 55.19 ? 23  ARG A NH2 1 
ATOM   158 N N   . ALA A 1 24 ? -4.741  -15.094 1.108   1.00 27.62 ? 24  ALA A N   1 
ATOM   159 C CA  . ALA A 1 24 ? -5.481  -15.531 -0.076  1.00 27.75 ? 24  ALA A CA  1 
ATOM   160 C C   . ALA A 1 24 ? -4.597  -15.713 -1.309  1.00 32.38 ? 24  ALA A C   1 
ATOM   161 O O   . ALA A 1 24 ? -4.869  -16.564 -2.159  1.00 33.85 ? 24  ALA A O   1 
ATOM   162 C CB  . ALA A 1 24 ? -6.599  -14.534 -0.388  1.00 29.44 ? 24  ALA A CB  1 
ATOM   163 N N   . ALA A 1 25 ? -3.542  -14.914 -1.410  1.00 25.43 ? 25  ALA A N   1 
ATOM   164 C CA  . ALA A 1 25 ? -2.665  -14.957 -2.570  1.00 21.06 ? 25  ALA A CA  1 
ATOM   165 C C   . ALA A 1 25 ? -1.409  -15.812 -2.364  1.00 23.13 ? 25  ALA A C   1 
ATOM   166 O O   . ALA A 1 25 ? -0.622  -15.984 -3.290  1.00 24.89 ? 25  ALA A O   1 
ATOM   167 C CB  . ALA A 1 25 ? -2.260  -13.534 -2.969  1.00 27.75 ? 25  ALA A CB  1 
ATOM   168 N N   . GLY A 1 26 ? -1.206  -16.348 -1.167  1.00 26.00 ? 26  GLY A N   1 
ATOM   169 C CA  . GLY A 1 26 ? -0.013  -17.155 -0.927  1.00 21.32 ? 26  GLY A CA  1 
ATOM   170 C C   . GLY A 1 26 ? 1.219   -16.283 -0.729  1.00 22.66 ? 26  GLY A C   1 
ATOM   171 O O   . GLY A 1 26 ? 2.359   -16.698 -0.990  1.00 24.05 ? 26  GLY A O   1 
ATOM   172 N N   . LEU A 1 27 ? 0.980   -15.064 -0.255  1.00 19.35 ? 27  LEU A N   1 
ATOM   173 C CA  . LEU A 1 27 ? 2.046   -14.081 -0.039  1.00 19.32 ? 27  LEU A CA  1 
ATOM   174 C C   . LEU A 1 27 ? 2.271   -13.829 1.437   1.00 18.86 ? 27  LEU A C   1 
ATOM   175 O O   . LEU A 1 27 ? 1.380   -14.067 2.252   1.00 22.54 ? 27  LEU A O   1 
ATOM   176 C CB  . LEU A 1 27 ? 1.696   -12.746 -0.720  1.00 18.32 ? 27  LEU A CB  1 
ATOM   177 C CG  . LEU A 1 27 ? 1.382   -12.776 -2.224  1.00 18.56 ? 27  LEU A CG  1 
ATOM   178 C CD1 . LEU A 1 27 ? 1.029   -11.365 -2.690  1.00 24.76 ? 27  LEU A CD1 1 
ATOM   179 C CD2 . LEU A 1 27 ? 2.552   -13.324 -3.020  1.00 24.32 ? 27  LEU A CD2 1 
ATOM   180 N N   . ASN A 1 28 ? 3.442   -13.314 1.793   1.00 17.26 ? 28  ASN A N   1 
ATOM   181 C CA  . ASN A 1 28 ? 3.589   -12.792 3.146   1.00 17.69 ? 28  ASN A CA  1 
ATOM   182 C C   . ASN A 1 28 ? 3.264   -11.298 3.161   1.00 19.16 ? 28  ASN A C   1 
ATOM   183 O O   . ASN A 1 28 ? 3.035   -10.681 2.106   1.00 18.63 ? 28  ASN A O   1 
ATOM   184 C CB  . ASN A 1 28 ? 4.992   -13.055 3.713   1.00 17.33 ? 28  ASN A CB  1 
ATOM   185 C CG  . ASN A 1 28 ? 6.103   -12.530 2.817   1.00 22.43 ? 28  ASN A CG  1 
ATOM   186 O OD1 . ASN A 1 28 ? 6.091   -11.368 2.413   1.00 20.44 ? 28  ASN A OD1 1 
ATOM   187 N ND2 . ASN A 1 28 ? 7.096   -13.376 2.536   1.00 19.77 ? 28  ASN A ND2 1 
ATOM   188 N N   . ARG A 1 29 ? 3.230   -10.719 4.350   1.00 16.82 ? 29  ARG A N   1 
ATOM   189 C CA  . ARG A 1 29 ? 2.788   -9.335  4.484   1.00 21.30 ? 29  ARG A CA  1 
ATOM   190 C C   . ARG A 1 29 ? 3.625   -8.354  3.657   1.00 19.96 ? 29  ARG A C   1 
ATOM   191 O O   . ARG A 1 29 ? 3.077   -7.461  3.010   1.00 18.31 ? 29  ARG A O   1 
ATOM   192 C CB  . ARG A 1 29 ? 2.811   -8.910  5.947   1.00 27.34 ? 29  ARG A CB  1 
ATOM   193 C CG  . ARG A 1 29 ? 2.318   -7.478  6.141   1.00 26.81 ? 29  ARG A CG  1 
ATOM   194 C CD  . ARG A 1 29 ? 2.520   -7.010  7.562   1.00 27.96 ? 29  ARG A CD  1 
ATOM   195 N NE  . ARG A 1 29 ? 1.496   -7.525  8.463   1.00 26.98 ? 29  ARG A NE  1 
ATOM   196 C CZ  . ARG A 1 29 ? 1.555   -7.414  9.787   1.00 35.76 ? 29  ARG A CZ  1 
ATOM   197 N NH1 . ARG A 1 29 ? 2.595   -6.810  10.359  1.00 33.28 ? 29  ARG A NH1 1 
ATOM   198 N NH2 . ARG A 1 29 ? 0.581   -7.911  10.543  1.00 34.17 ? 29  ARG A NH2 1 
ATOM   199 N N   . SER A 1 30 ? 4.952   -8.505  3.678   1.00 18.93 ? 30  SER A N   1 
ATOM   200 C CA  . SER A 1 30 ? 5.810   -7.603  2.898   1.00 23.63 ? 30  SER A CA  1 
ATOM   201 C C   . SER A 1 30 ? 5.550   -7.652  1.392   1.00 19.33 ? 30  SER A C   1 
ATOM   202 O O   . SER A 1 30 ? 5.535   -6.605  0.730   1.00 17.55 ? 30  SER A O   1 
ATOM   203 C CB  . SER A 1 30 ? 7.294   -7.906  3.162   1.00 21.74 ? 30  SER A CB  1 
ATOM   204 O OG  . SER A 1 30 ? 7.657   -7.439  4.444   1.00 23.64 ? 30  SER A OG  1 
ATOM   205 N N   . GLU A 1 31 ? 5.376   -8.854  0.843   1.00 17.51 ? 31  GLU A N   1 
ATOM   206 C CA  . GLU A 1 31 ? 5.064   -9.016  -0.581  1.00 19.81 ? 31  GLU A CA  1 
ATOM   207 C C   . GLU A 1 31 ? 3.717   -8.369  -0.963  1.00 21.15 ? 31  GLU A C   1 
ATOM   208 O O   . GLU A 1 31 ? 3.603   -7.712  -2.005  1.00 18.49 ? 31  GLU A O   1 
ATOM   209 C CB  . GLU A 1 31 ? 5.058   -10.514 -0.968  1.00 18.50 ? 31  GLU A CB  1 
ATOM   210 C CG  . GLU A 1 31 ? 6.434   -11.200 -0.848  1.00 22.39 ? 31  GLU A CG  1 
ATOM   211 C CD  . GLU A 1 31 ? 6.358   -12.728 -0.824  1.00 24.41 ? 31  GLU A CD  1 
ATOM   212 O OE1 . GLU A 1 31 ? 5.287   -13.274 -0.463  1.00 21.39 ? 31  GLU A OE1 1 
ATOM   213 O OE2 . GLU A 1 31 ? 7.378   -13.390 -1.161  1.00 26.43 ? 31  GLU A OE2 1 
ATOM   214 N N   . MET A 1 32 ? 2.699   -8.556  -0.127  1.00 16.93 ? 32  MET A N   1 
ATOM   215 C CA  . MET A 1 32 ? 1.377   -7.975  -0.403  1.00 16.44 ? 32  MET A CA  1 
ATOM   216 C C   . MET A 1 32 ? 1.438   -6.451  -0.324  1.00 16.82 ? 32  MET A C   1 
ATOM   217 O O   . MET A 1 32 ? 0.852   -5.746  -1.141  1.00 18.25 ? 32  MET A O   1 
ATOM   218 C CB  . MET A 1 32 ? 0.336   -8.508  0.585   1.00 19.77 ? 32  MET A CB  1 
ATOM   219 C CG  . MET A 1 32 ? -1.097  -8.051  0.299   1.00 18.81 ? 32  MET A CG  1 
ATOM   220 S SD  . MET A 1 32 ? -1.761  -8.737  -1.248  1.00 27.38 ? 32  MET A SD  1 
ATOM   221 C CE  . MET A 1 32 ? -2.613  -7.286  -1.846  1.00 27.61 ? 32  MET A CE  1 
ATOM   222 N N   . ILE A 1 33 ? 2.178   -5.942  0.653   1.00 15.83 ? 33  ILE A N   1 
ATOM   223 C CA  . ILE A 1 33 ? 2.311   -4.495  0.775   1.00 15.43 ? 33  ILE A CA  1 
ATOM   224 C C   . ILE A 1 33 ? 3.062   -3.939  -0.448  1.00 17.32 ? 33  ILE A C   1 
ATOM   225 O O   . ILE A 1 33 ? 2.688   -2.903  -1.013  1.00 17.80 ? 33  ILE A O   1 
ATOM   226 C CB  . ILE A 1 33 ? 3.009   -4.116  2.094   1.00 16.89 ? 33  ILE A CB  1 
ATOM   227 C CG1 . ILE A 1 33 ? 2.044   -4.392  3.253   1.00 18.12 ? 33  ILE A CG1 1 
ATOM   228 C CG2 . ILE A 1 33 ? 3.443   -2.640  2.060   1.00 18.01 ? 33  ILE A CG2 1 
ATOM   229 C CD1 . ILE A 1 33 ? 2.572   -4.092  4.647   1.00 19.70 ? 33  ILE A CD1 1 
ATOM   230 N N   . GLU A 1 34 ? 4.094   -4.646  -0.885  1.00 17.56 ? 34  GLU A N   1 
ATOM   231 C CA  . GLU A 1 34 ? 4.823   -4.224  -2.084  1.00 18.45 ? 34  GLU A CA  1 
ATOM   232 C C   . GLU A 1 34 ? 3.909   -4.187  -3.308  1.00 19.48 ? 34  GLU A C   1 
ATOM   233 O O   . GLU A 1 34 ? 3.965   -3.244  -4.104  1.00 18.88 ? 34  GLU A O   1 
ATOM   234 C CB  . GLU A 1 34 ? 6.028   -5.136  -2.346  1.00 20.04 ? 34  GLU A CB  1 
ATOM   235 C CG  . GLU A 1 34 ? 6.855   -4.694  -3.562  1.00 21.29 ? 34  GLU A CG  1 
ATOM   236 C CD  . GLU A 1 34 ? 8.105   -5.535  -3.782  1.00 29.03 ? 34  GLU A CD  1 
ATOM   237 O OE1 . GLU A 1 34 ? 8.912   -5.673  -2.833  1.00 28.45 ? 34  GLU A OE1 1 
ATOM   238 O OE2 . GLU A 1 34 ? 8.284   -6.031  -4.914  1.00 30.02 ? 34  GLU A OE2 1 
ATOM   239 N N   . GLN A 1 35 ? 3.056   -5.194  -3.462  1.00 18.33 ? 35  GLN A N   1 
ATOM   240 C CA  . GLN A 1 35 ? 2.079   -5.170  -4.549  1.00 18.64 ? 35  GLN A CA  1 
ATOM   241 C C   . GLN A 1 35 ? 1.191   -3.924  -4.468  1.00 17.84 ? 35  GLN A C   1 
ATOM   242 O O   . GLN A 1 35 ? 0.946   -3.280  -5.486  1.00 17.25 ? 35  GLN A O   1 
ATOM   243 C CB  . GLN A 1 35 ? 1.203   -6.440  -4.541  1.00 20.36 ? 35  GLN A CB  1 
ATOM   244 C CG  . GLN A 1 35 ? -0.044  -6.348  -5.445  1.00 21.29 ? 35  GLN A CG  1 
ATOM   245 C CD  . GLN A 1 35 ? -0.905  -7.610  -5.422  1.00 23.89 ? 35  GLN A CD  1 
ATOM   246 O OE1 . GLN A 1 35 ? -0.394  -8.716  -5.532  1.00 25.93 ? 35  GLN A OE1 1 
ATOM   247 N NE2 . GLN A 1 35 ? -2.223  -7.436  -5.289  1.00 26.35 ? 35  GLN A NE2 1 
ATOM   248 N N   . ALA A 1 36 ? 0.708   -3.604  -3.266  1.00 18.34 ? 36  ALA A N   1 
ATOM   249 C CA  . ALA A 1 36 ? -0.145  -2.442  -3.035  1.00 16.88 ? 36  ALA A CA  1 
ATOM   250 C C   . ALA A 1 36 ? 0.581   -1.157  -3.429  1.00 17.94 ? 36  ALA A C   1 
ATOM   251 O O   . ALA A 1 36 ? -0.003  -0.276  -4.068  1.00 15.77 ? 36  ALA A O   1 
ATOM   252 C CB  . ALA A 1 36 ? -0.568  -2.369  -1.570  1.00 19.93 ? 36  ALA A CB  1 
ATOM   253 N N   . LEU A 1 37 ? 1.857   -1.063  -3.056  1.00 15.86 ? 37  LEU A N   1 
ATOM   254 C CA  . LEU A 1 37 ? 2.647   0.146   -3.335  1.00 18.15 ? 37  LEU A CA  1 
ATOM   255 C C   . LEU A 1 37 ? 2.930   0.304   -4.829  1.00 19.90 ? 37  LEU A C   1 
ATOM   256 O O   . LEU A 1 37 ? 2.875   1.411   -5.369  1.00 19.47 ? 37  LEU A O   1 
ATOM   257 C CB  . LEU A 1 37 ? 3.970   0.125   -2.558  1.00 16.87 ? 37  LEU A CB  1 
ATOM   258 C CG  . LEU A 1 37 ? 3.934   0.038   -1.026  1.00 23.33 ? 37  LEU A CG  1 
ATOM   259 C CD1 . LEU A 1 37 ? 5.353   0.159   -0.445  1.00 21.95 ? 37  LEU A CD1 1 
ATOM   260 C CD2 . LEU A 1 37 ? 3.032   1.101   -0.446  1.00 23.20 ? 37  LEU A CD2 1 
ATOM   261 N N   . ARG A 1 38 ? 3.259   -0.798  -5.494  1.00 15.20 ? 38  ARG A N   1 
ATOM   262 C CA  . ARG A 1 38 ? 3.473   -0.800  -6.944  1.00 19.36 ? 38  ARG A CA  1 
ATOM   263 C C   . ARG A 1 38 ? 2.206   -0.351  -7.696  1.00 21.91 ? 38  ARG A C   1 
ATOM   264 O O   . ARG A 1 38 ? 2.256   0.478   -8.626  1.00 19.08 ? 38  ARG A O   1 
ATOM   265 C CB  . ARG A 1 38 ? 3.908   -2.195  -7.401  1.00 25.08 ? 38  ARG A CB  1 
ATOM   266 C CG  . ARG A 1 38 ? 4.270   -2.307  -8.871  1.00 38.25 ? 38  ARG A CG  1 
ATOM   267 C CD  . ARG A 1 38 ? 4.655   -3.743  -9.239  1.00 42.95 ? 38  ARG A CD  1 
ATOM   268 N NE  . ARG A 1 38 ? 5.930   -4.155  -8.646  1.00 48.51 ? 38  ARG A NE  1 
ATOM   269 C CZ  . ARG A 1 38 ? 7.126   -3.930  -9.192  1.00 48.16 ? 38  ARG A CZ  1 
ATOM   270 N NH1 . ARG A 1 38 ? 7.220   -3.287  -10.349 1.00 49.89 ? 38  ARG A NH1 1 
ATOM   271 N NH2 . ARG A 1 38 ? 8.230   -4.343  -8.579  1.00 47.41 ? 38  ARG A NH2 1 
ATOM   272 N N   . ASN A 1 39 ? 1.064   -0.881  -7.274  1.00 16.96 ? 39  ASN A N   1 
ATOM   273 C CA  . ASN A 1 39 ? -0.205  -0.531  -7.891  1.00 17.37 ? 39  ASN A CA  1 
ATOM   274 C C   . ASN A 1 39 ? -0.663  0.878   -7.547  1.00 18.09 ? 39  ASN A C   1 
ATOM   275 O O   . ASN A 1 39 ? -1.245  1.545   -8.392  1.00 17.74 ? 39  ASN A O   1 
ATOM   276 C CB  . ASN A 1 39 ? -1.290  -1.554  -7.507  1.00 16.92 ? 39  ASN A CB  1 
ATOM   277 C CG  . ASN A 1 39 ? -1.100  -2.889  -8.224  1.00 19.66 ? 39  ASN A CG  1 
ATOM   278 O OD1 . ASN A 1 39 ? -0.403  -2.960  -9.234  1.00 19.25 ? 39  ASN A OD1 1 
ATOM   279 N ND2 . ASN A 1 39 ? -1.727  -3.941  -7.715  1.00 18.69 ? 39  ASN A ND2 1 
ATOM   280 N N   . GLU A 1 40 ? -0.412  1.337   -6.322  1.00 17.48 ? 40  GLU A N   1 
ATOM   281 C CA  . GLU A 1 40 ? -0.801  2.693   -5.957  1.00 17.91 ? 40  GLU A CA  1 
ATOM   282 C C   . GLU A 1 40 ? -0.034  3.739   -6.774  1.00 18.25 ? 40  GLU A C   1 
ATOM   283 O O   . GLU A 1 40 ? -0.570  4.812   -7.076  1.00 16.85 ? 40  GLU A O   1 
ATOM   284 C CB  . GLU A 1 40 ? -0.589  2.942   -4.458  1.00 17.32 ? 40  GLU A CB  1 
ATOM   285 C CG  . GLU A 1 40 ? -1.160  4.295   -3.954  1.00 20.14 ? 40  GLU A CG  1 
ATOM   286 C CD  . GLU A 1 40 ? -2.689  4.419   -4.086  1.00 23.43 ? 40  GLU A CD  1 
ATOM   287 O OE1 . GLU A 1 40 ? -3.380  3.390   -4.217  1.00 20.19 ? 40  GLU A OE1 1 
ATOM   288 O OE2 . GLU A 1 40 ? -3.198  5.562   -4.068  1.00 25.44 ? 40  GLU A OE2 1 
ATOM   289 N N   . HIS A 1 41 ? 1.201   3.419   -7.143  1.00 17.25 ? 41  HIS A N   1 
ATOM   290 C CA  . HIS A 1 41 ? 1.991   4.311   -7.994  1.00 20.20 ? 41  HIS A CA  1 
ATOM   291 C C   . HIS A 1 41 ? 1.278   4.563   -9.328  1.00 21.30 ? 41  HIS A C   1 
ATOM   292 O O   . HIS A 1 41 ? 1.355   5.665   -9.888  1.00 21.42 ? 41  HIS A O   1 
ATOM   293 C CB  . HIS A 1 41 ? 3.387   3.739   -8.244  1.00 20.94 ? 41  HIS A CB  1 
ATOM   294 C CG  . HIS A 1 41 ? 4.248   4.625   -9.085  1.00 22.55 ? 41  HIS A CG  1 
ATOM   295 N ND1 . HIS A 1 41 ? 4.609   5.893   -8.690  1.00 26.21 ? 41  HIS A ND1 1 
ATOM   296 C CD2 . HIS A 1 41 ? 4.798   4.435   -10.309 1.00 31.28 ? 41  HIS A CD2 1 
ATOM   297 C CE1 . HIS A 1 41 ? 5.353   6.449   -9.634  1.00 31.07 ? 41  HIS A CE1 1 
ATOM   298 N NE2 . HIS A 1 41 ? 5.483   5.585   -10.623 1.00 32.40 ? 41  HIS A NE2 1 
ATOM   299 N N   . LEU A 1 42 ? 0.575   3.547   -9.826  1.00 18.76 ? 42  LEU A N   1 
ATOM   300 C CA  . LEU A 1 42 ? -0.224  3.689   -11.040 1.00 17.12 ? 42  LEU A CA  1 
ATOM   301 C C   . LEU A 1 42 ? -1.527  4.428   -10.749 1.00 18.37 ? 42  LEU A C   1 
ATOM   302 O O   . LEU A 1 42 ? -1.931  5.333   -11.500 1.00 19.43 ? 42  LEU A O   1 
ATOM   303 C CB  . LEU A 1 42 ? -0.519  2.306   -11.651 1.00 17.96 ? 42  LEU A CB  1 
ATOM   304 C CG  . LEU A 1 42 ? 0.705   1.597   -12.238 1.00 18.01 ? 42  LEU A CG  1 
ATOM   305 C CD1 . LEU A 1 42 ? 0.415   0.108   -12.458 1.00 18.95 ? 42  LEU A CD1 1 
ATOM   306 C CD2 . LEU A 1 42 ? 1.126   2.256   -13.533 1.00 23.42 ? 42  LEU A CD2 1 
ATOM   307 N N   . ARG A 1 43 ? -2.188  4.052   -9.659  1.00 16.54 ? 43  ARG A N   1 
ATOM   308 C CA  . ARG A 1 43 ? -3.476  4.666   -9.323  1.00 18.49 ? 43  ARG A CA  1 
ATOM   309 C C   . ARG A 1 43 ? -3.390  6.182   -9.105  1.00 19.23 ? 43  ARG A C   1 
ATOM   310 O O   . ARG A 1 43 ? -4.325  6.908   -9.451  1.00 18.51 ? 43  ARG A O   1 
ATOM   311 C CB  . ARG A 1 43 ? -4.084  4.003   -8.082  1.00 17.65 ? 43  ARG A CB  1 
ATOM   312 C CG  . ARG A 1 43 ? -4.679  2.627   -8.372  1.00 17.27 ? 43  ARG A CG  1 
ATOM   313 C CD  . ARG A 1 43 ? -5.470  2.108   -7.166  1.00 22.91 ? 43  ARG A CD  1 
ATOM   314 N NE  . ARG A 1 43 ? -4.589  1.736   -6.065  1.00 20.45 ? 43  ARG A NE  1 
ATOM   315 C CZ  . ARG A 1 43 ? -4.229  0.483   -5.796  1.00 20.82 ? 43  ARG A CZ  1 
ATOM   316 N NH1 . ARG A 1 43 ? -4.680  -0.517  -6.541  1.00 17.61 ? 43  ARG A NH1 1 
ATOM   317 N NH2 . ARG A 1 43 ? -3.428  0.225   -4.773  1.00 20.74 ? 43  ARG A NH2 1 
ATOM   318 N N   . VAL A 1 44 ? -2.289  6.683   -8.553  1.00 16.81 ? 44  VAL A N   1 
ATOM   319 C CA  . VAL A 1 44 ? -2.241  8.125   -8.300  1.00 19.08 ? 44  VAL A CA  1 
ATOM   320 C C   . VAL A 1 44 ? -2.116  8.918   -9.607  1.00 19.58 ? 44  VAL A C   1 
ATOM   321 O O   . VAL A 1 44 ? -2.339  10.137  -9.628  1.00 20.40 ? 44  VAL A O   1 
ATOM   322 C CB  . VAL A 1 44 ? -1.091  8.540   -7.347  1.00 24.96 ? 44  VAL A CB  1 
ATOM   323 C CG1 . VAL A 1 44 ? -1.344  8.025   -5.912  1.00 23.14 ? 44  VAL A CG1 1 
ATOM   324 C CG2 . VAL A 1 44 ? 0.257   8.107   -7.891  1.00 24.44 ? 44  VAL A CG2 1 
ATOM   325 N N   . ALA A 1 45 ? -1.782  8.229   -10.696 1.00 18.33 ? 45  ALA A N   1 
ATOM   326 C CA  . ALA A 1 45 ? -1.718  8.870   -12.009 1.00 21.33 ? 45  ALA A CA  1 
ATOM   327 C C   . ALA A 1 45 ? -3.074  8.870   -12.739 1.00 20.04 ? 45  ALA A C   1 
ATOM   328 O O   . ALA A 1 45 ? -3.192  9.438   -13.821 1.00 18.91 ? 45  ALA A O   1 
ATOM   329 C CB  . ALA A 1 45 ? -0.657  8.193   -12.878 1.00 23.07 ? 45  ALA A CB  1 
ATOM   330 N N   . LEU A 1 46 ? -4.085  8.214   -12.175 1.00 17.69 ? 46  LEU A N   1 
ATOM   331 C CA  . LEU A 1 46 ? -5.414  8.191   -12.798 1.00 16.19 ? 46  LEU A CA  1 
ATOM   332 C C   . LEU A 1 46 ? -5.998  9.604   -12.786 1.00 22.03 ? 46  LEU A C   1 
ATOM   333 O O   . LEU A 1 46 ? -5.754  10.374  -11.860 1.00 22.29 ? 46  LEU A O   1 
ATOM   334 C CB  . LEU A 1 46 ? -6.368  7.224   -12.083 1.00 18.71 ? 46  LEU A CB  1 
ATOM   335 C CG  . LEU A 1 46 ? -6.014  5.731   -12.092 1.00 18.25 ? 46  LEU A CG  1 
ATOM   336 C CD1 . LEU A 1 46 ? -6.768  4.982   -10.998 1.00 26.07 ? 46  LEU A CD1 1 
ATOM   337 C CD2 . LEU A 1 46 ? -6.323  5.134   -13.459 1.00 21.14 ? 46  LEU A CD2 1 
ATOM   338 N N   . ARG A 1 47 ? -6.768  9.952   -13.808 1.00 21.63 ? 47  ARG A N   1 
ATOM   339 C CA  . ARG A 1 47 ? -7.280  11.317  -13.850 1.00 26.83 ? 47  ARG A CA  1 
ATOM   340 C C   . ARG A 1 47 ? -8.776  11.401  -14.096 1.00 27.61 ? 47  ARG A C   1 
ATOM   341 O O   . ARG A 1 47 ? -9.381  10.520  -14.711 1.00 24.08 ? 47  ARG A O   1 
ATOM   342 C CB  . ARG A 1 47 ? -6.531  12.118  -14.915 1.00 30.12 ? 47  ARG A CB  1 
ATOM   343 C CG  . ARG A 1 47 ? -5.119  12.508  -14.495 1.00 32.81 ? 47  ARG A CG  1 
ATOM   344 C CD  . ARG A 1 47 ? -5.137  13.316  -13.205 1.00 32.48 ? 47  ARG A CD  1 
ATOM   345 N NE  . ARG A 1 47 ? -3.816  13.836  -12.866 1.00 41.68 ? 47  ARG A NE  1 
ATOM   346 C CZ  . ARG A 1 47 ? -2.973  13.257  -12.013 1.00 44.23 ? 47  ARG A CZ  1 
ATOM   347 N NH1 . ARG A 1 47 ? -3.312  12.135  -11.385 1.00 27.63 ? 47  ARG A NH1 1 
ATOM   348 N NH2 . ARG A 1 47 ? -1.792  13.813  -11.774 1.00 46.18 ? 47  ARG A NH2 1 
ATOM   349 N N   . ASP A 1 48 ? -9.359  12.478  -13.585 1.00 28.84 ? 48  ASP A N   1 
ATOM   350 C CA  . ASP A 1 48 ? -10.741 12.816  -13.851 1.00 33.12 ? 48  ASP A CA  1 
ATOM   351 C C   . ASP A 1 48 ? -10.800 14.099  -14.656 1.00 36.35 ? 48  ASP A C   1 
ATOM   352 O O   . ASP A 1 48 ? -10.400 15.158  -14.176 1.00 41.48 ? 48  ASP A O   1 
ATOM   353 C CB  . ASP A 1 48 ? -11.521 12.973  -12.549 1.00 35.74 ? 48  ASP A CB  1 
ATOM   354 C CG  . ASP A 1 48 ? -11.507 11.715  -11.717 1.00 36.31 ? 48  ASP A CG  1 
ATOM   355 O OD1 . ASP A 1 48 ? -12.208 10.750  -12.100 1.00 43.15 ? 48  ASP A OD1 1 
ATOM   356 O OD2 . ASP A 1 48 ? -10.789 11.684  -10.693 1.00 42.09 ? 48  ASP A OD2 1 
ATOM   357 N N   . TYR A 1 49 ? -11.264 13.994  -15.891 1.00 30.40 ? 49  TYR A N   1 
ATOM   358 C CA  . TYR A 1 49 ? -11.533 15.172  -16.698 1.00 36.76 ? 49  TYR A CA  1 
ATOM   359 C C   . TYR A 1 49 ? -12.726 15.939  -16.099 1.00 41.81 ? 49  TYR A C   1 
ATOM   360 O O   . TYR A 1 49 ? -13.633 15.338  -15.506 1.00 38.94 ? 49  TYR A O   1 
ATOM   361 C CB  . TYR A 1 49 ? -11.835 14.781  -18.146 1.00 37.70 ? 49  TYR A CB  1 
ATOM   362 C CG  . TYR A 1 49 ? -10.669 14.286  -18.984 1.00 33.18 ? 49  TYR A CG  1 
ATOM   363 C CD1 . TYR A 1 49 ? -9.448  13.921  -18.411 1.00 35.66 ? 49  TYR A CD1 1 
ATOM   364 C CD2 . TYR A 1 49 ? -10.797 14.195  -20.367 1.00 32.68 ? 49  TYR A CD2 1 
ATOM   365 C CE1 . TYR A 1 49 ? -8.387  13.472  -19.209 1.00 38.34 ? 49  TYR A CE1 1 
ATOM   366 C CE2 . TYR A 1 49 ? -9.752  13.760  -21.167 1.00 35.19 ? 49  TYR A CE2 1 
ATOM   367 C CZ  . TYR A 1 49 ? -8.551  13.399  -20.591 1.00 36.91 ? 49  TYR A CZ  1 
ATOM   368 O OH  . TYR A 1 49 ? -7.524  12.966  -21.414 1.00 38.77 ? 49  TYR A OH  1 
ATOM   369 N N   . THR A 1 50 ? -12.722 17.262  -16.241 1.00 44.85 ? 50  THR A N   1 
ATOM   370 C CA  . THR A 1 50 ? -13.844 18.092  -15.797 1.00 49.07 ? 50  THR A CA  1 
ATOM   371 C C   . THR A 1 50 ? -14.020 19.315  -16.697 1.00 53.13 ? 50  THR A C   1 
ATOM   372 O O   . THR A 1 50 ? -13.032 19.856  -17.203 1.00 54.63 ? 50  THR A O   1 
ATOM   373 C CB  . THR A 1 50 ? -13.666 18.600  -14.343 1.00 53.81 ? 50  THR A CB  1 
ATOM   374 O OG1 . THR A 1 50 ? -12.464 19.377  -14.251 1.00 57.00 ? 50  THR A OG1 1 
ATOM   375 C CG2 . THR A 1 50 ? -13.621 17.456  -13.336 1.00 53.14 ? 50  THR A CG2 1 
ATOM   376 N N   . ALA A 1 51 ? -15.276 19.727  -16.883 1.00 48.67 ? 51  ALA A N   1 
ATOM   377 C CA  . ALA A 1 51 ? -15.651 21.014  -17.490 1.00 53.51 ? 51  ALA A CA  1 
ATOM   378 C C   . ALA A 1 51 ? -14.741 21.507  -18.620 1.00 56.82 ? 51  ALA A C   1 
ATOM   379 O O   . ALA A 1 51 ? -14.304 20.735  -19.474 1.00 63.49 ? 51  ALA A O   1 
ATOM   380 C CB  . ALA A 1 51 ? -15.728 22.082  -16.400 1.00 58.31 ? 51  ALA A CB  1 
ATOM   381 N N   . MET B 1 1  ? -10.069 4.623   16.257  1.00 81.29 ? 1   MET B N   1 
ATOM   382 C CA  . MET B 1 1  ? -9.281  3.619   15.552  1.00 74.26 ? 1   MET B CA  1 
ATOM   383 C C   . MET B 1 1  ? -7.839  3.597   16.036  1.00 66.29 ? 1   MET B C   1 
ATOM   384 O O   . MET B 1 1  ? -7.273  4.629   16.398  1.00 69.05 ? 1   MET B O   1 
ATOM   385 C CB  . MET B 1 1  ? -9.319  3.867   14.043  1.00 72.91 ? 1   MET B CB  1 
ATOM   386 C CG  . MET B 1 1  ? -10.307 2.982   13.303  1.00 79.09 ? 1   MET B CG  1 
ATOM   387 S SD  . MET B 1 1  ? -9.767  1.263   13.212  1.00 77.28 ? 1   MET B SD  1 
ATOM   388 C CE  . MET B 1 1  ? -11.344 0.419   13.175  1.00 77.18 ? 1   MET B CE  1 
ATOM   389 N N   . THR B 1 2  ? -7.252  2.407   16.036  1.00 58.65 ? 2   THR B N   1 
ATOM   390 C CA  . THR B 1 2  ? -5.882  2.227   16.484  1.00 53.09 ? 2   THR B CA  1 
ATOM   391 C C   . THR B 1 2  ? -4.938  2.033   15.296  1.00 45.94 ? 2   THR B C   1 
ATOM   392 O O   . THR B 1 2  ? -5.284  1.372   14.318  1.00 44.63 ? 2   THR B O   1 
ATOM   393 C CB  . THR B 1 2  ? -5.770  1.020   17.443  1.00 53.48 ? 2   THR B CB  1 
ATOM   394 O OG1 . THR B 1 2  ? -6.525  1.279   18.636  1.00 54.93 ? 2   THR B OG1 1 
ATOM   395 C CG2 . THR B 1 2  ? -4.331  0.763   17.817  1.00 45.50 ? 2   THR B CG2 1 
ATOM   396 N N   . LYS B 1 3  ? -3.756  2.632   15.375  1.00 42.97 ? 3   LYS B N   1 
ATOM   397 C CA  . LYS B 1 3  ? -2.721  2.389   14.386  1.00 41.82 ? 3   LYS B CA  1 
ATOM   398 C C   . LYS B 1 3  ? -1.635  1.513   14.989  1.00 43.63 ? 3   LYS B C   1 
ATOM   399 O O   . LYS B 1 3  ? -1.356  1.585   16.188  1.00 47.44 ? 3   LYS B O   1 
ATOM   400 C CB  . LYS B 1 3  ? -2.136  3.707   13.865  1.00 43.70 ? 3   LYS B CB  1 
ATOM   401 C CG  . LYS B 1 3  ? -3.125  4.545   13.060  1.00 43.67 ? 3   LYS B CG  1 
ATOM   402 C CD  . LYS B 1 3  ? -2.488  5.811   12.524  1.00 49.27 ? 3   LYS B CD  1 
ATOM   403 C CE  . LYS B 1 3  ? -3.493  6.659   11.757  1.00 52.65 ? 3   LYS B CE  1 
ATOM   404 N NZ  . LYS B 1 3  ? -4.013  5.968   10.545  1.00 56.77 ? 3   LYS B NZ  1 
ATOM   405 N N   . GLU B 1 4  ? -1.035  0.673   14.157  1.00 38.78 ? 4   GLU B N   1 
ATOM   406 C CA  . GLU B 1 4  ? 0.027   -0.223  14.593  1.00 39.27 ? 4   GLU B CA  1 
ATOM   407 C C   . GLU B 1 4  ? 1.320   0.103   13.855  1.00 42.02 ? 4   GLU B C   1 
ATOM   408 O O   . GLU B 1 4  ? 1.304   0.391   12.655  1.00 33.31 ? 4   GLU B O   1 
ATOM   409 C CB  . GLU B 1 4  ? -0.372  -1.682  14.359  1.00 40.80 ? 4   GLU B CB  1 
ATOM   410 C CG  . GLU B 1 4  ? 0.727   -2.704  14.654  1.00 48.46 ? 4   GLU B CG  1 
ATOM   411 C CD  . GLU B 1 4  ? 0.188   -4.121  14.775  1.00 56.54 ? 4   GLU B CD  1 
ATOM   412 O OE1 . GLU B 1 4  ? -1.049  -4.273  14.894  1.00 62.77 ? 4   GLU B OE1 1 
ATOM   413 O OE2 . GLU B 1 4  ? 0.996   -5.080  14.747  1.00 56.78 ? 4   GLU B OE2 1 
ATOM   414 N N   . LYS B 1 5  ? 2.436   0.072   14.576  1.00 35.91 ? 5   LYS B N   1 
ATOM   415 C CA  . LYS B 1 5  ? 3.735   0.335   13.970  1.00 37.16 ? 5   LYS B CA  1 
ATOM   416 C C   . LYS B 1 5  ? 4.373   -0.992  13.590  1.00 40.03 ? 5   LYS B C   1 
ATOM   417 O O   . LYS B 1 5  ? 4.587   -1.852  14.444  1.00 37.89 ? 5   LYS B O   1 
ATOM   418 C CB  . LYS B 1 5  ? 4.636   1.120   14.929  1.00 37.79 ? 5   LYS B CB  1 
ATOM   419 C CG  . LYS B 1 5  ? 5.906   1.689   14.293  1.00 41.21 ? 5   LYS B CG  1 
ATOM   420 C CD  . LYS B 1 5  ? 6.681   2.550   15.294  1.00 47.38 ? 5   LYS B CD  1 
ATOM   421 C CE  . LYS B 1 5  ? 7.980   3.098   14.710  1.00 56.26 ? 5   LYS B CE  1 
ATOM   422 N NZ  . LYS B 1 5  ? 8.865   3.707   15.753  1.00 54.98 ? 5   LYS B NZ  1 
ATOM   423 N N   . ILE B 1 6  ? 4.659   -1.168  12.304  1.00 33.90 ? 6   ILE B N   1 
ATOM   424 C CA  . ILE B 1 6  ? 5.203   -2.429  11.825  1.00 33.80 ? 6   ILE B CA  1 
ATOM   425 C C   . ILE B 1 6  ? 6.475   -2.210  11.038  1.00 35.57 ? 6   ILE B C   1 
ATOM   426 O O   . ILE B 1 6  ? 6.783   -1.093  10.635  1.00 34.43 ? 6   ILE B O   1 
ATOM   427 C CB  . ILE B 1 6  ? 4.203   -3.167  10.923  1.00 37.44 ? 6   ILE B CB  1 
ATOM   428 C CG1 . ILE B 1 6  ? 3.976   -2.371  9.632   1.00 34.05 ? 6   ILE B CG1 1 
ATOM   429 C CG2 . ILE B 1 6  ? 2.885   -3.385  11.647  1.00 37.00 ? 6   ILE B CG2 1 
ATOM   430 C CD1 . ILE B 1 6  ? 2.992   -3.014  8.688   1.00 33.60 ? 6   ILE B CD1 1 
ATOM   431 N N   . SER B 1 7  ? 7.206   -3.283  10.796  1.00 30.03 ? 7   SER B N   1 
ATOM   432 C CA  . SER B 1 7  ? 8.347   -3.199  9.912   1.00 37.27 ? 7   SER B CA  1 
ATOM   433 C C   . SER B 1 7  ? 8.086   -4.075  8.706   1.00 37.42 ? 7   SER B C   1 
ATOM   434 O O   . SER B 1 7  ? 7.580   -5.185  8.833   1.00 39.00 ? 7   SER B O   1 
ATOM   435 C CB  . SER B 1 7  ? 9.635   -3.612  10.625  1.00 43.26 ? 7   SER B CB  1 
ATOM   436 O OG  . SER B 1 7  ? 9.856   -4.999  10.502  1.00 51.22 ? 7   SER B OG  1 
ATOM   437 N N   . VAL B 1 8  ? 8.398   -3.556  7.525   1.00 27.58 ? 8   VAL B N   1 
ATOM   438 C CA  . VAL B 1 8  ? 8.199   -4.302  6.299   1.00 28.51 ? 8   VAL B CA  1 
ATOM   439 C C   . VAL B 1 8  ? 9.445   -4.201  5.436   1.00 27.69 ? 8   VAL B C   1 
ATOM   440 O O   . VAL B 1 8  ? 10.233  -3.276  5.571   1.00 30.06 ? 8   VAL B O   1 
ATOM   441 C CB  . VAL B 1 8  ? 6.971   -3.799  5.516   1.00 34.33 ? 8   VAL B CB  1 
ATOM   442 C CG1 . VAL B 1 8  ? 5.706   -3.992  6.338   1.00 40.01 ? 8   VAL B CG1 1 
ATOM   443 C CG2 . VAL B 1 8  ? 7.140   -2.342  5.153   1.00 35.30 ? 8   VAL B CG2 1 
ATOM   444 N N   . THR B 1 9  ? 9.622   -5.174  4.561   1.00 25.57 ? 9   THR B N   1 
ATOM   445 C CA  . THR B 1 9  ? 10.788  -5.219  3.704   1.00 30.93 ? 9   THR B CA  1 
ATOM   446 C C   . THR B 1 9  ? 10.329  -5.088  2.271   1.00 28.84 ? 9   THR B C   1 
ATOM   447 O O   . THR B 1 9  ? 9.599   -5.936  1.778   1.00 27.71 ? 9   THR B O   1 
ATOM   448 C CB  . THR B 1 9  ? 11.567  -6.524  3.901   1.00 31.89 ? 9   THR B CB  1 
ATOM   449 O OG1 . THR B 1 9  ? 12.048  -6.583  5.252   1.00 34.11 ? 9   THR B OG1 1 
ATOM   450 C CG2 . THR B 1 9  ? 12.725  -6.604  2.945   1.00 31.62 ? 9   THR B CG2 1 
ATOM   451 N N   . VAL B 1 10 ? 10.733  -4.020  1.594   1.00 27.58 ? 10  VAL B N   1 
ATOM   452 C CA  . VAL B 1 10 ? 10.201  -3.781  0.259   1.00 29.78 ? 10  VAL B CA  1 
ATOM   453 C C   . VAL B 1 10 ? 11.282  -3.404  -0.760  1.00 28.31 ? 10  VAL B C   1 
ATOM   454 O O   . VAL B 1 10 ? 12.327  -2.878  -0.405  1.00 28.47 ? 10  VAL B O   1 
ATOM   455 C CB  . VAL B 1 10 ? 9.106   -2.672  0.289   1.00 34.12 ? 10  VAL B CB  1 
ATOM   456 C CG1 . VAL B 1 10 ? 7.857   -3.167  1.037   1.00 30.73 ? 10  VAL B CG1 1 
ATOM   457 C CG2 . VAL B 1 10 ? 9.643   -1.414  0.937   1.00 30.10 ? 10  VAL B CG2 1 
ATOM   458 N N   . ASP B 1 11 ? 11.009  -3.719  -2.020  1.00 29.16 ? 11  ASP B N   1 
ATOM   459 C CA  . ASP B 1 11 ? 11.848  -3.340  -3.155  1.00 31.40 ? 11  ASP B CA  1 
ATOM   460 C C   . ASP B 1 11 ? 12.223  -1.860  -3.088  1.00 34.04 ? 11  ASP B C   1 
ATOM   461 O O   . ASP B 1 11 ? 11.354  -1.010  -2.917  1.00 28.89 ? 11  ASP B O   1 
ATOM   462 C CB  . ASP B 1 11 ? 11.104  -3.650  -4.452  1.00 30.13 ? 11  ASP B CB  1 
ATOM   463 C CG  . ASP B 1 11 ? 11.945  -3.418  -5.686  1.00 43.08 ? 11  ASP B CG  1 
ATOM   464 O OD1 . ASP B 1 11 ? 12.218  -2.243  -6.014  1.00 41.38 ? 11  ASP B OD1 1 
ATOM   465 O OD2 . ASP B 1 11 ? 12.318  -4.417  -6.337  1.00 46.68 ? 11  ASP B OD2 1 
ATOM   466 N N   . ALA B 1 12 ? 13.512  -1.559  -3.215  1.00 31.68 ? 12  ALA B N   1 
ATOM   467 C CA  . ALA B 1 12 ? 13.998  -0.181  -3.085  1.00 35.31 ? 12  ALA B CA  1 
ATOM   468 C C   . ALA B 1 12 ? 13.422  0.762   -4.147  1.00 22.68 ? 12  ALA B C   1 
ATOM   469 O O   . ALA B 1 12 ? 13.138  1.921   -3.864  1.00 27.24 ? 12  ALA B O   1 
ATOM   470 C CB  . ALA B 1 12 ? 15.521  -0.158  -3.139  1.00 37.41 ? 12  ALA B CB  1 
ATOM   471 N N   . ALA B 1 13 ? 13.282  0.269   -5.369  1.00 27.55 ? 13  ALA B N   1 
ATOM   472 C CA  . ALA B 1 13 ? 12.684  1.048   -6.443  1.00 30.58 ? 13  ALA B CA  1 
ATOM   473 C C   . ALA B 1 13 ? 11.204  1.329   -6.165  1.00 32.69 ? 13  ALA B C   1 
ATOM   474 O O   . ALA B 1 13 ? 10.714  2.421   -6.436  1.00 24.21 ? 13  ALA B O   1 
ATOM   475 C CB  . ALA B 1 13 ? 12.840  0.331   -7.760  1.00 33.79 ? 13  ALA B CB  1 
ATOM   476 N N   . VAL B 1 14 ? 10.489  0.337   -5.641  1.00 30.57 ? 14  VAL B N   1 
ATOM   477 C CA  . VAL B 1 14 ? 9.076   0.531   -5.323  1.00 25.44 ? 14  VAL B CA  1 
ATOM   478 C C   . VAL B 1 14 ? 8.943   1.580   -4.229  1.00 25.34 ? 14  VAL B C   1 
ATOM   479 O O   . VAL B 1 14 ? 8.068   2.441   -4.291  1.00 23.53 ? 14  VAL B O   1 
ATOM   480 C CB  . VAL B 1 14 ? 8.399   -0.786  -4.883  1.00 27.34 ? 14  VAL B CB  1 
ATOM   481 C CG1 . VAL B 1 14 ? 6.952   -0.530  -4.428  1.00 23.40 ? 14  VAL B CG1 1 
ATOM   482 C CG2 . VAL B 1 14 ? 8.433   -1.796  -6.027  1.00 28.24 ? 14  VAL B CG2 1 
ATOM   483 N N   . LEU B 1 15 ? 9.826   1.525   -3.239  1.00 23.45 ? 15  LEU B N   1 
ATOM   484 C CA  . LEU B 1 15 ? 9.750   2.454   -2.122  1.00 22.86 ? 15  LEU B CA  1 
ATOM   485 C C   . LEU B 1 15 ? 10.056  3.894   -2.568  1.00 25.36 ? 15  LEU B C   1 
ATOM   486 O O   . LEU B 1 15 ? 9.372   4.824   -2.158  1.00 23.32 ? 15  LEU B O   1 
ATOM   487 C CB  . LEU B 1 15 ? 10.702  2.031   -1.002  1.00 26.44 ? 15  LEU B CB  1 
ATOM   488 C CG  . LEU B 1 15 ? 10.753  2.896   0.259   1.00 32.95 ? 15  LEU B CG  1 
ATOM   489 C CD1 . LEU B 1 15 ? 9.358   3.140   0.827   1.00 30.73 ? 15  LEU B CD1 1 
ATOM   490 C CD2 . LEU B 1 15 ? 11.637  2.221   1.308   1.00 34.78 ? 15  LEU B CD2 1 
ATOM   491 N N   . ALA B 1 16 ? 11.082  4.057   -3.399  1.00 23.78 ? 16  ALA B N   1 
ATOM   492 C CA  . ALA B 1 16 ? 11.430  5.365   -3.963  1.00 28.13 ? 16  ALA B CA  1 
ATOM   493 C C   . ALA B 1 16 ? 10.249  5.993   -4.709  1.00 21.35 ? 16  ALA B C   1 
ATOM   494 O O   . ALA B 1 16 ? 9.964   7.183   -4.552  1.00 22.54 ? 16  ALA B O   1 
ATOM   495 C CB  . ALA B 1 16 ? 12.631  5.234   -4.905  1.00 21.82 ? 16  ALA B CB  1 
ATOM   496 N N   . ALA B 1 17 ? 9.569   5.190   -5.521  1.00 20.81 ? 17  ALA B N   1 
ATOM   497 C CA  . ALA B 1 17 ? 8.450   5.700   -6.313  1.00 20.47 ? 17  ALA B CA  1 
ATOM   498 C C   . ALA B 1 17 ? 7.306   6.170   -5.414  1.00 25.71 ? 17  ALA B C   1 
ATOM   499 O O   . ALA B 1 17 ? 6.719   7.227   -5.659  1.00 21.30 ? 17  ALA B O   1 
ATOM   500 C CB  . ALA B 1 17 ? 7.964   4.632   -7.308  1.00 25.46 ? 17  ALA B CB  1 
ATOM   501 N N   . ILE B 1 18 ? 6.985   5.400   -4.372  1.00 24.16 ? 18  ILE B N   1 
ATOM   502 C CA  . ILE B 1 18 ? 5.859   5.775   -3.508  1.00 23.28 ? 18  ILE B CA  1 
ATOM   503 C C   . ILE B 1 18 ? 6.247   6.968   -2.620  1.00 22.67 ? 18  ILE B C   1 
ATOM   504 O O   . ILE B 1 18 ? 5.404   7.816   -2.317  1.00 23.17 ? 18  ILE B O   1 
ATOM   505 C CB  . ILE B 1 18 ? 5.347   4.569   -2.655  1.00 27.18 ? 18  ILE B CB  1 
ATOM   506 C CG1 . ILE B 1 18 ? 3.879   4.765   -2.247  1.00 28.97 ? 18  ILE B CG1 1 
ATOM   507 C CG2 . ILE B 1 18 ? 6.203   4.334   -1.443  1.00 24.70 ? 18  ILE B CG2 1 
ATOM   508 C CD1 . ILE B 1 18 ? 2.899   4.708   -3.389  1.00 29.75 ? 18  ILE B CD1 1 
ATOM   509 N N   . ASP B 1 19 ? 7.520   7.058   -2.242  1.00 20.43 ? 19  ASP B N   1 
ATOM   510 C CA  . ASP B 1 19 ? 8.024   8.226   -1.516  1.00 22.95 ? 19  ASP B CA  1 
ATOM   511 C C   . ASP B 1 19 ? 7.860   9.474   -2.391  1.00 20.36 ? 19  ASP B C   1 
ATOM   512 O O   . ASP B 1 19 ? 7.474   10.533  -1.911  1.00 20.89 ? 19  ASP B O   1 
ATOM   513 C CB  . ASP B 1 19 ? 9.507   8.069   -1.132  1.00 26.08 ? 19  ASP B CB  1 
ATOM   514 C CG  . ASP B 1 19 ? 9.724   7.245   0.143   1.00 31.97 ? 19  ASP B CG  1 
ATOM   515 O OD1 . ASP B 1 19 ? 8.788   7.100   0.961   1.00 31.47 ? 19  ASP B OD1 1 
ATOM   516 O OD2 . ASP B 1 19 ? 10.853  6.747   0.330   1.00 32.36 ? 19  ASP B OD2 1 
ATOM   517 N N   . ALA B 1 20 ? 8.159   9.334   -3.674  1.00 19.24 ? 20  ALA B N   1 
ATOM   518 C CA  . ALA B 1 20 ? 8.006   10.454  -4.619  1.00 20.34 ? 20  ALA B CA  1 
ATOM   519 C C   . ALA B 1 20 ? 6.543   10.880  -4.715  1.00 21.14 ? 20  ALA B C   1 
ATOM   520 O O   . ALA B 1 20 ? 6.222   12.072  -4.715  1.00 21.20 ? 20  ALA B O   1 
ATOM   521 C CB  . ALA B 1 20 ? 8.547   10.072  -5.994  1.00 18.88 ? 20  ALA B CB  1 
ATOM   522 N N   . ASP B 1 21 ? 5.654   9.896   -4.779  1.00 22.62 ? 21  ASP B N   1 
ATOM   523 C CA  . ASP B 1 21 ? 4.218   10.161  -4.826  1.00 22.98 ? 21  ASP B CA  1 
ATOM   524 C C   . ASP B 1 21 ? 3.738   10.840  -3.550  1.00 23.05 ? 21  ASP B C   1 
ATOM   525 O O   . ASP B 1 21 ? 2.897   11.742  -3.596  1.00 24.01 ? 21  ASP B O   1 
ATOM   526 C CB  . ASP B 1 21 ? 3.437   8.863   -5.042  1.00 22.95 ? 21  ASP B CB  1 
ATOM   527 C CG  . ASP B 1 21 ? 3.677   8.252   -6.417  1.00 29.09 ? 21  ASP B CG  1 
ATOM   528 O OD1 . ASP B 1 21 ? 3.891   9.011   -7.404  1.00 25.53 ? 21  ASP B OD1 1 
ATOM   529 O OD2 . ASP B 1 21 ? 3.643   7.006   -6.506  1.00 31.20 ? 21  ASP B OD2 1 
ATOM   530 N N   . ALA B 1 22 ? 4.265   10.390  -2.416  1.00 22.77 ? 22  ALA B N   1 
ATOM   531 C CA  . ALA B 1 22 ? 3.935   10.989  -1.125  1.00 22.96 ? 22  ALA B CA  1 
ATOM   532 C C   . ALA B 1 22 ? 4.287   12.470  -1.134  1.00 25.78 ? 22  ALA B C   1 
ATOM   533 O O   . ALA B 1 22 ? 3.463   13.311  -0.760  1.00 22.86 ? 22  ALA B O   1 
ATOM   534 C CB  . ALA B 1 22 ? 4.661   10.273  0.013   1.00 23.06 ? 22  ALA B CB  1 
ATOM   535 N N   . ARG B 1 23 ? 5.503   12.788  -1.580  1.00 25.03 ? 23  ARG B N   1 
ATOM   536 C CA  . ARG B 1 23 ? 5.942   14.181  -1.613  1.00 24.20 ? 23  ARG B CA  1 
ATOM   537 C C   . ARG B 1 23 ? 5.020   15.004  -2.501  1.00 22.28 ? 23  ARG B C   1 
ATOM   538 O O   . ARG B 1 23 ? 4.609   16.094  -2.116  1.00 27.13 ? 23  ARG B O   1 
ATOM   539 C CB  . ARG B 1 23 ? 7.397   14.299  -2.091  1.00 24.35 ? 23  ARG B CB  1 
ATOM   540 C CG  . ARG B 1 23 ? 8.409   13.702  -1.116  1.00 25.04 ? 23  ARG B CG  1 
ATOM   541 C CD  . ARG B 1 23 ? 9.852   14.153  -1.412  1.00 23.76 ? 23  ARG B CD  1 
ATOM   542 N NE  . ARG B 1 23 ? 10.288  13.837  -2.779  1.00 21.20 ? 23  ARG B NE  1 
ATOM   543 C CZ  . ARG B 1 23 ? 10.722  12.647  -3.178  1.00 22.31 ? 23  ARG B CZ  1 
ATOM   544 N NH1 . ARG B 1 23 ? 10.750  11.631  -2.322  1.00 22.14 ? 23  ARG B NH1 1 
ATOM   545 N NH2 . ARG B 1 23 ? 11.109  12.464  -4.440  1.00 19.40 ? 23  ARG B NH2 1 
ATOM   546 N N   . ALA B 1 24 ? 4.679   14.471  -3.669  1.00 22.40 ? 24  ALA B N   1 
ATOM   547 C CA  . ALA B 1 24 ? 3.778   15.155  -4.591  1.00 26.74 ? 24  ALA B CA  1 
ATOM   548 C C   . ALA B 1 24 ? 2.431   15.419  -3.935  1.00 30.73 ? 24  ALA B C   1 
ATOM   549 O O   . ALA B 1 24 ? 1.806   16.452  -4.172  1.00 32.06 ? 24  ALA B O   1 
ATOM   550 C CB  . ALA B 1 24 ? 3.593   14.344  -5.868  1.00 23.02 ? 24  ALA B CB  1 
ATOM   551 N N   . ALA B 1 25 ? 1.986   14.482  -3.101  1.00 26.64 ? 25  ALA B N   1 
ATOM   552 C CA  . ALA B 1 25 ? 0.657   14.579  -2.506  1.00 28.27 ? 25  ALA B CA  1 
ATOM   553 C C   . ALA B 1 25 ? 0.685   15.311  -1.174  1.00 28.91 ? 25  ALA B C   1 
ATOM   554 O O   . ALA B 1 25 ? -0.357  15.526  -0.558  1.00 31.02 ? 25  ALA B O   1 
ATOM   555 C CB  . ALA B 1 25 ? 0.049   13.178  -2.332  1.00 29.07 ? 25  ALA B CB  1 
ATOM   556 N N   . GLY B 1 26 ? 1.874   15.690  -0.724  1.00 27.46 ? 26  GLY B N   1 
ATOM   557 C CA  . GLY B 1 26 ? 2.013   16.331  0.568   1.00 28.73 ? 26  GLY B CA  1 
ATOM   558 C C   . GLY B 1 26 ? 1.656   15.423  1.738   1.00 35.07 ? 26  GLY B C   1 
ATOM   559 O O   . GLY B 1 26 ? 1.153   15.890  2.760   1.00 34.16 ? 26  GLY B O   1 
ATOM   560 N N   . LEU B 1 27 ? 1.905   14.125  1.583   1.00 26.74 ? 27  LEU B N   1 
ATOM   561 C CA  . LEU B 1 27 ? 1.706   13.141  2.654   1.00 29.06 ? 27  LEU B CA  1 
ATOM   562 C C   . LEU B 1 27 ? 3.042   12.611  3.158   1.00 26.82 ? 27  LEU B C   1 
ATOM   563 O O   . LEU B 1 27 ? 4.023   12.636  2.421   1.00 28.47 ? 27  LEU B O   1 
ATOM   564 C CB  . LEU B 1 27 ? 0.865   11.967  2.149   1.00 27.62 ? 27  LEU B CB  1 
ATOM   565 C CG  . LEU B 1 27 ? -0.533  12.246  1.617   1.00 29.32 ? 27  LEU B CG  1 
ATOM   566 C CD1 . LEU B 1 27 ? -1.135  10.952  1.098   1.00 30.09 ? 27  LEU B CD1 1 
ATOM   567 C CD2 . LEU B 1 27 ? -1.399  12.841  2.727   1.00 33.87 ? 27  LEU B CD2 1 
ATOM   568 N N   . ASN B 1 28 ? 3.093   12.107  4.391   1.00 27.76 ? 28  ASN B N   1 
ATOM   569 C CA  . ASN B 1 28 ? 4.294   11.410  4.839   1.00 27.34 ? 28  ASN B CA  1 
ATOM   570 C C   . ASN B 1 28 ? 4.224   9.958   4.370   1.00 24.26 ? 28  ASN B C   1 
ATOM   571 O O   . ASN B 1 28 ? 3.221   9.547   3.780   1.00 22.83 ? 28  ASN B O   1 
ATOM   572 C CB  . ASN B 1 28 ? 4.474   11.506  6.363   1.00 27.45 ? 28  ASN B CB  1 
ATOM   573 C CG  . ASN B 1 28 ? 3.340   10.849  7.145   1.00 28.72 ? 28  ASN B CG  1 
ATOM   574 O OD1 . ASN B 1 28 ? 2.872   9.761   6.803   1.00 27.53 ? 28  ASN B OD1 1 
ATOM   575 N ND2 . ASN B 1 28 ? 2.897   11.514  8.208   1.00 32.25 ? 28  ASN B ND2 1 
ATOM   576 N N   . ARG B 1 29 ? 5.280   9.193   4.620   1.00 23.82 ? 29  ARG B N   1 
ATOM   577 C CA  . ARG B 1 29 ? 5.390   7.850   4.070   1.00 23.37 ? 29  ARG B CA  1 
ATOM   578 C C   . ARG B 1 29 ? 4.282   6.933   4.584   1.00 25.45 ? 29  ARG B C   1 
ATOM   579 O O   . ARG B 1 29 ? 3.667   6.197   3.808   1.00 21.89 ? 29  ARG B O   1 
ATOM   580 C CB  . ARG B 1 29 ? 6.757   7.260   4.392   1.00 25.80 ? 29  ARG B CB  1 
ATOM   581 C CG  . ARG B 1 29 ? 6.939   5.841   3.897   1.00 29.35 ? 29  ARG B CG  1 
ATOM   582 C CD  . ARG B 1 29 ? 8.274   5.304   4.342   1.00 29.98 ? 29  ARG B CD  1 
ATOM   583 N NE  . ARG B 1 29 ? 9.373   5.806   3.521   1.00 29.63 ? 29  ARG B NE  1 
ATOM   584 C CZ  . ARG B 1 29 ? 10.650  5.604   3.815   1.00 35.18 ? 29  ARG B CZ  1 
ATOM   585 N NH1 . ARG B 1 29 ? 10.973  4.933   4.915   1.00 31.91 ? 29  ARG B NH1 1 
ATOM   586 N NH2 . ARG B 1 29 ? 11.602  6.070   3.024   1.00 31.28 ? 29  ARG B NH2 1 
ATOM   587 N N   . SER B 1 30 ? 4.014   7.006   5.888   1.00 27.76 ? 30  SER B N   1 
ATOM   588 C CA  . SER B 1 30 ? 2.984   6.175   6.508   1.00 25.93 ? 30  SER B CA  1 
ATOM   589 C C   . SER B 1 30 ? 1.589   6.457   5.945   1.00 23.93 ? 30  SER B C   1 
ATOM   590 O O   . SER B 1 30 ? 0.820   5.528   5.704   1.00 21.74 ? 30  SER B O   1 
ATOM   591 C CB  . SER B 1 30 ? 2.987   6.371   8.029   1.00 29.54 ? 30  SER B CB  1 
ATOM   592 O OG  . SER B 1 30 ? 4.072   5.664   8.608   1.00 28.19 ? 30  SER B OG  1 
ATOM   593 N N   . GLU B 1 31 ? 1.266   7.730   5.744   1.00 23.37 ? 31  GLU B N   1 
ATOM   594 C CA  . GLU B 1 31 ? -0.040  8.114   5.207   1.00 24.14 ? 31  GLU B CA  1 
ATOM   595 C C   . GLU B 1 31 ? -0.236  7.601   3.787   1.00 21.44 ? 31  GLU B C   1 
ATOM   596 O O   . GLU B 1 31 ? -1.326  7.160   3.413   1.00 21.72 ? 31  GLU B O   1 
ATOM   597 C CB  . GLU B 1 31 ? -0.210  9.639   5.236   1.00 23.69 ? 31  GLU B CB  1 
ATOM   598 C CG  . GLU B 1 31 ? -0.294  10.226  6.646   1.00 29.17 ? 31  GLU B CG  1 
ATOM   599 C CD  . GLU B 1 31 ? -0.191  11.750  6.682   1.00 32.57 ? 31  GLU B CD  1 
ATOM   600 O OE1 . GLU B 1 31 ? 0.468   12.354  5.800   1.00 31.40 ? 31  GLU B OE1 1 
ATOM   601 O OE2 . GLU B 1 31 ? -0.759  12.347  7.620   1.00 38.45 ? 31  GLU B OE2 1 
ATOM   602 N N   . MET B 1 32 ? 0.820   7.677   2.988   1.00 20.13 ? 32  MET B N   1 
ATOM   603 C CA  . MET B 1 32 ? 0.726   7.262   1.599   1.00 20.79 ? 32  MET B CA  1 
ATOM   604 C C   . MET B 1 32 ? 0.621   5.745   1.522   1.00 21.31 ? 32  MET B C   1 
ATOM   605 O O   . MET B 1 32 ? -0.106  5.200   0.703   1.00 18.93 ? 32  MET B O   1 
ATOM   606 C CB  . MET B 1 32 ? 1.939   7.756   0.808   1.00 23.65 ? 32  MET B CB  1 
ATOM   607 C CG  . MET B 1 32 ? 1.963   7.291   -0.662  1.00 25.94 ? 32  MET B CG  1 
ATOM   608 S SD  . MET B 1 32 ? 0.513   7.767   -1.652  1.00 44.25 ? 32  MET B SD  1 
ATOM   609 C CE  . MET B 1 32 ? 0.776   9.506   -1.720  1.00 28.32 ? 32  MET B CE  1 
ATOM   610 N N   . ILE B 1 33 ? 1.352   5.063   2.396   1.00 19.25 ? 33  ILE B N   1 
ATOM   611 C CA  . ILE B 1 33 ? 1.336   3.607   2.403   1.00 17.14 ? 33  ILE B CA  1 
ATOM   612 C C   . ILE B 1 33 ? -0.040  3.128   2.842   1.00 18.42 ? 33  ILE B C   1 
ATOM   613 O O   . ILE B 1 33 ? -0.593  2.199   2.253   1.00 18.65 ? 33  ILE B O   1 
ATOM   614 C CB  . ILE B 1 33 ? 2.462   3.040   3.291   1.00 17.48 ? 33  ILE B CB  1 
ATOM   615 C CG1 . ILE B 1 33 ? 3.788   3.185   2.526   1.00 20.40 ? 33  ILE B CG1 1 
ATOM   616 C CG2 . ILE B 1 33 ? 2.204   1.568   3.640   1.00 19.26 ? 33  ILE B CG2 1 
ATOM   617 C CD1 . ILE B 1 33 ? 5.013   2.660   3.219   1.00 26.36 ? 33  ILE B CD1 1 
ATOM   618 N N   . GLU B 1 34 ? -0.618  3.789   3.835   1.00 20.60 ? 34  GLU B N   1 
ATOM   619 C CA  . GLU B 1 34 ? -1.974  3.429   4.260   1.00 18.41 ? 34  GLU B CA  1 
ATOM   620 C C   . GLU B 1 34 ? -2.987  3.641   3.143   1.00 20.90 ? 34  GLU B C   1 
ATOM   621 O O   . GLU B 1 34 ? -3.890  2.830   2.952   1.00 20.84 ? 34  GLU B O   1 
ATOM   622 C CB  . GLU B 1 34 ? -2.396  4.231   5.491   1.00 20.65 ? 34  GLU B CB  1 
ATOM   623 C CG  . GLU B 1 34 ? -3.747  3.786   6.036   1.00 29.75 ? 34  GLU B CG  1 
ATOM   624 C CD  . GLU B 1 34 ? -4.097  4.425   7.373   1.00 41.65 ? 34  GLU B CD  1 
ATOM   625 O OE1 . GLU B 1 34 ? -3.323  4.257   8.346   1.00 33.69 ? 34  GLU B OE1 1 
ATOM   626 O OE2 . GLU B 1 34 ? -5.153  5.093   7.442   1.00 43.74 ? 34  GLU B OE2 1 
ATOM   627 N N   . GLN B 1 35 ? -2.853  4.746   2.416   1.00 20.12 ? 35  GLN B N   1 
ATOM   628 C CA  . GLN B 1 35 ? -3.681  4.956   1.234   1.00 21.39 ? 35  GLN B CA  1 
ATOM   629 C C   . GLN B 1 35 ? -3.525  3.807   0.228   1.00 19.40 ? 35  GLN B C   1 
ATOM   630 O O   . GLN B 1 35 ? -4.509  3.266   -0.289  1.00 19.39 ? 35  GLN B O   1 
ATOM   631 C CB  . GLN B 1 35 ? -3.335  6.293   0.572   1.00 21.52 ? 35  GLN B CB  1 
ATOM   632 C CG  . GLN B 1 35 ? -4.115  6.554   -0.700  1.00 25.80 ? 35  GLN B CG  1 
ATOM   633 C CD  . GLN B 1 35 ? -3.833  7.934   -1.270  1.00 27.90 ? 35  GLN B CD  1 
ATOM   634 O OE1 . GLN B 1 35 ? -4.071  8.948   -0.611  1.00 28.54 ? 35  GLN B OE1 1 
ATOM   635 N NE2 . GLN B 1 35 ? -3.327  7.978   -2.497  1.00 26.67 ? 35  GLN B NE2 1 
ATOM   636 N N   . ALA B 1 36 ? -2.284  3.439   -0.060  1.00 16.49 ? 36  ALA B N   1 
ATOM   637 C CA  . ALA B 1 36 ? -2.014  2.310   -0.959  1.00 16.12 ? 36  ALA B CA  1 
ATOM   638 C C   . ALA B 1 36 ? -2.726  1.033   -0.503  1.00 16.51 ? 36  ALA B C   1 
ATOM   639 O O   . ALA B 1 36 ? -3.324  0.311   -1.300  1.00 17.12 ? 36  ALA B O   1 
ATOM   640 C CB  . ALA B 1 36 ? -0.515  2.056   -1.053  1.00 15.70 ? 36  ALA B CB  1 
ATOM   641 N N   . LEU B 1 37 ? -2.642  0.749   0.784   1.00 17.49 ? 37  LEU B N   1 
ATOM   642 C CA  . LEU B 1 37 ? -3.239  -0.474  1.325   1.00 14.94 ? 37  LEU B CA  1 
ATOM   643 C C   . LEU B 1 37 ? -4.773  -0.455  1.275   1.00 16.09 ? 37  LEU B C   1 
ATOM   644 O O   . LEU B 1 37 ? -5.406  -1.455  0.922   1.00 18.52 ? 37  LEU B O   1 
ATOM   645 C CB  . LEU B 1 37 ? -2.768  -0.676  2.770   1.00 16.88 ? 37  LEU B CB  1 
ATOM   646 C CG  . LEU B 1 37 ? -1.253  -0.791  2.948   1.00 21.13 ? 37  LEU B CG  1 
ATOM   647 C CD1 . LEU B 1 37 ? -0.913  -1.137  4.394   1.00 20.46 ? 37  LEU B CD1 1 
ATOM   648 C CD2 . LEU B 1 37 ? -0.684  -1.811  1.991   1.00 18.87 ? 37  LEU B CD2 1 
ATOM   649 N N   . ARG B 1 38 ? -5.370  0.669   1.655   1.00 19.22 ? 38  ARG B N   1 
ATOM   650 C CA  . ARG B 1 38 ? -6.823  0.825   1.553   1.00 17.89 ? 38  ARG B CA  1 
ATOM   651 C C   . ARG B 1 38 ? -7.310  0.564   0.127   1.00 18.81 ? 38  ARG B C   1 
ATOM   652 O O   . ARG B 1 38 ? -8.256  -0.190  -0.093  1.00 19.33 ? 38  ARG B O   1 
ATOM   653 C CB  . ARG B 1 38 ? -7.247  2.226   1.991   1.00 20.14 ? 38  ARG B CB  1 
ATOM   654 C CG  . ARG B 1 38 ? -7.196  2.465   3.490   1.00 28.01 ? 38  ARG B CG  1 
ATOM   655 C CD  . ARG B 1 38 ? -7.949  3.750   3.844   1.00 31.47 ? 38  ARG B CD  1 
ATOM   656 N NE  . ARG B 1 38 ? -7.057  4.798   4.337   1.00 46.79 ? 38  ARG B NE  1 
ATOM   657 C CZ  . ARG B 1 38 ? -6.628  5.835   3.616   1.00 47.02 ? 38  ARG B CZ  1 
ATOM   658 N NH1 . ARG B 1 38 ? -7.011  5.982   2.354   1.00 47.83 ? 38  ARG B NH1 1 
ATOM   659 N NH2 . ARG B 1 38 ? -5.813  6.732   4.163   1.00 51.52 ? 38  ARG B NH2 1 
ATOM   660 N N   . ASN B 1 39 ? -6.667  1.209   -0.846  1.00 19.25 ? 39  ASN B N   1 
ATOM   661 C CA  . ASN B 1 39 ? -7.062  1.041   -2.239  1.00 18.63 ? 39  ASN B CA  1 
ATOM   662 C C   . ASN B 1 39 ? -6.793  -0.361  -2.737  1.00 17.16 ? 39  ASN B C   1 
ATOM   663 O O   . ASN B 1 39 ? -7.569  -0.905  -3.514  1.00 18.04 ? 39  ASN B O   1 
ATOM   664 C CB  . ASN B 1 39 ? -6.343  2.057   -3.139  1.00 22.81 ? 39  ASN B CB  1 
ATOM   665 C CG  . ASN B 1 39 ? -6.771  3.486   -2.848  1.00 29.21 ? 39  ASN B CG  1 
ATOM   666 O OD1 . ASN B 1 39 ? -7.822  3.721   -2.241  1.00 27.78 ? 39  ASN B OD1 1 
ATOM   667 N ND2 . ASN B 1 39 ? -5.960  4.444   -3.267  1.00 25.12 ? 39  ASN B ND2 1 
ATOM   668 N N   . GLU B 1 40 ? -5.681  -0.955  -2.321  1.00 16.86 ? 40  GLU B N   1 
ATOM   669 C CA  . GLU B 1 40 ? -5.399  -2.296  -2.827  1.00 16.98 ? 40  GLU B CA  1 
ATOM   670 C C   . GLU B 1 40 ? -6.384  -3.308  -2.238  1.00 16.00 ? 40  GLU B C   1 
ATOM   671 O O   . GLU B 1 40 ? -6.759  -4.271  -2.905  1.00 18.21 ? 40  GLU B O   1 
ATOM   672 C CB  . GLU B 1 40 ? -3.965  -2.734  -2.507  1.00 17.29 ? 40  GLU B CB  1 
ATOM   673 C CG  . GLU B 1 40 ? -3.550  -4.009  -3.240  1.00 18.53 ? 40  GLU B CG  1 
ATOM   674 C CD  . GLU B 1 40 ? -3.453  -3.829  -4.751  1.00 22.63 ? 40  GLU B CD  1 
ATOM   675 O OE1 . GLU B 1 40 ? -3.350  -2.671  -5.230  1.00 20.66 ? 40  GLU B OE1 1 
ATOM   676 O OE2 . GLU B 1 40 ? -3.492  -4.854  -5.468  1.00 24.18 ? 40  GLU B OE2 1 
ATOM   677 N N   . HIS B 1 41 ? -6.783  -3.107  -0.984  1.00 17.47 ? 41  HIS B N   1 
ATOM   678 C CA  . HIS B 1 41 ? -7.744  -4.031  -0.380  1.00 20.75 ? 41  HIS B CA  1 
ATOM   679 C C   . HIS B 1 41 ? -9.060  -4.022  -1.175  1.00 20.06 ? 41  HIS B C   1 
ATOM   680 O O   . HIS B 1 41 ? -9.617  -5.077  -1.496  1.00 19.30 ? 41  HIS B O   1 
ATOM   681 C CB  . HIS B 1 41 ? -8.008  -3.681  1.079   1.00 20.14 ? 41  HIS B CB  1 
ATOM   682 C CG  . HIS B 1 41 ? -9.044  -4.553  1.713   1.00 24.06 ? 41  HIS B CG  1 
ATOM   683 N ND1 . HIS B 1 41 ? -8.915  -5.926  1.782   1.00 23.85 ? 41  HIS B ND1 1 
ATOM   684 C CD2 . HIS B 1 41 ? -10.237 -4.255  2.279   1.00 23.84 ? 41  HIS B CD2 1 
ATOM   685 C CE1 . HIS B 1 41 ? -9.986  -6.435  2.371   1.00 30.03 ? 41  HIS B CE1 1 
ATOM   686 N NE2 . HIS B 1 41 ? -10.799 -5.442  2.688   1.00 26.48 ? 41  HIS B NE2 1 
ATOM   687 N N   . LEU B 1 42 ? -9.546  -2.832  -1.512  1.00 18.49 ? 42  LEU B N   1 
ATOM   688 C CA  . LEU B 1 42 ? -10.759 -2.738  -2.323  1.00 19.26 ? 42  LEU B CA  1 
ATOM   689 C C   . LEU B 1 42 ? -10.553 -3.360  -3.705  1.00 20.21 ? 42  LEU B C   1 
ATOM   690 O O   . LEU B 1 42 ? -11.425 -4.052  -4.217  1.00 20.18 ? 42  LEU B O   1 
ATOM   691 C CB  . LEU B 1 42 ? -11.215 -1.285  -2.447  1.00 22.22 ? 42  LEU B CB  1 
ATOM   692 C CG  . LEU B 1 42 ? -12.531 -1.087  -3.216  1.00 27.79 ? 42  LEU B CG  1 
ATOM   693 C CD1 . LEU B 1 42 ? -13.675 -1.910  -2.600  1.00 25.57 ? 42  LEU B CD1 1 
ATOM   694 C CD2 . LEU B 1 42 ? -12.886 0.385   -3.260  1.00 27.13 ? 42  LEU B CD2 1 
ATOM   695 N N   . ARG B 1 43 ? -9.390  -3.131  -4.307  1.00 20.08 ? 43  ARG B N   1 
ATOM   696 C CA  . ARG B 1 43 ? -9.084  -3.747  -5.588  1.00 18.52 ? 43  ARG B CA  1 
ATOM   697 C C   . ARG B 1 43 ? -9.188  -5.267  -5.528  1.00 22.90 ? 43  ARG B C   1 
ATOM   698 O O   . ARG B 1 43 ? -9.806  -5.901  -6.388  1.00 21.19 ? 43  ARG B O   1 
ATOM   699 C CB  . ARG B 1 43 ? -7.671  -3.354  -6.064  1.00 20.19 ? 43  ARG B CB  1 
ATOM   700 C CG  . ARG B 1 43 ? -7.314  -4.031  -7.386  1.00 25.51 ? 43  ARG B CG  1 
ATOM   701 C CD  . ARG B 1 43 ? -5.904  -3.749  -7.901  1.00 21.87 ? 43  ARG B CD  1 
ATOM   702 N NE  . ARG B 1 43 ? -5.659  -4.606  -9.055  1.00 26.38 ? 43  ARG B NE  1 
ATOM   703 C CZ  . ARG B 1 43 ? -4.985  -5.749  -9.018  1.00 25.14 ? 43  ARG B CZ  1 
ATOM   704 N NH1 . ARG B 1 43 ? -4.417  -6.155  -7.893  1.00 25.24 ? 43  ARG B NH1 1 
ATOM   705 N NH2 . ARG B 1 43 ? -4.854  -6.477  -10.122 1.00 29.56 ? 43  ARG B NH2 1 
ATOM   706 N N   . VAL B 1 44 ? -8.564  -5.858  -4.516  1.00 17.27 ? 44  VAL B N   1 
ATOM   707 C CA  . VAL B 1 44 ? -8.560  -7.315  -4.388  1.00 22.04 ? 44  VAL B CA  1 
ATOM   708 C C   . VAL B 1 44 ? -9.966  -7.854  -4.103  1.00 20.11 ? 44  VAL B C   1 
ATOM   709 O O   . VAL B 1 44 ? -10.365 -8.888  -4.642  1.00 23.92 ? 44  VAL B O   1 
ATOM   710 C CB  . VAL B 1 44 ? -7.571  -7.760  -3.275  1.00 23.75 ? 44  VAL B CB  1 
ATOM   711 C CG1 . VAL B 1 44 ? -7.750  -9.233  -2.951  1.00 29.56 ? 44  VAL B CG1 1 
ATOM   712 C CG2 . VAL B 1 44 ? -6.133  -7.473  -3.731  1.00 26.44 ? 44  VAL B CG2 1 
ATOM   713 N N   . ALA B 1 45 ? -10.716 -7.147  -3.264  1.00 22.41 ? 45  ALA B N   1 
ATOM   714 C CA  . ALA B 1 45 ? -12.097 -7.545  -2.960  1.00 24.39 ? 45  ALA B CA  1 
ATOM   715 C C   . ALA B 1 45 ? -12.961 -7.593  -4.226  1.00 27.22 ? 45  ALA B C   1 
ATOM   716 O O   . ALA B 1 45 ? -13.712 -8.547  -4.451  1.00 31.36 ? 45  ALA B O   1 
ATOM   717 C CB  . ALA B 1 45 ? -12.712 -6.594  -1.933  1.00 21.12 ? 45  ALA B CB  1 
ATOM   718 N N   . LEU B 1 46 ? -12.853 -6.562  -5.054  1.00 25.85 ? 46  LEU B N   1 
ATOM   719 C CA  . LEU B 1 46 ? -13.587 -6.531  -6.315  1.00 24.31 ? 46  LEU B CA  1 
ATOM   720 C C   . LEU B 1 46 ? -13.105 -7.632  -7.248  1.00 30.62 ? 46  LEU B C   1 
ATOM   721 O O   . LEU B 1 46 ? -13.913 -8.335  -7.841  1.00 32.59 ? 46  LEU B O   1 
ATOM   722 C CB  . LEU B 1 46 ? -13.452 -5.159  -6.972  1.00 23.23 ? 46  LEU B CB  1 
ATOM   723 C CG  . LEU B 1 46 ? -14.164 -4.066  -6.176  1.00 26.82 ? 46  LEU B CG  1 
ATOM   724 C CD1 . LEU B 1 46 ? -13.679 -2.678  -6.566  1.00 27.46 ? 46  LEU B CD1 1 
ATOM   725 C CD2 . LEU B 1 46 ? -15.687 -4.183  -6.346  1.00 29.79 ? 46  LEU B CD2 1 
ATOM   726 N N   . ARG B 1 47 ? -11.787 -7.795  -7.352  1.00 28.48 ? 47  ARG B N   1 
ATOM   727 C CA  . ARG B 1 47 ? -11.178 -8.825  -8.198  1.00 31.80 ? 47  ARG B CA  1 
ATOM   728 C C   . ARG B 1 47 ? -11.702 -10.228 -7.872  1.00 37.24 ? 47  ARG B C   1 
ATOM   729 O O   . ARG B 1 47 ? -12.081 -10.988 -8.772  1.00 36.13 ? 47  ARG B O   1 
ATOM   730 C CB  . ARG B 1 47 ? -9.649  -8.792  -8.048  1.00 32.67 ? 47  ARG B CB  1 
ATOM   731 C CG  . ARG B 1 47 ? -8.874  -9.913  -8.764  1.00 36.17 ? 47  ARG B CG  1 
ATOM   732 C CD  . ARG B 1 47 ? -7.422  -10.046 -8.235  1.00 34.13 ? 47  ARG B CD  1 
ATOM   733 N NE  . ARG B 1 47 ? -7.342  -10.797 -6.979  1.00 41.56 ? 47  ARG B NE  1 
ATOM   734 C CZ  . ARG B 1 47 ? -6.295  -10.801 -6.152  1.00 39.32 ? 47  ARG B CZ  1 
ATOM   735 N NH1 . ARG B 1 47 ? -5.211  -10.086 -6.424  1.00 36.19 ? 47  ARG B NH1 1 
ATOM   736 N NH2 . ARG B 1 47 ? -6.331  -11.525 -5.035  1.00 41.30 ? 47  ARG B NH2 1 
ATOM   737 N N   . ASP B 1 48 ? -11.726 -10.555 -6.582  1.00 29.25 ? 48  ASP B N   1 
ATOM   738 C CA  . ASP B 1 48 ? -12.077 -11.898 -6.124  1.00 36.11 ? 48  ASP B CA  1 
ATOM   739 C C   . ASP B 1 48 ? -13.590 -12.105 -5.995  1.00 38.65 ? 48  ASP B C   1 
ATOM   740 O O   . ASP B 1 48 ? -14.055 -13.235 -5.863  1.00 41.78 ? 48  ASP B O   1 
ATOM   741 C CB  . ASP B 1 48 ? -11.398 -12.198 -4.781  1.00 34.60 ? 48  ASP B CB  1 
ATOM   742 C CG  . ASP B 1 48 ? -9.876  -12.286 -4.896  1.00 39.98 ? 48  ASP B CG  1 
ATOM   743 O OD1 . ASP B 1 48 ? -9.369  -12.465 -6.025  1.00 44.10 ? 48  ASP B OD1 1 
ATOM   744 O OD2 . ASP B 1 48 ? -9.187  -12.180 -3.857  1.00 44.37 ? 48  ASP B OD2 1 
ATOM   745 N N   . TYR B 1 49 ? -14.357 -11.021 -6.029  1.00 37.70 ? 49  TYR B N   1 
ATOM   746 C CA  . TYR B 1 49 ? -15.811 -11.141 -6.039  1.00 36.69 ? 49  TYR B CA  1 
ATOM   747 C C   . TYR B 1 49 ? -16.339 -11.474 -7.434  1.00 47.67 ? 49  TYR B C   1 
ATOM   748 O O   . TYR B 1 49 ? -17.335 -12.181 -7.578  1.00 51.03 ? 49  TYR B O   1 
ATOM   749 C CB  . TYR B 1 49 ? -16.466 -9.860  -5.545  1.00 39.34 ? 49  TYR B CB  1 
ATOM   750 C CG  . TYR B 1 49 ? -17.974 -9.942  -5.511  1.00 42.87 ? 49  TYR B CG  1 
ATOM   751 C CD1 . TYR B 1 49 ? -18.633 -10.479 -4.412  1.00 38.49 ? 49  TYR B CD1 1 
ATOM   752 C CD2 . TYR B 1 49 ? -18.742 -9.484  -6.579  1.00 43.59 ? 49  TYR B CD2 1 
ATOM   753 C CE1 . TYR B 1 49 ? -20.021 -10.559 -4.374  1.00 37.76 ? 49  TYR B CE1 1 
ATOM   754 C CE2 . TYR B 1 49 ? -20.130 -9.563  -6.554  1.00 44.66 ? 49  TYR B CE2 1 
ATOM   755 C CZ  . TYR B 1 49 ? -20.764 -10.101 -5.450  1.00 45.49 ? 49  TYR B CZ  1 
ATOM   756 O OH  . TYR B 1 49 ? -22.140 -10.179 -5.420  1.00 49.45 ? 49  TYR B OH  1 
ATOM   757 N N   . THR B 1 50 ? -15.676 -10.949 -8.460  1.00 48.02 ? 50  THR B N   1 
ATOM   758 C CA  . THR B 1 50 ? -16.110 -11.165 -9.839  1.00 50.90 ? 50  THR B CA  1 
ATOM   759 C C   . THR B 1 50 ? -15.781 -12.576 -10.336 1.00 54.61 ? 50  THR B C   1 
ATOM   760 O O   . THR B 1 50 ? -14.671 -13.079 -10.143 1.00 56.61 ? 50  THR B O   1 
ATOM   761 C CB  . THR B 1 50 ? -15.477 -10.128 -10.793 1.00 51.38 ? 50  THR B CB  1 
ATOM   762 O OG1 . THR B 1 50 ? -14.061 -10.330 -10.861 1.00 51.60 ? 50  THR B OG1 1 
ATOM   763 C CG2 . THR B 1 50 ? -15.758 -8.717  -10.314 1.00 48.90 ? 50  THR B CG2 1 
HETATM 764 P P   . PO4 C 2 .  ? 6.792   -6.418  12.822  1.00 63.99 ? 101 PO4 B P   1 
HETATM 765 O O1  . PO4 C 2 .  ? 8.067   -6.174  13.595  1.00 79.68 ? 101 PO4 B O1  1 
HETATM 766 O O2  . PO4 C 2 .  ? 5.618   -6.472  13.775  1.00 72.22 ? 101 PO4 B O2  1 
HETATM 767 O O3  . PO4 C 2 .  ? 6.895   -7.723  12.065  1.00 75.33 ? 101 PO4 B O3  1 
HETATM 768 O O4  . PO4 C 2 .  ? 6.581   -5.300  11.833  1.00 64.33 ? 101 PO4 B O4  1 
HETATM 769 O O   . HOH D 3 .  ? 8.941   -7.911  -0.513  1.00 40.09 ? 101 HOH A O   1 
HETATM 770 O O   . HOH D 3 .  ? -3.337  -8.912  11.163  1.00 36.13 ? 102 HOH A O   1 
HETATM 771 O O   . HOH D 3 .  ? 9.584   -12.595 -2.227  1.00 43.34 ? 103 HOH A O   1 
HETATM 772 O O   . HOH D 3 .  ? -10.199 -8.562  -0.105  1.00 35.52 ? 104 HOH A O   1 
HETATM 773 O O   . HOH D 3 .  ? 3.439   -19.157 -0.664  1.00 21.02 ? 105 HOH A O   1 
HETATM 774 O O   . HOH D 3 .  ? -7.083  -13.549 8.609   1.00 40.82 ? 106 HOH A O   1 
HETATM 775 O O   . HOH D 3 .  ? 9.598   4.931   7.407   1.00 37.71 ? 107 HOH A O   1 
HETATM 776 O O   . HOH D 3 .  ? -1.222  -18.159 2.290   1.00 34.39 ? 108 HOH A O   1 
HETATM 777 O O   . HOH D 3 .  ? -4.955  -11.101 -2.563  1.00 41.67 ? 109 HOH A O   1 
HETATM 778 O O   . HOH D 3 .  ? -5.122  6.748   -5.698  1.00 32.21 ? 110 HOH A O   1 
HETATM 779 O O   . HOH D 3 .  ? 0.436   -16.456 3.354   1.00 28.60 ? 111 HOH A O   1 
HETATM 780 O O   . HOH D 3 .  ? 2.747   -12.531 6.440   1.00 29.17 ? 112 HOH A O   1 
HETATM 781 O O   . HOH D 3 .  ? 2.696   8.134   -10.080 1.00 31.52 ? 113 HOH A O   1 
HETATM 782 O O   . HOH D 3 .  ? -2.581  -10.584 -4.870  1.00 38.60 ? 114 HOH A O   1 
HETATM 783 O O   . HOH D 3 .  ? -4.675  9.315   -16.391 1.00 26.31 ? 115 HOH A O   1 
HETATM 784 O O   . HOH D 3 .  ? 17.312  -1.864  4.969   1.00 48.43 ? 116 HOH A O   1 
HETATM 785 O O   . HOH D 3 .  ? -7.980  14.228  -11.519 1.00 40.00 ? 117 HOH A O   1 
HETATM 786 O O   . HOH D 3 .  ? 14.460  4.737   4.207   1.00 53.59 ? 118 HOH A O   1 
HETATM 787 O O   . HOH D 3 .  ? 6.491   4.973   11.773  1.00 40.55 ? 119 HOH A O   1 
HETATM 788 O O   . HOH D 3 .  ? 12.231  3.392   8.838   1.00 40.95 ? 120 HOH A O   1 
HETATM 789 O O   . HOH D 3 .  ? -7.194  -0.469  -8.626  1.00 23.27 ? 121 HOH A O   1 
HETATM 790 O O   . HOH D 3 .  ? -1.629  -14.709 11.428  1.00 46.15 ? 122 HOH A O   1 
HETATM 791 O O   . HOH D 3 .  ? -7.253  -16.094 -4.360  1.00 51.47 ? 123 HOH A O   1 
HETATM 792 O O   . HOH D 3 .  ? -4.019  -6.175  13.030  1.00 41.09 ? 124 HOH A O   1 
HETATM 793 O O   . HOH D 3 .  ? -0.284  -14.266 6.089   1.00 44.66 ? 125 HOH A O   1 
HETATM 794 O O   . HOH D 3 .  ? -3.811  -20.388 6.292   1.00 46.45 ? 126 HOH A O   1 
HETATM 795 O O   . HOH E 3 .  ? -3.948  8.217   4.360   1.00 43.85 ? 201 HOH B O   1 
HETATM 796 O O   . HOH E 3 .  ? 11.029  3.829   -8.699  1.00 39.00 ? 202 HOH B O   1 
HETATM 797 O O   . HOH E 3 .  ? 5.994   10.406  -8.386  1.00 34.82 ? 203 HOH B O   1 
HETATM 798 O O   . HOH E 3 .  ? 5.413   -6.681  9.809   1.00 37.17 ? 204 HOH B O   1 
HETATM 799 O O   . HOH E 3 .  ? 0.801   11.477  -5.369  1.00 30.80 ? 205 HOH B O   1 
HETATM 800 O O   . HOH E 3 .  ? -10.414 -11.525 -1.344  1.00 45.42 ? 206 HOH B O   1 
HETATM 801 O O   . HOH E 3 .  ? 5.256   17.769  0.163   1.00 41.03 ? 207 HOH B O   1 
HETATM 802 O O   . HOH E 3 .  ? -22.886 -8.337  -7.578  1.00 42.15 ? 208 HOH B O   1 
HETATM 803 O O   . HOH E 3 .  ? -13.886 -10.629 -2.384  1.00 35.47 ? 209 HOH B O   1 
HETATM 804 O O   . HOH E 3 .  ? 10.678  11.338  0.648   1.00 32.36 ? 210 HOH B O   1 
HETATM 805 O O   . HOH E 3 .  ? 5.711   2.275   -6.119  1.00 28.73 ? 211 HOH B O   1 
HETATM 806 O O   . HOH E 3 .  ? -10.278 -5.167  -9.255  1.00 38.38 ? 212 HOH B O   1 
HETATM 807 O O   . HOH E 3 .  ? 6.108   7.884   8.161   1.00 37.09 ? 213 HOH B O   1 
HETATM 808 O O   . HOH E 3 .  ? -10.258 -0.225  2.225   1.00 40.60 ? 214 HOH B O   1 
HETATM 809 O O   . HOH E 3 .  ? -2.909  11.013  -3.164  1.00 45.39 ? 215 HOH B O   1 
HETATM 810 O O   . HOH E 3 .  ? 5.488   15.422  2.018   1.00 40.17 ? 216 HOH B O   1 
HETATM 811 O O   . HOH E 3 .  ? 8.324   10.558  2.053   1.00 40.81 ? 217 HOH B O   1 
HETATM 812 O O   . HOH E 3 .  ? 9.265   -0.132  -9.153  1.00 46.10 ? 218 HOH B O   1 
# 
